data_4HR7
#
_entry.id   4HR7
#
_cell.length_a   232.995
_cell.length_b   96.385
_cell.length_c   120.573
_cell.angle_alpha   90.00
_cell.angle_beta   120.15
_cell.angle_gamma   90.00
#
_symmetry.space_group_name_H-M   'C 1 2 1'
#
loop_
_entity.id
_entity.type
_entity.pdbx_description
1 polymer 'Biotin carboxylase'
2 polymer 'Biotin carboxyl carrier protein of acetyl-CoA carboxylase'
3 non-polymer 'SULFATE ION'
4 non-polymer 1,2-ETHANEDIOL
5 water water
#
loop_
_entity_poly.entity_id
_entity_poly.type
_entity_poly.pdbx_seq_one_letter_code
_entity_poly.pdbx_strand_id
1 'polypeptide(L)'
;MLDKIVIANRGEIALRILRACKELGIKTVAVHSSADRDLKHVLLADETVCIGPAPSVKSYLNIPAIISAAEITGAVAIHP
GYGFLSENANFAEQVERSGFIFIGPKAETIRLMGDKVSAIAAMKKAGVPCVPGSDGPLGDDMDKNRAIAKRIGYPVIIKA
SGGGGGRGMRVVRGDAELAQSISMTRAEAKAAFSNDMVYMEKYLENPRHVEIQVLADGQGNAIYLAERDCSMQRRHQKVV
EEAPAPGITPELRRYIGERCAKACVDIGYRGAGTFEFLFENGEFYFIEMNTRIQVEHPVTEMITGVDLIKEQLRIAAGQP
LSIKQEEVHVRGHAVECRINAEDPNTFLPSPGKITRFHAPGGFGVRWESHIYAGYTVPPYYDSMIGKLICYGENRDVAIA
RMKNALQELIIDGIKTNVDLQIRIMNDENFQHGGTNIHYLEKKLGLQEK
;
A,C,E,F
2 'polypeptide(L)'
;MGSSHHHHHHSSGLVPRGSHMDIRKIKKLIELVEESGISELEISEGEESVRISRAAPAASFPVMQQAYAAPMMQQPAQSN
AAAPATVPSMEAPAAAEISGHIVRSPMVGTFYRTPSPDAKAFIEVGQKVNVGDTLCIVEAMKMMNQIEADKSGTVKAILV
ESGQPVEFDEPLVVIE
;
B,D,G,I
#
loop_
_chem_comp.id
_chem_comp.type
_chem_comp.name
_chem_comp.formula
EDO non-polymer 1,2-ETHANEDIOL 'C2 H6 O2'
SO4 non-polymer 'SULFATE ION' 'O4 S -2'
#
# COMPACT_ATOMS: atom_id res chain seq x y z
N MET A 1 14.76 8.16 -37.11
CA MET A 1 14.19 7.53 -35.88
C MET A 1 14.35 6.03 -35.93
N LEU A 2 14.66 5.42 -34.79
CA LEU A 2 14.70 3.97 -34.70
C LEU A 2 13.27 3.47 -34.55
N ASP A 3 12.88 2.55 -35.42
CA ASP A 3 11.49 2.08 -35.43
C ASP A 3 11.15 1.34 -34.14
N LYS A 4 12.06 0.48 -33.70
CA LYS A 4 11.82 -0.36 -32.54
C LYS A 4 13.14 -0.89 -32.00
N ILE A 5 13.29 -0.84 -30.67
CA ILE A 5 14.52 -1.33 -30.06
C ILE A 5 14.24 -2.28 -28.90
N VAL A 6 15.22 -3.13 -28.64
CA VAL A 6 15.23 -3.97 -27.45
C VAL A 6 16.05 -3.29 -26.38
N ILE A 7 15.49 -3.16 -25.18
CA ILE A 7 16.20 -2.62 -24.05
C ILE A 7 16.86 -3.78 -23.30
N ALA A 8 18.12 -4.05 -23.63
CA ALA A 8 18.84 -5.16 -23.05
C ALA A 8 19.36 -4.81 -21.66
N ASN A 9 18.45 -4.58 -20.73
CA ASN A 9 18.84 -4.27 -19.35
C ASN A 9 17.60 -4.31 -18.46
N ARG A 10 17.76 -3.83 -17.23
CA ARG A 10 16.67 -3.90 -16.26
C ARG A 10 16.70 -2.68 -15.35
N GLY A 11 15.77 -2.64 -14.39
CA GLY A 11 15.75 -1.61 -13.36
C GLY A 11 15.70 -0.18 -13.87
N GLU A 12 16.38 0.70 -13.15
CA GLU A 12 16.27 2.14 -13.37
C GLU A 12 16.76 2.56 -14.76
N ILE A 13 17.89 2.00 -15.21
CA ILE A 13 18.42 2.39 -16.51
C ILE A 13 17.49 1.93 -17.63
N ALA A 14 16.82 0.80 -17.42
CA ALA A 14 15.87 0.30 -18.41
C ALA A 14 14.69 1.24 -18.51
N LEU A 15 14.21 1.72 -17.36
CA LEU A 15 13.13 2.70 -17.33
C LEU A 15 13.55 4.03 -17.98
N ARG A 16 14.81 4.41 -17.80
CA ARG A 16 15.33 5.65 -18.35
C ARG A 16 15.32 5.60 -19.88
N ILE A 17 15.83 4.51 -20.42
CA ILE A 17 15.90 4.33 -21.86
C ILE A 17 14.49 4.28 -22.43
N LEU A 18 13.60 3.57 -21.75
CA LEU A 18 12.22 3.45 -22.20
C LEU A 18 11.58 4.82 -22.34
N ARG A 19 11.79 5.67 -21.34
CA ARG A 19 11.26 7.03 -21.39
C ARG A 19 11.80 7.77 -22.60
N ALA A 20 13.11 7.72 -22.81
CA ALA A 20 13.70 8.32 -24.01
C ALA A 20 12.99 7.85 -25.28
N CYS A 21 12.71 6.56 -25.37
CA CYS A 21 12.13 5.99 -26.57
C CYS A 21 10.72 6.53 -26.79
N LYS A 22 9.95 6.63 -25.71
CA LYS A 22 8.59 7.16 -25.82
C LYS A 22 8.61 8.60 -26.28
N GLU A 23 9.56 9.38 -25.78
CA GLU A 23 9.65 10.78 -26.15
C GLU A 23 10.03 10.92 -27.63
N LEU A 24 10.84 10.01 -28.14
CA LEU A 24 11.19 10.03 -29.55
C LEU A 24 10.25 9.21 -30.42
N GLY A 25 9.25 8.56 -29.80
CA GLY A 25 8.30 7.76 -30.56
C GLY A 25 8.86 6.43 -31.03
N ILE A 26 9.88 5.94 -30.33
CA ILE A 26 10.50 4.67 -30.66
C ILE A 26 9.79 3.53 -29.93
N LYS A 27 9.37 2.51 -30.67
CA LYS A 27 8.70 1.36 -30.07
C LYS A 27 9.69 0.61 -29.19
N THR A 28 9.20 0.12 -28.05
CA THR A 28 10.07 -0.51 -27.07
C THR A 28 9.78 -2.01 -26.91
N VAL A 29 10.85 -2.77 -26.73
CA VAL A 29 10.75 -4.20 -26.40
C VAL A 29 11.54 -4.46 -25.13
N ALA A 30 10.82 -4.69 -24.04
CA ALA A 30 11.49 -5.00 -22.77
C ALA A 30 11.73 -6.50 -22.64
N VAL A 31 12.99 -6.90 -22.77
CA VAL A 31 13.38 -8.27 -22.45
C VAL A 31 13.66 -8.35 -20.97
N HIS A 32 13.19 -9.41 -20.32
CA HIS A 32 13.30 -9.50 -18.86
C HIS A 32 13.50 -10.93 -18.38
N SER A 33 14.09 -11.06 -17.19
CA SER A 33 14.18 -12.35 -16.54
C SER A 33 12.80 -12.72 -16.03
N SER A 34 12.62 -13.97 -15.63
CA SER A 34 11.34 -14.43 -15.11
C SER A 34 11.03 -13.75 -13.78
N ALA A 35 12.05 -13.21 -13.12
CA ALA A 35 11.88 -12.57 -11.82
C ALA A 35 11.59 -11.07 -11.95
N ASP A 36 11.61 -10.56 -13.17
CA ASP A 36 11.43 -9.13 -13.41
C ASP A 36 10.16 -8.82 -14.18
N ARG A 37 9.17 -9.68 -14.05
CA ARG A 37 7.88 -9.48 -14.71
C ARG A 37 7.19 -8.21 -14.23
N ASP A 38 7.52 -7.81 -13.00
CA ASP A 38 6.85 -6.67 -12.36
C ASP A 38 7.60 -5.35 -12.50
N LEU A 39 8.73 -5.36 -13.22
CA LEU A 39 9.49 -4.13 -13.43
C LEU A 39 8.61 -3.06 -14.06
N LYS A 40 8.73 -1.83 -13.58
CA LYS A 40 7.91 -0.73 -14.07
C LYS A 40 8.04 -0.59 -15.59
N HIS A 41 9.28 -0.57 -16.09
CA HIS A 41 9.51 -0.37 -17.52
C HIS A 41 8.92 -1.53 -18.32
N VAL A 42 8.95 -2.73 -17.75
CA VAL A 42 8.32 -3.89 -18.39
C VAL A 42 6.82 -3.67 -18.49
N LEU A 43 6.21 -3.16 -17.42
CA LEU A 43 4.78 -2.89 -17.41
C LEU A 43 4.42 -1.75 -18.37
N LEU A 44 5.37 -0.85 -18.62
CA LEU A 44 5.13 0.27 -19.52
C LEU A 44 5.48 -0.03 -20.99
N ALA A 45 6.30 -1.03 -21.24
CA ALA A 45 6.79 -1.32 -22.60
C ALA A 45 5.68 -1.71 -23.57
N ASP A 46 5.94 -1.54 -24.87
CA ASP A 46 4.98 -1.90 -25.91
C ASP A 46 4.92 -3.41 -26.13
N GLU A 47 6.07 -4.04 -26.03
CA GLU A 47 6.16 -5.50 -26.12
C GLU A 47 7.11 -6.01 -25.05
N THR A 48 6.85 -7.20 -24.54
CA THR A 48 7.72 -7.81 -23.55
C THR A 48 8.15 -9.20 -24.01
N VAL A 49 9.35 -9.62 -23.59
CA VAL A 49 9.84 -10.95 -23.91
C VAL A 49 10.68 -11.49 -22.75
N CYS A 50 10.20 -12.56 -22.14
CA CYS A 50 10.98 -13.25 -21.12
C CYS A 50 12.13 -13.97 -21.83
N ILE A 51 13.34 -13.78 -21.33
CA ILE A 51 14.54 -14.28 -22.01
C ILE A 51 15.28 -15.34 -21.20
N GLY A 52 14.81 -15.61 -19.99
CA GLY A 52 15.42 -16.64 -19.17
C GLY A 52 15.04 -16.52 -17.70
N PRO A 53 15.58 -17.42 -16.87
CA PRO A 53 15.33 -17.41 -15.43
C PRO A 53 16.06 -16.27 -14.73
N ALA A 54 15.91 -16.18 -13.42
CA ALA A 54 16.42 -15.04 -12.66
C ALA A 54 17.90 -14.75 -12.88
N PRO A 55 18.77 -15.75 -12.69
CA PRO A 55 20.21 -15.48 -12.71
C PRO A 55 20.65 -14.69 -13.94
N SER A 56 21.48 -13.67 -13.74
CA SER A 56 21.93 -12.81 -14.83
C SER A 56 22.53 -13.61 -15.97
N VAL A 57 23.33 -14.61 -15.63
CA VAL A 57 24.03 -15.41 -16.62
C VAL A 57 23.07 -16.10 -17.60
N LYS A 58 21.85 -16.35 -17.15
CA LYS A 58 20.88 -17.06 -17.98
C LYS A 58 19.83 -16.12 -18.58
N SER A 59 19.91 -14.84 -18.25
CA SER A 59 18.95 -13.87 -18.78
C SER A 59 19.64 -12.69 -19.45
N TYR A 60 20.06 -11.70 -18.67
CA TYR A 60 20.58 -10.46 -19.24
C TYR A 60 21.99 -10.60 -19.83
N LEU A 61 22.64 -11.73 -19.58
CA LEU A 61 23.93 -12.04 -20.20
C LEU A 61 23.77 -13.14 -21.24
N ASN A 62 22.53 -13.45 -21.58
CA ASN A 62 22.21 -14.51 -22.52
C ASN A 62 22.09 -13.95 -23.93
N ILE A 63 23.20 -13.91 -24.64
CA ILE A 63 23.26 -13.27 -25.95
C ILE A 63 22.26 -13.85 -26.95
N PRO A 64 22.23 -15.18 -27.08
CA PRO A 64 21.27 -15.79 -28.02
C PRO A 64 19.82 -15.41 -27.71
N ALA A 65 19.46 -15.31 -26.44
CA ALA A 65 18.09 -15.01 -26.04
C ALA A 65 17.71 -13.57 -26.43
N ILE A 66 18.63 -12.64 -26.20
CA ILE A 66 18.38 -11.24 -26.47
C ILE A 66 18.24 -10.97 -27.97
N ILE A 67 19.16 -11.50 -28.76
CA ILE A 67 19.10 -11.34 -30.21
C ILE A 67 17.84 -12.00 -30.77
N SER A 68 17.52 -13.19 -30.26
CA SER A 68 16.33 -13.91 -30.70
C SER A 68 15.08 -13.07 -30.44
N ALA A 69 15.05 -12.41 -29.29
CA ALA A 69 13.94 -11.52 -28.95
C ALA A 69 13.86 -10.40 -29.98
N ALA A 70 15.02 -9.85 -30.33
CA ALA A 70 15.09 -8.80 -31.33
C ALA A 70 14.47 -9.25 -32.65
N GLU A 71 14.75 -10.48 -33.08
CA GLU A 71 14.20 -10.95 -34.34
C GLU A 71 12.68 -11.13 -34.28
N ILE A 72 12.19 -11.80 -33.25
CA ILE A 72 10.76 -12.12 -33.18
C ILE A 72 9.90 -10.87 -33.02
N THR A 73 10.44 -9.84 -32.38
CA THR A 73 9.73 -8.58 -32.25
C THR A 73 9.96 -7.67 -33.45
N GLY A 74 11.00 -7.95 -34.23
CA GLY A 74 11.30 -7.17 -35.42
C GLY A 74 11.96 -5.85 -35.10
N ALA A 75 12.71 -5.81 -34.00
CA ALA A 75 13.44 -4.61 -33.61
C ALA A 75 14.54 -4.31 -34.61
N VAL A 76 14.97 -3.06 -34.66
CA VAL A 76 16.04 -2.66 -35.56
C VAL A 76 17.35 -2.45 -34.80
N ALA A 77 17.24 -2.21 -33.50
CA ALA A 77 18.41 -1.88 -32.68
C ALA A 77 18.29 -2.46 -31.27
N ILE A 78 19.41 -2.48 -30.57
CA ILE A 78 19.46 -2.99 -29.20
C ILE A 78 20.26 -2.03 -28.32
N HIS A 79 19.65 -1.61 -27.21
CA HIS A 79 20.33 -0.75 -26.27
C HIS A 79 20.80 -1.58 -25.07
N PRO A 80 22.12 -1.60 -24.82
CA PRO A 80 22.70 -2.46 -23.77
C PRO A 80 22.70 -1.83 -22.39
N GLY A 81 22.70 -0.50 -22.32
CA GLY A 81 22.59 0.20 -21.05
C GLY A 81 23.98 0.31 -20.46
N TYR A 82 24.08 0.13 -19.15
CA TYR A 82 25.38 -0.03 -18.52
C TYR A 82 25.47 -1.40 -17.85
N GLY A 83 26.69 -1.86 -17.60
CA GLY A 83 26.90 -3.18 -17.06
C GLY A 83 26.48 -4.26 -18.04
N PHE A 84 26.26 -5.46 -17.52
CA PHE A 84 25.89 -6.60 -18.36
C PHE A 84 26.75 -6.69 -19.63
N LEU A 85 26.13 -6.48 -20.80
CA LEU A 85 26.80 -6.70 -22.07
C LEU A 85 27.20 -5.42 -22.79
N SER A 86 27.10 -4.28 -22.14
CA SER A 86 27.32 -3.00 -22.80
C SER A 86 28.74 -2.86 -23.34
N GLU A 87 29.71 -3.48 -22.67
CA GLU A 87 31.10 -3.41 -23.11
C GLU A 87 31.61 -4.79 -23.49
N ASN A 88 30.73 -5.60 -24.07
CA ASN A 88 31.10 -6.94 -24.52
C ASN A 88 31.25 -6.94 -26.04
N ALA A 89 32.48 -6.82 -26.51
CA ALA A 89 32.75 -6.71 -27.94
C ALA A 89 32.09 -7.83 -28.73
N ASN A 90 32.14 -9.05 -28.19
CA ASN A 90 31.53 -10.19 -28.85
C ASN A 90 30.04 -10.00 -29.04
N PHE A 91 29.37 -9.49 -28.01
CA PHE A 91 27.93 -9.24 -28.09
C PHE A 91 27.61 -8.27 -29.20
N ALA A 92 28.29 -7.12 -29.21
CA ALA A 92 28.09 -6.12 -30.25
C ALA A 92 28.28 -6.73 -31.63
N GLU A 93 29.28 -7.59 -31.75
CA GLU A 93 29.58 -8.26 -33.02
C GLU A 93 28.40 -9.09 -33.51
N GLN A 94 27.88 -9.95 -32.65
CA GLN A 94 26.76 -10.80 -33.05
C GLN A 94 25.51 -9.98 -33.34
N VAL A 95 25.35 -8.85 -32.63
CA VAL A 95 24.19 -7.99 -32.82
C VAL A 95 24.17 -7.40 -34.22
N GLU A 96 25.28 -6.79 -34.62
CA GLU A 96 25.38 -6.20 -35.95
C GLU A 96 25.32 -7.27 -37.03
N ARG A 97 25.98 -8.38 -36.76
CA ARG A 97 26.12 -9.46 -37.73
C ARG A 97 24.78 -10.16 -37.93
N SER A 98 23.91 -10.07 -36.93
CA SER A 98 22.56 -10.62 -37.03
C SER A 98 21.60 -9.63 -37.68
N GLY A 99 22.12 -8.46 -38.06
CA GLY A 99 21.34 -7.46 -38.78
C GLY A 99 20.65 -6.43 -37.91
N PHE A 100 21.13 -6.25 -36.68
CA PHE A 100 20.59 -5.24 -35.78
C PHE A 100 21.62 -4.15 -35.49
N ILE A 101 21.13 -2.95 -35.21
CA ILE A 101 22.00 -1.83 -34.86
C ILE A 101 22.37 -1.92 -33.38
N PHE A 102 23.66 -1.85 -33.10
CA PHE A 102 24.14 -1.82 -31.72
C PHE A 102 24.25 -0.38 -31.25
N ILE A 103 23.37 0.02 -30.35
CA ILE A 103 23.38 1.39 -29.82
C ILE A 103 24.59 1.53 -28.90
N GLY A 104 25.72 1.84 -29.51
CA GLY A 104 26.98 1.95 -28.82
C GLY A 104 28.08 2.10 -29.85
N PRO A 105 29.35 1.97 -29.42
CA PRO A 105 30.47 2.10 -30.35
C PRO A 105 30.72 0.84 -31.16
N LYS A 106 31.61 0.92 -32.13
CA LYS A 106 31.98 -0.22 -32.94
C LYS A 106 32.67 -1.27 -32.08
N ALA A 107 32.46 -2.54 -32.41
CA ALA A 107 33.06 -3.63 -31.66
C ALA A 107 34.56 -3.47 -31.56
N GLU A 108 35.20 -3.07 -32.66
CA GLU A 108 36.64 -2.86 -32.68
C GLU A 108 37.06 -1.82 -31.65
N THR A 109 36.23 -0.80 -31.46
CA THR A 109 36.53 0.27 -30.52
C THR A 109 36.39 -0.22 -29.09
N ILE A 110 35.41 -1.09 -28.86
CA ILE A 110 35.19 -1.65 -27.53
C ILE A 110 36.40 -2.48 -27.11
N ARG A 111 36.88 -3.32 -28.04
CA ARG A 111 38.06 -4.15 -27.78
C ARG A 111 39.27 -3.26 -27.52
N LEU A 112 39.44 -2.23 -28.33
CA LEU A 112 40.56 -1.31 -28.20
C LEU A 112 40.63 -0.73 -26.79
N MET A 113 39.52 -0.18 -26.32
CA MET A 113 39.48 0.47 -25.02
C MET A 113 39.14 -0.52 -23.91
N GLY A 114 38.83 -1.76 -24.29
CA GLY A 114 38.55 -2.81 -23.33
C GLY A 114 39.82 -3.45 -22.80
N ASP A 115 40.93 -3.24 -23.50
CA ASP A 115 42.22 -3.76 -23.08
C ASP A 115 43.12 -2.65 -22.56
N LYS A 116 43.65 -2.82 -21.35
CA LYS A 116 44.48 -1.81 -20.72
C LYS A 116 45.62 -1.32 -21.63
N VAL A 117 46.36 -2.25 -22.20
CA VAL A 117 47.55 -1.90 -22.97
C VAL A 117 47.21 -1.09 -24.22
N SER A 118 46.31 -1.61 -25.05
CA SER A 118 45.97 -0.95 -26.30
C SER A 118 45.24 0.38 -26.05
N ALA A 119 44.48 0.45 -24.96
CA ALA A 119 43.77 1.67 -24.60
C ALA A 119 44.76 2.78 -24.29
N ILE A 120 45.71 2.48 -23.41
CA ILE A 120 46.76 3.43 -23.06
C ILE A 120 47.47 3.92 -24.32
N ALA A 121 47.86 2.97 -25.16
CA ALA A 121 48.54 3.29 -26.41
C ALA A 121 47.77 4.33 -27.22
N ALA A 122 46.48 4.08 -27.43
CA ALA A 122 45.65 4.98 -28.21
C ALA A 122 45.59 6.39 -27.60
N MET A 123 45.39 6.46 -26.29
CA MET A 123 45.25 7.74 -25.61
C MET A 123 46.51 8.61 -25.75
N LYS A 124 47.67 8.02 -25.47
CA LYS A 124 48.95 8.72 -25.61
C LYS A 124 49.12 9.22 -27.04
N LYS A 125 48.90 8.33 -28.01
CA LYS A 125 49.02 8.66 -29.41
C LYS A 125 48.09 9.82 -29.76
N ALA A 126 46.93 9.86 -29.11
CA ALA A 126 45.93 10.89 -29.38
C ALA A 126 46.17 12.18 -28.60
N GLY A 127 47.05 12.14 -27.61
CA GLY A 127 47.37 13.33 -26.84
C GLY A 127 46.60 13.44 -25.53
N VAL A 128 45.89 12.38 -25.17
CA VAL A 128 45.20 12.35 -23.89
C VAL A 128 46.21 12.07 -22.79
N PRO A 129 46.27 12.93 -21.76
CA PRO A 129 47.28 12.76 -20.72
C PRO A 129 47.11 11.47 -19.92
N CYS A 130 48.17 10.67 -19.90
CA CYS A 130 48.19 9.40 -19.19
C CYS A 130 49.15 9.51 -18.02
N VAL A 131 49.29 8.43 -17.25
CA VAL A 131 50.21 8.43 -16.12
C VAL A 131 51.64 8.40 -16.64
N PRO A 132 52.43 9.45 -16.33
CA PRO A 132 53.84 9.51 -16.76
C PRO A 132 54.66 8.35 -16.22
N GLY A 133 55.51 7.77 -17.06
CA GLY A 133 56.35 6.65 -16.64
C GLY A 133 57.65 6.58 -17.42
N SER A 134 58.53 5.68 -16.98
CA SER A 134 59.84 5.52 -17.60
C SER A 134 59.71 5.05 -19.04
N ASP A 135 58.54 4.53 -19.40
CA ASP A 135 58.32 4.00 -20.74
C ASP A 135 59.36 2.92 -21.03
N GLY A 136 59.27 1.83 -20.27
CA GLY A 136 60.27 0.77 -20.35
C GLY A 136 61.02 0.66 -19.02
N PRO A 137 61.70 -0.47 -18.81
CA PRO A 137 62.45 -0.72 -17.57
C PRO A 137 63.58 0.30 -17.41
N LEU A 138 64.31 0.24 -16.31
CA LEU A 138 65.37 1.21 -16.08
C LEU A 138 66.74 0.58 -16.25
N GLY A 139 67.71 1.40 -16.61
CA GLY A 139 69.07 0.92 -16.83
C GLY A 139 69.91 1.23 -15.61
N ASP A 140 71.22 1.11 -15.74
CA ASP A 140 72.13 1.36 -14.63
C ASP A 140 72.54 2.83 -14.54
N ASP A 141 72.30 3.58 -15.61
CA ASP A 141 72.63 5.00 -15.63
C ASP A 141 71.70 5.77 -14.70
N MET A 142 72.25 6.30 -13.61
CA MET A 142 71.45 7.01 -12.63
C MET A 142 71.15 8.45 -13.05
N ASP A 143 71.95 8.99 -13.95
CA ASP A 143 71.68 10.30 -14.51
C ASP A 143 70.40 10.25 -15.35
N LYS A 144 70.24 9.16 -16.10
CA LYS A 144 69.06 8.97 -16.93
C LYS A 144 67.82 8.78 -16.07
N ASN A 145 67.91 7.88 -15.10
CA ASN A 145 66.79 7.60 -14.20
C ASN A 145 66.33 8.83 -13.43
N ARG A 146 67.29 9.65 -13.01
CA ARG A 146 66.98 10.88 -12.30
C ARG A 146 66.37 11.89 -13.25
N ALA A 147 66.83 11.90 -14.51
CA ALA A 147 66.23 12.77 -15.50
C ALA A 147 64.76 12.40 -15.71
N ILE A 148 64.47 11.11 -15.66
CA ILE A 148 63.11 10.63 -15.86
C ILE A 148 62.22 11.00 -14.66
N ALA A 149 62.77 10.88 -13.46
CA ALA A 149 62.03 11.24 -12.25
C ALA A 149 61.75 12.74 -12.21
N LYS A 150 62.70 13.52 -12.69
CA LYS A 150 62.60 14.97 -12.68
C LYS A 150 61.50 15.41 -13.65
N ARG A 151 61.52 14.81 -14.83
CA ARG A 151 60.52 15.10 -15.86
C ARG A 151 59.13 14.80 -15.32
N ILE A 152 58.94 13.56 -14.86
CA ILE A 152 57.68 13.10 -14.30
C ILE A 152 57.21 13.91 -13.09
N GLY A 153 58.13 14.30 -12.24
CA GLY A 153 57.80 15.06 -11.05
C GLY A 153 57.53 14.15 -9.86
N TYR A 154 58.22 14.41 -8.76
CA TYR A 154 58.07 13.62 -7.54
C TYR A 154 56.72 13.92 -6.88
N PRO A 155 56.20 12.95 -6.11
CA PRO A 155 56.82 11.65 -5.87
C PRO A 155 56.60 10.68 -7.02
N VAL A 156 57.46 9.68 -7.12
CA VAL A 156 57.34 8.64 -8.14
C VAL A 156 57.30 7.29 -7.43
N ILE A 157 57.04 6.23 -8.19
CA ILE A 157 56.96 4.90 -7.62
C ILE A 157 57.66 3.90 -8.53
N ILE A 158 58.40 2.99 -7.92
CA ILE A 158 59.12 1.95 -8.63
C ILE A 158 58.37 0.64 -8.41
N LYS A 159 58.14 -0.08 -9.50
CA LYS A 159 57.38 -1.32 -9.46
C LYS A 159 58.16 -2.42 -10.18
N ALA A 160 57.87 -3.66 -9.87
CA ALA A 160 58.61 -4.78 -10.44
C ALA A 160 57.91 -5.30 -11.70
N SER A 161 58.70 -5.84 -12.62
CA SER A 161 58.17 -6.39 -13.85
C SER A 161 57.64 -7.81 -13.63
N GLY A 162 58.38 -8.59 -12.85
CA GLY A 162 57.99 -9.96 -12.54
C GLY A 162 56.66 -10.02 -11.83
N GLY A 163 55.83 -10.97 -12.23
CA GLY A 163 54.51 -11.15 -11.64
C GLY A 163 53.40 -10.85 -12.63
N ARG A 167 54.87 -6.48 -5.31
CA ARG A 167 56.10 -6.62 -4.52
C ARG A 167 57.23 -5.86 -5.19
N GLY A 168 58.37 -5.77 -4.50
CA GLY A 168 59.50 -5.01 -5.01
C GLY A 168 59.08 -3.60 -5.38
N MET A 169 58.15 -3.05 -4.61
CA MET A 169 57.57 -1.74 -4.88
C MET A 169 58.06 -0.72 -3.86
N ARG A 170 58.24 0.52 -4.29
CA ARG A 170 58.72 1.57 -3.38
C ARG A 170 58.47 3.00 -3.86
N VAL A 171 57.93 3.84 -2.99
CA VAL A 171 57.66 5.23 -3.35
C VAL A 171 58.89 6.08 -3.04
N VAL A 172 59.27 6.93 -3.98
CA VAL A 172 60.39 7.83 -3.79
C VAL A 172 59.92 9.28 -3.91
N ARG A 173 60.30 10.11 -2.96
CA ARG A 173 59.82 11.49 -2.90
C ARG A 173 60.90 12.53 -3.16
N GLY A 174 62.14 12.10 -3.34
CA GLY A 174 63.23 13.02 -3.60
C GLY A 174 64.36 12.43 -4.42
N ASP A 175 65.16 13.30 -5.03
CA ASP A 175 66.24 12.91 -5.92
C ASP A 175 67.33 12.11 -5.20
N ALA A 176 67.72 12.60 -4.03
CA ALA A 176 68.85 12.01 -3.30
C ALA A 176 68.64 10.53 -3.00
N GLU A 177 67.38 10.10 -2.91
CA GLU A 177 67.08 8.73 -2.52
C GLU A 177 66.54 7.88 -3.67
N LEU A 178 66.69 8.35 -4.90
CA LEU A 178 66.19 7.57 -6.03
C LEU A 178 67.12 6.40 -6.37
N ALA A 179 68.38 6.70 -6.64
CA ALA A 179 69.34 5.68 -7.06
C ALA A 179 69.25 4.44 -6.18
N GLN A 180 69.48 4.64 -4.88
CA GLN A 180 69.51 3.54 -3.93
C GLN A 180 68.15 2.89 -3.85
N SER A 181 67.09 3.64 -4.15
CA SER A 181 65.75 3.10 -4.08
C SER A 181 65.58 2.12 -5.23
N ILE A 182 66.25 2.38 -6.35
CA ILE A 182 66.15 1.49 -7.49
C ILE A 182 66.95 0.23 -7.22
N SER A 183 68.15 0.41 -6.68
CA SER A 183 69.02 -0.70 -6.36
C SER A 183 68.28 -1.66 -5.45
N MET A 184 67.81 -1.13 -4.34
CA MET A 184 67.20 -1.95 -3.30
C MET A 184 65.92 -2.61 -3.80
N THR A 185 65.21 -1.91 -4.69
CA THR A 185 64.00 -2.48 -5.28
C THR A 185 64.32 -3.50 -6.37
N ARG A 186 65.52 -3.43 -6.92
CA ARG A 186 65.92 -4.36 -7.96
C ARG A 186 66.41 -5.65 -7.31
N ALA A 187 67.06 -5.50 -6.17
CA ALA A 187 67.48 -6.64 -5.37
C ALA A 187 66.25 -7.40 -4.88
N GLU A 188 65.33 -6.66 -4.25
CA GLU A 188 64.09 -7.23 -3.73
C GLU A 188 63.29 -7.91 -4.83
N ALA A 189 63.34 -7.36 -6.04
CA ALA A 189 62.63 -7.93 -7.17
C ALA A 189 63.26 -9.24 -7.63
N LYS A 190 64.56 -9.38 -7.36
CA LYS A 190 65.31 -10.56 -7.80
C LYS A 190 65.21 -11.68 -6.78
N ALA A 191 65.12 -11.32 -5.50
CA ALA A 191 65.00 -12.29 -4.43
C ALA A 191 63.55 -12.75 -4.27
N ALA A 192 62.61 -11.95 -4.78
CA ALA A 192 61.19 -12.26 -4.66
C ALA A 192 60.61 -12.80 -5.96
N PHE A 193 60.53 -11.93 -6.97
CA PHE A 193 59.91 -12.30 -8.24
C PHE A 193 60.90 -13.00 -9.17
N SER A 194 62.08 -13.32 -8.67
CA SER A 194 63.10 -14.03 -9.45
C SER A 194 63.52 -13.21 -10.67
N ASN A 195 63.30 -11.90 -10.62
CA ASN A 195 63.65 -11.01 -11.72
C ASN A 195 63.95 -9.60 -11.22
N ASP A 196 65.14 -9.13 -11.54
CA ASP A 196 65.63 -7.84 -11.07
C ASP A 196 65.24 -6.65 -11.97
N MET A 197 64.12 -6.78 -12.66
CA MET A 197 63.66 -5.73 -13.57
C MET A 197 62.60 -4.83 -12.90
N VAL A 198 62.78 -3.53 -13.05
CA VAL A 198 61.89 -2.54 -12.46
C VAL A 198 61.55 -1.43 -13.45
N TYR A 199 60.46 -0.70 -13.18
CA TYR A 199 60.12 0.48 -13.99
C TYR A 199 59.54 1.55 -13.08
N MET A 200 59.32 2.74 -13.62
CA MET A 200 58.93 3.88 -12.81
C MET A 200 57.67 4.57 -13.36
N GLU A 201 56.82 5.03 -12.44
CA GLU A 201 55.59 5.73 -12.79
C GLU A 201 55.43 6.95 -11.88
N LYS A 202 54.56 7.87 -12.26
CA LYS A 202 54.23 8.97 -11.37
C LYS A 202 53.33 8.43 -10.26
N TYR A 203 53.59 8.84 -9.02
CA TYR A 203 52.81 8.37 -7.88
C TYR A 203 51.74 9.37 -7.49
N LEU A 204 50.49 9.03 -7.77
CA LEU A 204 49.36 9.88 -7.42
C LEU A 204 48.78 9.47 -6.06
N GLU A 205 49.13 10.22 -5.03
CA GLU A 205 48.80 9.85 -3.66
C GLU A 205 47.36 10.24 -3.29
N ASN A 206 46.98 11.47 -3.62
CA ASN A 206 45.64 11.99 -3.34
C ASN A 206 44.93 12.37 -4.63
N PRO A 207 44.53 11.38 -5.42
CA PRO A 207 43.79 11.76 -6.63
C PRO A 207 42.30 11.87 -6.36
N ARG A 208 41.61 12.52 -7.29
CA ARG A 208 40.16 12.59 -7.28
C ARG A 208 39.70 11.92 -8.57
N HIS A 209 38.61 11.17 -8.50
CA HIS A 209 38.03 10.60 -9.70
C HIS A 209 37.27 11.66 -10.47
N VAL A 210 37.86 12.13 -11.57
CA VAL A 210 37.20 13.11 -12.42
C VAL A 210 37.07 12.53 -13.82
N GLU A 211 35.85 12.51 -14.34
CA GLU A 211 35.59 11.87 -15.63
C GLU A 211 34.93 12.86 -16.58
N ILE A 212 35.16 12.67 -17.88
CA ILE A 212 34.66 13.57 -18.89
C ILE A 212 33.65 12.85 -19.79
N GLN A 213 32.47 13.45 -19.92
CA GLN A 213 31.44 12.90 -20.80
C GLN A 213 31.66 13.35 -22.23
N VAL A 214 31.46 12.45 -23.18
CA VAL A 214 31.62 12.79 -24.60
C VAL A 214 30.54 12.15 -25.45
N LEU A 215 30.25 12.79 -26.59
CA LEU A 215 29.36 12.23 -27.60
C LEU A 215 30.04 12.32 -28.96
N ALA A 216 30.00 11.23 -29.72
CA ALA A 216 30.55 11.24 -31.07
C ALA A 216 29.59 10.53 -32.00
N ASP A 217 29.33 11.13 -33.16
CA ASP A 217 28.38 10.54 -34.11
C ASP A 217 29.04 9.51 -35.01
N GLY A 218 30.34 9.34 -34.88
CA GLY A 218 31.06 8.41 -35.73
C GLY A 218 31.13 8.92 -37.16
N GLN A 219 30.97 10.23 -37.33
CA GLN A 219 31.07 10.86 -38.64
C GLN A 219 32.04 12.03 -38.59
N GLY A 220 32.96 12.00 -37.63
CA GLY A 220 33.99 13.02 -37.52
C GLY A 220 33.71 14.07 -36.46
N ASN A 221 32.48 14.10 -35.96
CA ASN A 221 32.11 15.10 -34.96
C ASN A 221 32.18 14.52 -33.55
N ALA A 222 32.62 15.34 -32.59
CA ALA A 222 32.74 14.89 -31.21
C ALA A 222 32.77 16.08 -30.25
N ILE A 223 31.94 16.01 -29.21
CA ILE A 223 31.89 17.08 -28.21
C ILE A 223 32.08 16.51 -26.81
N TYR A 224 32.51 17.35 -25.88
CA TYR A 224 32.63 16.98 -24.48
C TYR A 224 31.60 17.75 -23.65
N LEU A 225 31.01 17.07 -22.66
CA LEU A 225 29.98 17.68 -21.83
C LEU A 225 30.46 17.84 -20.40
N ALA A 226 31.42 18.73 -20.19
CA ALA A 226 31.93 19.00 -18.86
C ALA A 226 32.40 17.71 -18.18
N GLU A 227 32.59 17.77 -16.87
CA GLU A 227 33.11 16.62 -16.13
C GLU A 227 32.23 16.27 -14.94
N ARG A 228 32.59 15.19 -14.26
CA ARG A 228 31.89 14.76 -13.06
C ARG A 228 32.93 14.31 -12.04
N ASP A 229 32.70 14.63 -10.76
CA ASP A 229 33.55 14.12 -9.71
C ASP A 229 32.86 12.96 -9.03
N CYS A 230 33.50 11.81 -9.03
CA CYS A 230 32.92 10.60 -8.45
C CYS A 230 33.90 10.01 -7.44
N SER A 231 34.48 10.87 -6.61
CA SER A 231 35.52 10.46 -5.69
C SER A 231 34.98 9.64 -4.52
N MET A 232 33.79 10.01 -4.03
CA MET A 232 33.19 9.31 -2.92
C MET A 232 32.89 7.86 -3.32
N GLN A 233 33.69 6.92 -2.80
CA GLN A 233 33.60 5.52 -3.22
C GLN A 233 33.75 4.54 -2.05
N ARG A 234 33.14 3.37 -2.20
CA ARG A 234 33.38 2.25 -1.30
C ARG A 234 33.77 1.03 -2.11
N ARG A 235 34.93 0.46 -1.79
CA ARG A 235 35.45 -0.68 -2.54
C ARG A 235 35.50 -0.35 -4.03
N HIS A 236 35.93 0.87 -4.35
CA HIS A 236 36.08 1.30 -5.74
C HIS A 236 34.74 1.42 -6.46
N GLN A 237 33.65 1.44 -5.70
CA GLN A 237 32.32 1.59 -6.29
C GLN A 237 31.77 2.98 -5.93
N LYS A 238 31.28 3.69 -6.93
CA LYS A 238 30.82 5.05 -6.74
C LYS A 238 29.57 5.13 -5.87
N VAL A 239 29.56 6.06 -4.92
CA VAL A 239 28.44 6.24 -4.01
C VAL A 239 27.76 7.57 -4.27
N VAL A 240 28.56 8.60 -4.51
CA VAL A 240 28.04 9.93 -4.82
C VAL A 240 28.80 10.53 -6.01
N GLU A 241 28.06 11.16 -6.92
CA GLU A 241 28.69 11.84 -8.06
C GLU A 241 28.18 13.26 -8.18
N GLU A 242 28.97 14.15 -8.76
CA GLU A 242 28.55 15.54 -8.92
C GLU A 242 29.15 16.20 -10.16
N ALA A 243 28.48 17.25 -10.64
CA ALA A 243 28.93 17.98 -11.81
C ALA A 243 28.51 19.45 -11.70
N PRO A 244 29.43 20.37 -12.04
CA PRO A 244 30.81 20.07 -12.44
C PRO A 244 31.65 19.65 -11.25
N ALA A 245 32.94 19.40 -11.47
CA ALA A 245 33.84 19.03 -10.40
C ALA A 245 34.35 20.30 -9.71
N PRO A 246 34.22 20.36 -8.38
CA PRO A 246 34.72 21.53 -7.65
C PRO A 246 36.18 21.83 -7.95
N GLY A 247 36.52 23.11 -8.09
CA GLY A 247 37.89 23.52 -8.29
C GLY A 247 38.33 23.54 -9.75
N ILE A 248 37.52 22.99 -10.62
CA ILE A 248 37.84 22.95 -12.04
C ILE A 248 37.40 24.23 -12.74
N THR A 249 38.38 25.00 -13.21
CA THR A 249 38.09 26.23 -13.93
C THR A 249 37.63 25.87 -15.35
N PRO A 250 36.87 26.78 -15.98
CA PRO A 250 36.43 26.56 -17.36
C PRO A 250 37.58 26.33 -18.34
N GLU A 251 38.75 26.88 -18.03
CA GLU A 251 39.90 26.75 -18.91
C GLU A 251 40.52 25.36 -18.79
N LEU A 252 40.54 24.83 -17.57
CA LEU A 252 41.03 23.47 -17.35
C LEU A 252 40.02 22.48 -17.95
N ARG A 253 38.74 22.76 -17.76
CA ARG A 253 37.69 21.93 -18.34
C ARG A 253 37.86 21.89 -19.86
N ARG A 254 38.17 23.03 -20.46
CA ARG A 254 38.36 23.09 -21.90
C ARG A 254 39.63 22.34 -22.30
N TYR A 255 40.65 22.41 -21.45
CA TYR A 255 41.91 21.69 -21.68
C TYR A 255 41.67 20.20 -21.85
N ILE A 256 41.14 19.56 -20.82
CA ILE A 256 40.93 18.11 -20.84
C ILE A 256 39.83 17.70 -21.83
N GLY A 257 38.82 18.54 -21.96
CA GLY A 257 37.67 18.24 -22.81
C GLY A 257 38.03 18.16 -24.28
N GLU A 258 38.80 19.13 -24.77
CA GLU A 258 39.18 19.17 -26.17
C GLU A 258 40.05 17.98 -26.55
N ARG A 259 40.98 17.62 -25.66
CA ARG A 259 41.82 16.45 -25.87
C ARG A 259 40.99 15.16 -25.93
N CYS A 260 40.00 15.03 -25.05
CA CYS A 260 39.13 13.86 -25.09
C CYS A 260 38.34 13.79 -26.40
N ALA A 261 37.86 14.94 -26.87
CA ALA A 261 37.10 14.99 -28.11
C ALA A 261 37.94 14.57 -29.32
N LYS A 262 39.18 15.07 -29.38
CA LYS A 262 40.06 14.72 -30.48
C LYS A 262 40.37 13.24 -30.44
N ALA A 263 40.52 12.71 -29.23
CA ALA A 263 40.73 11.28 -29.05
C ALA A 263 39.57 10.49 -29.64
N CYS A 264 38.34 10.96 -29.39
CA CYS A 264 37.15 10.34 -29.97
C CYS A 264 37.26 10.30 -31.48
N VAL A 265 37.62 11.44 -32.08
CA VAL A 265 37.79 11.51 -33.52
C VAL A 265 38.85 10.52 -34.02
N ASP A 266 39.92 10.37 -33.25
CA ASP A 266 41.04 9.52 -33.66
C ASP A 266 40.68 8.05 -33.71
N ILE A 267 40.08 7.54 -32.64
CA ILE A 267 39.71 6.13 -32.58
C ILE A 267 38.38 5.85 -33.29
N GLY A 268 37.81 6.89 -33.90
CA GLY A 268 36.57 6.76 -34.63
C GLY A 268 35.44 6.33 -33.71
N TYR A 269 35.38 6.94 -32.53
CA TYR A 269 34.38 6.58 -31.53
C TYR A 269 32.96 6.93 -32.00
N ARG A 270 32.00 6.16 -31.50
CA ARG A 270 30.59 6.38 -31.84
C ARG A 270 29.71 6.14 -30.61
N GLY A 271 28.69 6.96 -30.44
CA GLY A 271 27.83 6.90 -29.27
C GLY A 271 28.29 7.77 -28.13
N ALA A 272 27.79 7.47 -26.93
CA ALA A 272 28.21 8.17 -25.72
C ALA A 272 29.35 7.41 -25.05
N GLY A 273 30.26 8.16 -24.44
CA GLY A 273 31.38 7.54 -23.75
C GLY A 273 31.89 8.40 -22.61
N THR A 274 32.76 7.82 -21.79
CA THR A 274 33.33 8.55 -20.67
C THR A 274 34.83 8.27 -20.52
N PHE A 275 35.62 9.33 -20.37
CA PHE A 275 37.02 9.19 -20.08
C PHE A 275 37.24 9.41 -18.58
N GLU A 276 37.44 8.33 -17.84
CA GLU A 276 37.75 8.42 -16.42
C GLU A 276 39.23 8.71 -16.21
N PHE A 277 39.50 9.70 -15.36
CA PHE A 277 40.84 10.16 -15.03
C PHE A 277 41.06 10.24 -13.52
N LEU A 278 42.30 10.04 -13.10
CA LEU A 278 42.73 10.44 -11.77
C LEU A 278 43.14 11.90 -11.86
N PHE A 279 42.79 12.69 -10.84
CA PHE A 279 43.01 14.13 -10.90
C PHE A 279 43.75 14.62 -9.67
N GLU A 280 44.95 15.17 -9.88
CA GLU A 280 45.77 15.65 -8.78
C GLU A 280 46.54 16.90 -9.18
N ASN A 281 46.54 17.90 -8.30
CA ASN A 281 47.22 19.16 -8.55
C ASN A 281 47.02 19.67 -9.98
N GLY A 282 45.76 19.79 -10.39
CA GLY A 282 45.43 20.39 -11.67
C GLY A 282 45.83 19.57 -12.88
N GLU A 283 46.20 18.31 -12.66
CA GLU A 283 46.64 17.45 -13.75
C GLU A 283 45.73 16.23 -13.88
N PHE A 284 45.49 15.80 -15.12
CA PHE A 284 44.67 14.62 -15.38
C PHE A 284 45.53 13.44 -15.79
N TYR A 285 45.13 12.25 -15.35
CA TYR A 285 45.84 11.03 -15.70
C TYR A 285 44.84 9.95 -16.06
N PHE A 286 44.81 9.59 -17.34
CA PHE A 286 43.84 8.63 -17.85
C PHE A 286 43.86 7.32 -17.07
N ILE A 287 42.66 6.83 -16.74
CA ILE A 287 42.51 5.55 -16.08
C ILE A 287 41.84 4.59 -17.04
N GLU A 288 40.74 5.04 -17.62
CA GLU A 288 39.94 4.15 -18.45
C GLU A 288 38.93 4.93 -19.26
N MET A 289 38.45 4.34 -20.37
CA MET A 289 37.33 4.91 -21.08
C MET A 289 36.15 3.95 -21.07
N ASN A 290 35.07 4.36 -20.42
CA ASN A 290 33.83 3.58 -20.43
C ASN A 290 33.12 3.80 -21.75
N THR A 291 33.13 2.78 -22.60
CA THR A 291 32.57 2.91 -23.94
C THR A 291 31.09 2.60 -23.89
N ARG A 292 30.35 3.44 -23.17
CA ARG A 292 28.94 3.20 -22.88
C ARG A 292 28.40 4.36 -22.05
N ILE A 293 27.09 4.38 -21.85
CA ILE A 293 26.49 5.32 -20.92
C ILE A 293 26.87 4.89 -19.51
N GLN A 294 26.95 5.85 -18.60
CA GLN A 294 27.28 5.54 -17.21
C GLN A 294 26.10 5.74 -16.29
N VAL A 295 26.19 5.18 -15.09
CA VAL A 295 25.13 5.32 -14.10
C VAL A 295 24.85 6.78 -13.82
N GLU A 296 25.92 7.55 -13.62
CA GLU A 296 25.81 8.92 -13.14
C GLU A 296 25.65 9.97 -14.23
N HIS A 297 25.23 9.55 -15.43
CA HIS A 297 25.06 10.50 -16.53
C HIS A 297 24.06 11.63 -16.22
N PRO A 298 23.06 11.37 -15.36
CA PRO A 298 22.05 12.42 -15.13
C PRO A 298 22.58 13.75 -14.62
N VAL A 299 23.63 13.75 -13.78
CA VAL A 299 24.14 15.01 -13.25
C VAL A 299 24.68 15.90 -14.37
N THR A 300 25.24 15.27 -15.41
CA THR A 300 25.71 16.00 -16.57
C THR A 300 24.53 16.59 -17.35
N GLU A 301 23.44 15.83 -17.42
CA GLU A 301 22.24 16.30 -18.10
C GLU A 301 21.70 17.55 -17.42
N MET A 302 21.80 17.59 -16.09
CA MET A 302 21.23 18.69 -15.31
C MET A 302 21.93 20.01 -15.59
N ILE A 303 23.26 19.98 -15.72
CA ILE A 303 24.04 21.20 -15.84
C ILE A 303 24.27 21.63 -17.28
N THR A 304 23.98 20.76 -18.24
CA THR A 304 24.16 21.07 -19.65
C THR A 304 22.84 21.10 -20.42
N GLY A 305 21.83 20.42 -19.89
CA GLY A 305 20.53 20.37 -20.53
C GLY A 305 20.45 19.36 -21.65
N VAL A 306 21.54 18.62 -21.87
CA VAL A 306 21.60 17.63 -22.93
C VAL A 306 21.05 16.29 -22.46
N ASP A 307 20.13 15.72 -23.24
CA ASP A 307 19.59 14.40 -22.96
C ASP A 307 20.49 13.35 -23.60
N LEU A 308 21.40 12.79 -22.82
CA LEU A 308 22.41 11.89 -23.34
C LEU A 308 21.83 10.62 -23.95
N ILE A 309 20.73 10.12 -23.38
CA ILE A 309 20.11 8.91 -23.89
C ILE A 309 19.48 9.18 -25.26
N LYS A 310 18.74 10.27 -25.37
CA LYS A 310 18.15 10.65 -26.64
C LYS A 310 19.23 10.84 -27.69
N GLU A 311 20.40 11.34 -27.27
CA GLU A 311 21.51 11.54 -28.17
C GLU A 311 22.09 10.20 -28.62
N GLN A 312 22.12 9.23 -27.71
CA GLN A 312 22.56 7.89 -28.07
C GLN A 312 21.67 7.36 -29.18
N LEU A 313 20.37 7.52 -29.00
CA LEU A 313 19.38 7.02 -29.95
C LEU A 313 19.46 7.73 -31.31
N ARG A 314 19.72 9.02 -31.28
CA ARG A 314 19.82 9.79 -32.53
C ARG A 314 21.05 9.38 -33.32
N ILE A 315 22.15 9.14 -32.60
CA ILE A 315 23.41 8.75 -33.21
C ILE A 315 23.32 7.34 -33.80
N ALA A 316 22.61 6.45 -33.11
CA ALA A 316 22.45 5.08 -33.57
C ALA A 316 21.60 5.06 -34.84
N ALA A 317 20.69 6.02 -34.95
CA ALA A 317 19.85 6.13 -36.14
C ALA A 317 20.63 6.70 -37.33
N GLY A 318 21.88 7.09 -37.08
CA GLY A 318 22.76 7.59 -38.13
C GLY A 318 22.81 9.10 -38.24
N GLN A 319 22.17 9.80 -37.31
CA GLN A 319 22.14 11.26 -37.35
C GLN A 319 23.44 11.84 -36.80
N PRO A 320 23.93 12.93 -37.40
CA PRO A 320 25.12 13.63 -36.91
C PRO A 320 24.80 14.51 -35.70
N LEU A 321 25.82 14.85 -34.92
CA LEU A 321 25.62 15.70 -33.75
C LEU A 321 24.93 16.99 -34.13
N SER A 322 23.78 17.24 -33.50
CA SER A 322 23.05 18.49 -33.71
C SER A 322 23.67 19.59 -32.86
N ILE A 323 24.33 19.19 -31.77
CA ILE A 323 24.93 20.12 -30.82
C ILE A 323 26.39 20.39 -31.14
N LYS A 324 26.76 21.67 -31.17
CA LYS A 324 28.14 22.07 -31.36
C LYS A 324 28.80 22.51 -30.06
N GLN A 325 30.10 22.27 -29.95
CA GLN A 325 30.84 22.48 -28.71
C GLN A 325 30.55 23.86 -28.11
N GLU A 326 30.43 24.85 -28.98
CA GLU A 326 30.20 26.23 -28.55
C GLU A 326 28.87 26.39 -27.82
N GLU A 327 27.91 25.54 -28.17
CA GLU A 327 26.57 25.64 -27.60
C GLU A 327 26.47 24.90 -26.27
N VAL A 328 27.53 24.20 -25.89
CA VAL A 328 27.55 23.45 -24.65
C VAL A 328 28.03 24.33 -23.49
N HIS A 329 27.11 24.64 -22.58
CA HIS A 329 27.41 25.52 -21.45
C HIS A 329 27.11 24.84 -20.11
N VAL A 330 28.00 25.07 -19.14
CA VAL A 330 27.81 24.56 -17.79
C VAL A 330 26.99 25.55 -16.98
N ARG A 331 25.82 25.12 -16.51
CA ARG A 331 24.97 25.97 -15.68
C ARG A 331 24.55 25.22 -14.41
N GLY A 332 24.81 25.84 -13.26
CA GLY A 332 24.41 25.28 -11.99
C GLY A 332 25.28 24.13 -11.54
N HIS A 333 24.71 23.29 -10.67
CA HIS A 333 25.45 22.18 -10.08
C HIS A 333 24.47 21.06 -9.76
N ALA A 334 24.95 19.82 -9.79
CA ALA A 334 24.08 18.67 -9.56
C ALA A 334 24.82 17.60 -8.76
N VAL A 335 24.10 16.97 -7.84
CA VAL A 335 24.66 15.89 -7.04
C VAL A 335 23.78 14.66 -7.20
N GLU A 336 24.36 13.48 -7.06
CA GLU A 336 23.61 12.24 -7.20
C GLU A 336 24.01 11.26 -6.12
N CYS A 337 23.03 10.81 -5.35
CA CYS A 337 23.22 9.75 -4.38
C CYS A 337 22.61 8.47 -4.92
N ARG A 338 23.42 7.41 -4.97
CA ARG A 338 22.91 6.10 -5.37
C ARG A 338 22.14 5.48 -4.21
N ILE A 339 20.90 5.09 -4.48
CA ILE A 339 20.09 4.38 -3.51
C ILE A 339 20.20 2.88 -3.72
N ASN A 340 20.75 2.20 -2.71
CA ASN A 340 20.97 0.76 -2.76
C ASN A 340 20.13 0.02 -1.73
N ALA A 341 19.62 -1.15 -2.10
CA ALA A 341 18.93 -2.03 -1.17
C ALA A 341 19.97 -2.83 -0.39
N GLU A 342 20.46 -2.26 0.70
CA GLU A 342 21.50 -2.88 1.50
C GLU A 342 21.50 -2.30 2.90
N ASP A 343 22.02 -3.06 3.86
CA ASP A 343 22.17 -2.58 5.22
C ASP A 343 23.12 -1.39 5.22
N PRO A 344 22.69 -0.25 5.80
CA PRO A 344 23.51 0.96 5.68
C PRO A 344 24.80 0.92 6.49
N ASN A 345 24.99 -0.13 7.29
CA ASN A 345 26.17 -0.26 8.12
C ASN A 345 27.07 -1.45 7.75
N THR A 346 26.48 -2.48 7.16
CA THR A 346 27.23 -3.67 6.78
C THR A 346 27.19 -3.93 5.28
N PHE A 347 26.37 -3.16 4.57
CA PHE A 347 26.32 -3.23 3.10
C PHE A 347 25.96 -4.65 2.65
N LEU A 348 25.23 -5.36 3.49
CA LEU A 348 24.69 -6.66 3.15
C LEU A 348 23.44 -6.44 2.30
N PRO A 349 23.35 -7.10 1.14
CA PRO A 349 22.16 -6.93 0.31
C PRO A 349 20.86 -7.09 1.09
N SER A 350 19.83 -6.35 0.68
CA SER A 350 18.56 -6.36 1.39
C SER A 350 17.40 -6.49 0.41
N PRO A 351 17.31 -7.65 -0.26
CA PRO A 351 16.14 -7.91 -1.11
C PRO A 351 14.90 -8.08 -0.26
N GLY A 352 13.72 -7.95 -0.85
CA GLY A 352 12.47 -8.08 -0.12
C GLY A 352 11.40 -7.18 -0.70
N LYS A 353 10.20 -7.24 -0.14
CA LYS A 353 9.10 -6.44 -0.63
C LYS A 353 9.10 -5.03 -0.05
N ILE A 354 8.94 -4.04 -0.93
CA ILE A 354 8.82 -2.65 -0.50
C ILE A 354 7.37 -2.39 -0.08
N THR A 355 7.17 -2.18 1.22
CA THR A 355 5.83 -2.08 1.79
C THR A 355 5.22 -0.68 1.63
N ARG A 356 6.07 0.33 1.61
CA ARG A 356 5.61 1.69 1.40
C ARG A 356 6.68 2.52 0.70
N PHE A 357 6.28 3.26 -0.32
CA PHE A 357 7.22 4.11 -1.05
C PHE A 357 6.64 5.49 -1.36
N HIS A 358 7.46 6.50 -1.17
CA HIS A 358 7.12 7.85 -1.61
C HIS A 358 8.35 8.54 -2.16
N ALA A 359 8.23 9.10 -3.35
CA ALA A 359 9.36 9.76 -4.00
C ALA A 359 9.38 11.23 -3.62
N PRO A 360 10.59 11.78 -3.43
CA PRO A 360 10.70 13.22 -3.18
C PRO A 360 10.35 14.00 -4.43
N GLY A 361 9.97 15.26 -4.27
CA GLY A 361 9.65 16.10 -5.41
C GLY A 361 10.17 17.51 -5.17
N GLY A 362 9.76 18.43 -6.03
CA GLY A 362 10.12 19.83 -5.86
C GLY A 362 11.10 20.34 -6.90
N PHE A 363 11.35 21.65 -6.84
CA PHE A 363 12.24 22.30 -7.79
C PHE A 363 13.62 21.65 -7.78
N GLY A 364 14.11 21.29 -8.95
CA GLY A 364 15.46 20.76 -9.09
C GLY A 364 15.63 19.33 -8.62
N VAL A 365 14.53 18.67 -8.25
CA VAL A 365 14.59 17.30 -7.75
C VAL A 365 14.22 16.30 -8.85
N ARG A 366 15.10 15.32 -9.06
CA ARG A 366 14.92 14.34 -10.12
C ARG A 366 15.10 12.94 -9.57
N TRP A 367 14.04 12.15 -9.59
CA TRP A 367 14.06 10.80 -9.06
C TRP A 367 14.07 9.76 -10.18
N GLU A 368 15.08 8.90 -10.16
CA GLU A 368 15.28 7.90 -11.21
C GLU A 368 15.21 6.50 -10.58
N SER A 369 14.03 5.89 -10.64
CA SER A 369 13.85 4.58 -10.03
C SER A 369 12.60 3.89 -10.56
N HIS A 370 12.65 2.57 -10.57
CA HIS A 370 11.59 1.72 -11.08
C HIS A 370 10.75 1.17 -9.94
N ILE A 371 11.19 1.40 -8.71
CA ILE A 371 10.55 0.81 -7.54
C ILE A 371 9.22 1.50 -7.23
N TYR A 372 8.34 0.76 -6.58
CA TYR A 372 7.04 1.27 -6.16
C TYR A 372 6.50 0.42 -5.01
N ALA A 373 5.44 0.91 -4.35
CA ALA A 373 4.86 0.19 -3.22
C ALA A 373 4.29 -1.14 -3.69
N GLY A 374 4.77 -2.23 -3.08
CA GLY A 374 4.31 -3.56 -3.43
C GLY A 374 5.31 -4.29 -4.29
N TYR A 375 6.25 -3.56 -4.88
CA TYR A 375 7.27 -4.15 -5.72
C TYR A 375 8.32 -4.85 -4.88
N THR A 376 8.65 -6.08 -5.25
CA THR A 376 9.67 -6.84 -4.55
C THR A 376 11.02 -6.71 -5.25
N VAL A 377 12.05 -6.37 -4.49
CA VAL A 377 13.41 -6.37 -4.98
C VAL A 377 13.95 -7.79 -4.89
N PRO A 378 14.18 -8.43 -6.03
CA PRO A 378 14.60 -9.84 -6.02
C PRO A 378 16.02 -10.03 -5.50
N PRO A 379 16.33 -11.23 -5.01
CA PRO A 379 17.66 -11.56 -4.48
C PRO A 379 18.66 -11.87 -5.59
N TYR A 380 18.61 -11.10 -6.67
CA TYR A 380 19.58 -11.21 -7.75
C TYR A 380 19.95 -9.80 -8.20
N TYR A 381 21.00 -9.68 -9.00
CA TYR A 381 21.36 -8.40 -9.62
C TYR A 381 22.01 -7.44 -8.63
N ASP A 382 22.54 -6.34 -9.15
CA ASP A 382 23.16 -5.32 -8.31
C ASP A 382 22.13 -4.74 -7.34
N SER A 383 22.61 -4.21 -6.22
CA SER A 383 21.73 -3.75 -5.15
C SER A 383 21.22 -2.32 -5.36
N MET A 384 21.71 -1.64 -6.38
CA MET A 384 21.25 -0.28 -6.65
C MET A 384 19.83 -0.34 -7.20
N ILE A 385 18.91 0.32 -6.49
CA ILE A 385 17.50 0.29 -6.87
C ILE A 385 17.00 1.65 -7.35
N GLY A 386 17.74 2.71 -7.03
CA GLY A 386 17.37 4.03 -7.53
C GLY A 386 18.49 5.04 -7.53
N LYS A 387 18.21 6.24 -8.00
CA LYS A 387 19.17 7.34 -7.97
C LYS A 387 18.46 8.66 -7.71
N LEU A 388 18.93 9.38 -6.71
CA LEU A 388 18.39 10.70 -6.42
C LEU A 388 19.37 11.76 -6.92
N ILE A 389 18.89 12.66 -7.77
CA ILE A 389 19.73 13.71 -8.34
C ILE A 389 19.12 15.08 -8.08
N CYS A 390 19.88 15.95 -7.43
CA CYS A 390 19.38 17.29 -7.13
C CYS A 390 20.22 18.37 -7.80
N TYR A 391 19.54 19.30 -8.46
CA TYR A 391 20.20 20.42 -9.14
C TYR A 391 19.99 21.72 -8.36
N GLY A 392 20.92 22.65 -8.51
CA GLY A 392 20.85 23.93 -7.83
C GLY A 392 21.68 24.97 -8.54
N GLU A 393 21.34 26.24 -8.36
CA GLU A 393 22.10 27.34 -8.96
C GLU A 393 23.58 27.25 -8.60
N ASN A 394 23.88 26.68 -7.44
CA ASN A 394 25.25 26.44 -7.02
C ASN A 394 25.37 25.17 -6.19
N ARG A 395 26.60 24.80 -5.86
CA ARG A 395 26.86 23.54 -5.16
C ARG A 395 26.13 23.46 -3.82
N ASP A 396 26.14 24.54 -3.06
CA ASP A 396 25.51 24.55 -1.74
C ASP A 396 24.00 24.33 -1.83
N VAL A 397 23.37 24.94 -2.82
CA VAL A 397 21.93 24.78 -3.00
C VAL A 397 21.62 23.35 -3.42
N ALA A 398 22.49 22.76 -4.24
CA ALA A 398 22.30 21.38 -4.68
C ALA A 398 22.34 20.43 -3.49
N ILE A 399 23.30 20.65 -2.59
CA ILE A 399 23.48 19.79 -1.44
C ILE A 399 22.30 19.92 -0.46
N ALA A 400 21.83 21.14 -0.24
CA ALA A 400 20.68 21.38 0.64
C ALA A 400 19.43 20.69 0.09
N ARG A 401 19.25 20.78 -1.21
CA ARG A 401 18.12 20.15 -1.88
C ARG A 401 18.21 18.65 -1.63
N MET A 402 19.41 18.12 -1.76
CA MET A 402 19.66 16.68 -1.57
C MET A 402 19.34 16.26 -0.14
N LYS A 403 19.67 17.11 0.84
CA LYS A 403 19.39 16.79 2.23
C LYS A 403 17.88 16.64 2.44
N ASN A 404 17.13 17.67 2.06
CA ASN A 404 15.68 17.64 2.24
C ASN A 404 15.06 16.44 1.52
N ALA A 405 15.52 16.19 0.30
CA ALA A 405 14.93 15.17 -0.55
C ALA A 405 15.14 13.77 0.04
N LEU A 406 16.33 13.52 0.58
CA LEU A 406 16.64 12.24 1.20
C LEU A 406 15.77 12.10 2.44
N GLN A 407 15.54 13.21 3.13
CA GLN A 407 14.68 13.21 4.29
C GLN A 407 13.24 12.90 3.91
N GLU A 408 12.83 13.32 2.73
CA GLU A 408 11.48 13.02 2.22
C GLU A 408 11.36 11.58 1.71
N LEU A 409 12.44 11.04 1.18
CA LEU A 409 12.42 9.72 0.56
C LEU A 409 11.99 8.65 1.57
N ILE A 410 10.94 7.92 1.21
CA ILE A 410 10.46 6.81 2.03
C ILE A 410 10.58 5.49 1.29
N ILE A 411 11.28 4.55 1.90
CA ILE A 411 11.38 3.19 1.38
C ILE A 411 11.37 2.20 2.54
N ASP A 412 10.20 1.61 2.78
CA ASP A 412 10.03 0.66 3.87
C ASP A 412 9.93 -0.75 3.34
N GLY A 413 10.23 -1.73 4.21
CA GLY A 413 10.18 -3.13 3.84
C GLY A 413 11.57 -3.70 3.66
N ILE A 414 12.48 -2.87 3.18
CA ILE A 414 13.86 -3.27 2.99
C ILE A 414 14.80 -2.18 3.52
N LYS A 415 15.99 -2.59 3.94
CA LYS A 415 17.02 -1.61 4.31
C LYS A 415 17.63 -0.95 3.08
N THR A 416 17.97 0.33 3.23
CA THR A 416 18.65 1.07 2.16
C THR A 416 19.80 1.86 2.76
N ASN A 417 20.62 2.44 1.89
CA ASN A 417 21.75 3.24 2.33
C ASN A 417 21.40 4.72 2.45
N VAL A 418 20.10 5.02 2.48
CA VAL A 418 19.64 6.41 2.55
C VAL A 418 20.29 7.17 3.71
N ASP A 419 20.28 6.57 4.89
CA ASP A 419 20.87 7.21 6.06
C ASP A 419 22.34 7.52 5.83
N LEU A 420 23.05 6.61 5.16
CA LEU A 420 24.45 6.85 4.86
C LEU A 420 24.60 8.09 3.98
N GLN A 421 23.73 8.22 2.99
CA GLN A 421 23.78 9.36 2.09
C GLN A 421 23.54 10.65 2.86
N ILE A 422 22.65 10.60 3.84
CA ILE A 422 22.38 11.75 4.70
C ILE A 422 23.64 12.17 5.47
N ARG A 423 24.34 11.18 6.04
CA ARG A 423 25.59 11.44 6.73
C ARG A 423 26.59 12.13 5.81
N ILE A 424 26.71 11.63 4.60
CA ILE A 424 27.68 12.17 3.63
C ILE A 424 27.35 13.62 3.26
N MET A 425 26.06 13.91 3.09
CA MET A 425 25.64 15.28 2.77
C MET A 425 25.94 16.19 3.96
N ASN A 426 25.85 15.63 5.17
CA ASN A 426 26.18 16.38 6.38
C ASN A 426 27.68 16.47 6.65
N ASP A 427 28.47 15.69 5.91
CA ASP A 427 29.91 15.69 6.10
C ASP A 427 30.51 17.05 5.71
N GLU A 428 31.21 17.67 6.65
CA GLU A 428 31.73 19.02 6.45
C GLU A 428 32.81 19.06 5.37
N ASN A 429 33.60 18.01 5.28
CA ASN A 429 34.65 17.93 4.26
C ASN A 429 34.06 17.82 2.86
N PHE A 430 32.93 17.12 2.74
CA PHE A 430 32.23 17.03 1.48
C PHE A 430 31.61 18.38 1.13
N GLN A 431 31.13 19.09 2.15
CA GLN A 431 30.53 20.41 1.97
C GLN A 431 31.61 21.39 1.52
N HIS A 432 32.84 21.16 1.95
CA HIS A 432 33.98 21.92 1.46
C HIS A 432 34.25 21.56 0.01
N GLY A 433 34.12 20.27 -0.31
CA GLY A 433 34.33 19.79 -1.66
C GLY A 433 35.78 19.39 -1.89
N GLY A 434 36.00 18.54 -2.89
CA GLY A 434 37.34 18.15 -3.28
C GLY A 434 37.92 16.97 -2.53
N THR A 435 37.07 16.21 -1.82
CA THR A 435 37.53 15.02 -1.12
C THR A 435 38.04 14.00 -2.13
N ASN A 436 39.06 13.23 -1.72
CA ASN A 436 39.72 12.30 -2.63
C ASN A 436 39.04 10.94 -2.69
N ILE A 437 39.60 10.03 -3.49
CA ILE A 437 38.99 8.72 -3.74
C ILE A 437 39.15 7.76 -2.56
N HIS A 438 39.83 8.20 -1.51
CA HIS A 438 40.04 7.36 -0.34
C HIS A 438 39.23 7.85 0.85
N TYR A 439 38.57 8.99 0.70
CA TYR A 439 37.97 9.68 1.83
C TYR A 439 36.84 8.91 2.50
N LEU A 440 35.91 8.36 1.72
CA LEU A 440 34.74 7.71 2.29
C LEU A 440 35.14 6.54 3.20
N GLU A 441 36.07 5.71 2.73
CA GLU A 441 36.56 4.58 3.52
C GLU A 441 37.51 5.04 4.61
N LYS A 442 38.18 6.15 4.34
CA LYS A 442 39.08 6.78 5.29
C LYS A 442 38.21 7.30 6.44
N LYS A 443 36.95 7.61 6.11
CA LYS A 443 35.98 8.14 7.08
C LYS A 443 35.25 7.05 7.86
N LEU A 444 34.91 5.95 7.18
CA LEU A 444 34.13 4.88 7.79
C LEU A 444 35.00 3.88 8.56
N GLY A 445 36.29 4.20 8.72
CA GLY A 445 37.17 3.41 9.56
C GLY A 445 37.98 2.29 8.93
N LEU A 446 38.57 2.55 7.78
CA LEU A 446 39.54 1.64 7.19
C LEU A 446 38.97 0.24 6.96
N GLU B 97 22.64 -11.26 -4.65
CA GLU B 97 22.60 -9.84 -4.99
C GLU B 97 23.98 -9.20 -4.90
N ILE B 98 24.94 -9.94 -4.37
CA ILE B 98 26.33 -9.52 -4.38
C ILE B 98 26.83 -9.51 -5.84
N SER B 99 27.66 -8.51 -6.17
CA SER B 99 28.15 -8.36 -7.53
C SER B 99 29.23 -9.39 -7.84
N GLY B 100 29.64 -9.49 -9.10
CA GLY B 100 30.59 -10.51 -9.50
C GLY B 100 29.85 -11.71 -10.07
N HIS B 101 30.51 -12.50 -10.93
CA HIS B 101 29.87 -13.67 -11.48
C HIS B 101 29.63 -14.71 -10.39
N ILE B 102 28.36 -15.09 -10.22
CA ILE B 102 27.98 -15.99 -9.15
C ILE B 102 27.59 -17.37 -9.66
N VAL B 103 28.40 -18.36 -9.30
CA VAL B 103 28.01 -19.76 -9.46
C VAL B 103 27.04 -20.12 -8.35
N ARG B 104 25.79 -20.38 -8.75
CA ARG B 104 24.73 -20.72 -7.81
C ARG B 104 24.51 -22.24 -7.77
N SER B 105 23.88 -22.71 -6.70
CA SER B 105 23.61 -24.13 -6.55
C SER B 105 22.44 -24.55 -7.44
N PRO B 106 22.61 -25.66 -8.17
CA PRO B 106 21.53 -26.18 -9.01
C PRO B 106 20.63 -27.18 -8.28
N MET B 107 20.86 -27.40 -6.99
CA MET B 107 20.09 -28.38 -6.25
C MET B 107 20.11 -28.12 -4.75
N VAL B 108 19.20 -28.79 -4.04
CA VAL B 108 19.17 -28.75 -2.59
C VAL B 108 20.08 -29.83 -2.05
N GLY B 109 20.87 -29.50 -1.02
CA GLY B 109 21.75 -30.48 -0.41
C GLY B 109 22.70 -29.87 0.60
N THR B 110 23.77 -30.59 0.90
CA THR B 110 24.78 -30.14 1.85
C THR B 110 26.04 -29.75 1.09
N PHE B 111 26.59 -28.59 1.43
CA PHE B 111 27.76 -28.06 0.74
C PHE B 111 29.04 -28.60 1.36
N TYR B 112 30.01 -28.91 0.52
CA TYR B 112 31.31 -29.39 0.97
C TYR B 112 32.42 -28.80 0.12
N ARG B 113 33.54 -28.48 0.76
CA ARG B 113 34.67 -27.86 0.09
C ARG B 113 35.60 -28.92 -0.47
N THR B 114 35.55 -30.10 0.13
CA THR B 114 36.49 -31.17 -0.17
C THR B 114 35.76 -32.41 -0.67
N PRO B 115 36.45 -33.27 -1.43
CA PRO B 115 35.89 -34.53 -1.92
C PRO B 115 35.69 -35.54 -0.79
N SER B 116 36.51 -35.44 0.25
CA SER B 116 36.41 -36.34 1.39
C SER B 116 36.83 -35.60 2.66
N PRO B 117 36.39 -36.07 3.83
CA PRO B 117 36.61 -35.38 5.11
C PRO B 117 38.08 -35.01 5.35
N ASP B 118 39.01 -35.83 4.91
CA ASP B 118 40.43 -35.63 5.21
C ASP B 118 41.19 -35.02 4.03
N ALA B 119 40.50 -34.76 2.92
CA ALA B 119 41.17 -34.29 1.71
C ALA B 119 41.20 -32.76 1.62
N LYS B 120 41.94 -32.27 0.65
CA LYS B 120 42.10 -30.84 0.40
C LYS B 120 40.90 -30.30 -0.36
N ALA B 121 40.62 -29.01 -0.17
CA ALA B 121 39.51 -28.36 -0.88
C ALA B 121 39.79 -28.28 -2.38
N PHE B 122 38.74 -28.44 -3.18
CA PHE B 122 38.85 -28.35 -4.63
C PHE B 122 39.44 -27.02 -5.06
N ILE B 123 39.06 -25.94 -4.40
CA ILE B 123 39.50 -24.61 -4.79
C ILE B 123 39.78 -23.72 -3.58
N GLU B 124 40.49 -22.63 -3.84
CA GLU B 124 40.79 -21.65 -2.82
C GLU B 124 40.61 -20.25 -3.40
N VAL B 125 40.41 -19.26 -2.54
CA VAL B 125 40.27 -17.89 -3.00
C VAL B 125 41.59 -17.45 -3.66
N GLY B 126 41.50 -16.84 -4.83
CA GLY B 126 42.69 -16.40 -5.54
C GLY B 126 43.12 -17.38 -6.61
N GLN B 127 42.56 -18.58 -6.57
CA GLN B 127 42.92 -19.63 -7.52
C GLN B 127 42.27 -19.45 -8.89
N LYS B 128 43.00 -19.84 -9.93
CA LYS B 128 42.49 -19.80 -11.29
C LYS B 128 41.69 -21.07 -11.55
N VAL B 129 40.58 -20.94 -12.25
CA VAL B 129 39.73 -22.09 -12.57
C VAL B 129 39.28 -22.02 -14.02
N ASN B 130 39.00 -23.19 -14.59
CA ASN B 130 38.50 -23.28 -15.95
C ASN B 130 37.08 -23.83 -15.96
N VAL B 131 36.38 -23.62 -17.08
CA VAL B 131 35.03 -24.15 -17.24
C VAL B 131 35.09 -25.67 -17.10
N GLY B 132 34.22 -26.22 -16.27
CA GLY B 132 34.17 -27.67 -16.07
C GLY B 132 34.87 -28.11 -14.80
N ASP B 133 35.73 -27.24 -14.26
CA ASP B 133 36.46 -27.56 -13.03
C ASP B 133 35.53 -27.65 -11.83
N THR B 134 35.77 -28.64 -10.97
CA THR B 134 34.97 -28.81 -9.77
C THR B 134 35.36 -27.80 -8.70
N LEU B 135 34.37 -27.07 -8.21
CA LEU B 135 34.58 -26.05 -7.20
C LEU B 135 34.20 -26.58 -5.83
N CYS B 136 33.23 -27.47 -5.79
CA CYS B 136 32.70 -27.99 -4.53
C CYS B 136 31.76 -29.15 -4.79
N ILE B 137 31.15 -29.66 -3.72
CA ILE B 137 30.20 -30.75 -3.82
C ILE B 137 28.92 -30.38 -3.09
N VAL B 138 27.78 -30.78 -3.66
CA VAL B 138 26.52 -30.68 -2.96
C VAL B 138 25.94 -32.09 -2.84
N GLU B 139 26.07 -32.66 -1.64
CA GLU B 139 25.56 -33.99 -1.38
C GLU B 139 24.06 -33.96 -1.15
N ALA B 140 23.30 -34.66 -2.00
CA ALA B 140 21.87 -34.77 -1.82
C ALA B 140 21.41 -36.21 -2.00
N MET B 141 20.91 -36.81 -0.92
CA MET B 141 20.40 -38.17 -0.99
C MET B 141 21.44 -39.10 -1.61
N LYS B 142 22.59 -39.20 -0.96
CA LYS B 142 23.64 -40.14 -1.36
C LYS B 142 24.31 -39.80 -2.71
N MET B 143 23.79 -38.81 -3.42
CA MET B 143 24.46 -38.33 -4.63
C MET B 143 25.53 -37.30 -4.26
N MET B 144 26.74 -37.54 -4.73
CA MET B 144 27.86 -36.66 -4.45
C MET B 144 28.01 -35.74 -5.64
N ASN B 145 27.16 -34.70 -5.74
CA ASN B 145 27.16 -33.85 -6.92
C ASN B 145 28.33 -32.88 -6.94
N GLN B 146 29.13 -32.93 -8.01
CA GLN B 146 30.22 -31.99 -8.17
C GLN B 146 29.74 -30.78 -8.97
N ILE B 147 29.77 -29.62 -8.34
CA ILE B 147 29.35 -28.39 -9.00
C ILE B 147 30.54 -27.82 -9.73
N GLU B 148 30.40 -27.61 -11.03
CA GLU B 148 31.52 -27.15 -11.84
C GLU B 148 31.39 -25.69 -12.24
N ALA B 149 32.51 -25.08 -12.57
CA ALA B 149 32.54 -23.68 -13.01
C ALA B 149 31.93 -23.56 -14.40
N ASP B 150 31.09 -22.54 -14.57
CA ASP B 150 30.48 -22.26 -15.87
C ASP B 150 31.14 -21.05 -16.51
N LYS B 151 32.22 -20.57 -15.89
CA LYS B 151 32.99 -19.47 -16.43
C LYS B 151 34.42 -19.50 -15.89
N SER B 152 35.38 -19.18 -16.73
CA SER B 152 36.79 -19.18 -16.34
C SER B 152 37.19 -17.86 -15.70
N GLY B 153 38.14 -17.94 -14.77
CA GLY B 153 38.62 -16.77 -14.06
C GLY B 153 39.26 -17.12 -12.74
N THR B 154 39.33 -16.15 -11.84
CA THR B 154 39.92 -16.35 -10.53
C THR B 154 38.84 -16.32 -9.45
N VAL B 155 38.96 -17.19 -8.46
CA VAL B 155 37.98 -17.25 -7.39
C VAL B 155 38.07 -16.01 -6.51
N LYS B 156 37.01 -15.20 -6.52
CA LYS B 156 36.90 -14.02 -5.68
C LYS B 156 36.50 -14.37 -4.26
N ALA B 157 35.48 -15.22 -4.11
CA ALA B 157 34.97 -15.57 -2.79
C ALA B 157 34.30 -16.93 -2.79
N ILE B 158 34.24 -17.54 -1.62
CA ILE B 158 33.51 -18.78 -1.43
C ILE B 158 32.49 -18.56 -0.32
N LEU B 159 31.21 -18.54 -0.71
CA LEU B 159 30.17 -17.97 0.13
C LEU B 159 29.59 -18.93 1.16
N VAL B 160 29.96 -20.20 1.10
CA VAL B 160 29.41 -21.20 2.01
C VAL B 160 30.49 -22.06 2.63
N GLU B 161 30.32 -22.38 3.91
CA GLU B 161 31.25 -23.25 4.63
C GLU B 161 30.81 -24.71 4.55
N SER B 162 31.77 -25.62 4.69
CA SER B 162 31.48 -27.06 4.61
C SER B 162 30.52 -27.53 5.70
N GLY B 163 29.68 -28.48 5.35
CA GLY B 163 28.72 -29.05 6.28
C GLY B 163 27.42 -28.25 6.37
N GLN B 164 27.37 -27.13 5.66
CA GLN B 164 26.20 -26.25 5.70
C GLN B 164 25.24 -26.58 4.56
N PRO B 165 23.93 -26.54 4.84
CA PRO B 165 22.93 -26.83 3.80
C PRO B 165 22.79 -25.69 2.81
N VAL B 166 22.40 -26.02 1.58
CA VAL B 166 22.20 -25.03 0.53
C VAL B 166 20.90 -25.32 -0.21
N GLU B 167 20.28 -24.27 -0.75
CA GLU B 167 19.03 -24.39 -1.47
C GLU B 167 19.25 -24.10 -2.96
N PHE B 168 18.23 -24.32 -3.77
CA PHE B 168 18.32 -24.07 -5.20
C PHE B 168 18.64 -22.59 -5.45
N ASP B 169 19.54 -22.34 -6.40
CA ASP B 169 19.95 -21.00 -6.77
C ASP B 169 20.70 -20.26 -5.67
N GLU B 170 21.16 -20.97 -4.65
CA GLU B 170 21.91 -20.33 -3.60
C GLU B 170 23.32 -20.01 -4.09
N PRO B 171 23.77 -18.76 -3.89
CA PRO B 171 25.12 -18.38 -4.29
C PRO B 171 26.17 -19.23 -3.59
N LEU B 172 27.04 -19.86 -4.38
CA LEU B 172 28.09 -20.72 -3.84
C LEU B 172 29.46 -20.08 -3.99
N VAL B 173 29.80 -19.69 -5.22
CA VAL B 173 31.13 -19.15 -5.50
C VAL B 173 31.07 -17.92 -6.39
N VAL B 174 32.03 -17.02 -6.21
CA VAL B 174 32.17 -15.85 -7.09
C VAL B 174 33.47 -16.00 -7.87
N ILE B 175 33.42 -15.68 -9.17
CA ILE B 175 34.58 -15.85 -10.04
C ILE B 175 34.99 -14.53 -10.70
N GLU B 176 36.30 -14.37 -10.86
CA GLU B 176 36.96 -13.10 -11.25
C GLU B 176 36.11 -11.87 -10.95
N MET C 1 18.55 35.90 8.00
CA MET C 1 17.42 35.16 7.37
C MET C 1 16.18 35.24 8.25
N LEU C 2 15.10 34.60 7.80
CA LEU C 2 13.90 34.45 8.62
C LEU C 2 14.05 33.22 9.49
N ASP C 3 13.94 33.38 10.81
CA ASP C 3 14.15 32.29 11.73
C ASP C 3 13.09 31.21 11.61
N LYS C 4 11.83 31.64 11.52
CA LYS C 4 10.70 30.71 11.53
C LYS C 4 9.47 31.36 10.93
N ILE C 5 8.75 30.63 10.08
CA ILE C 5 7.54 31.18 9.47
C ILE C 5 6.34 30.25 9.62
N VAL C 6 5.15 30.84 9.55
CA VAL C 6 3.92 30.08 9.47
C VAL C 6 3.51 29.98 8.01
N ILE C 7 3.19 28.76 7.57
CA ILE C 7 2.69 28.55 6.22
C ILE C 7 1.16 28.61 6.25
N ALA C 8 0.61 29.79 5.99
CA ALA C 8 -0.83 29.98 6.05
C ALA C 8 -1.49 29.46 4.79
N ASN C 9 -1.41 28.16 4.59
CA ASN C 9 -2.04 27.51 3.44
C ASN C 9 -2.01 26.00 3.61
N ARG C 10 -2.36 25.28 2.55
CA ARG C 10 -2.44 23.83 2.61
C ARG C 10 -2.02 23.20 1.28
N GLY C 11 -2.11 21.89 1.21
CA GLY C 11 -1.88 21.16 -0.02
C GLY C 11 -0.53 21.40 -0.68
N GLU C 12 -0.54 21.39 -2.00
CA GLU C 12 0.70 21.41 -2.78
C GLU C 12 1.51 22.69 -2.54
N ILE C 13 0.85 23.84 -2.53
CA ILE C 13 1.57 25.11 -2.36
C ILE C 13 2.20 25.17 -0.97
N ALA C 14 1.54 24.58 0.01
CA ALA C 14 2.06 24.56 1.38
C ALA C 14 3.32 23.71 1.42
N LEU C 15 3.30 22.57 0.74
CA LEU C 15 4.48 21.72 0.63
C LEU C 15 5.61 22.41 -0.12
N ARG C 16 5.26 23.22 -1.13
CA ARG C 16 6.24 23.93 -1.94
C ARG C 16 7.00 24.92 -1.07
N ILE C 17 6.25 25.68 -0.27
CA ILE C 17 6.82 26.67 0.62
C ILE C 17 7.69 25.99 1.67
N LEU C 18 7.21 24.86 2.18
CA LEU C 18 7.95 24.11 3.19
C LEU C 18 9.32 23.68 2.69
N ARG C 19 9.37 23.15 1.46
CA ARG C 19 10.64 22.75 0.87
C ARG C 19 11.58 23.95 0.73
N ALA C 20 11.05 25.05 0.21
CA ALA C 20 11.84 26.27 0.12
C ALA C 20 12.47 26.61 1.46
N CYS C 21 11.68 26.49 2.53
CA CYS C 21 12.13 26.86 3.86
C CYS C 21 13.20 25.92 4.42
N LYS C 22 13.04 24.62 4.18
CA LYS C 22 13.97 23.63 4.69
C LYS C 22 15.33 23.85 4.05
N GLU C 23 15.31 24.18 2.77
CA GLU C 23 16.53 24.42 2.01
C GLU C 23 17.27 25.66 2.51
N LEU C 24 16.53 26.65 2.99
CA LEU C 24 17.13 27.87 3.54
C LEU C 24 17.39 27.77 5.04
N GLY C 25 17.04 26.64 5.64
CA GLY C 25 17.24 26.43 7.06
C GLY C 25 16.25 27.20 7.90
N ILE C 26 15.10 27.53 7.31
CA ILE C 26 14.05 28.25 8.00
C ILE C 26 13.08 27.28 8.68
N LYS C 27 12.88 27.48 9.99
CA LYS C 27 11.96 26.64 10.73
C LYS C 27 10.53 26.86 10.24
N THR C 28 9.76 25.78 10.16
CA THR C 28 8.42 25.84 9.60
C THR C 28 7.34 25.56 10.64
N VAL C 29 6.22 26.28 10.51
CA VAL C 29 5.05 26.02 11.34
C VAL C 29 3.83 25.80 10.43
N ALA C 30 3.36 24.57 10.34
CA ALA C 30 2.19 24.25 9.55
C ALA C 30 0.90 24.40 10.33
N VAL C 31 0.14 25.44 10.02
CA VAL C 31 -1.22 25.58 10.57
C VAL C 31 -2.16 24.82 9.65
N HIS C 32 -3.08 24.06 10.24
CA HIS C 32 -3.95 23.19 9.45
C HIS C 32 -5.35 23.06 10.05
N SER C 33 -6.31 22.74 9.19
CA SER C 33 -7.65 22.41 9.65
C SER C 33 -7.62 21.03 10.27
N SER C 34 -8.69 20.66 10.97
CA SER C 34 -8.77 19.36 11.62
C SER C 34 -8.82 18.25 10.58
N ALA C 35 -9.17 18.60 9.34
CA ALA C 35 -9.28 17.62 8.27
C ALA C 35 -7.97 17.45 7.51
N ASP C 36 -6.96 18.22 7.88
CA ASP C 36 -5.68 18.21 7.17
C ASP C 36 -4.51 17.73 8.03
N ARG C 37 -4.80 16.89 9.02
CA ARG C 37 -3.75 16.31 9.86
C ARG C 37 -2.81 15.41 9.07
N ASP C 38 -3.30 14.83 7.97
CA ASP C 38 -2.52 13.86 7.21
C ASP C 38 -1.72 14.47 6.05
N LEU C 39 -1.79 15.79 5.90
CA LEU C 39 -1.03 16.46 4.85
C LEU C 39 0.47 16.23 4.99
N LYS C 40 1.15 15.93 3.89
CA LYS C 40 2.58 15.69 3.91
C LYS C 40 3.34 16.85 4.53
N HIS C 41 3.04 18.08 4.11
CA HIS C 41 3.77 19.23 4.62
C HIS C 41 3.54 19.37 6.13
N VAL C 42 2.35 19.00 6.58
CA VAL C 42 2.05 18.99 8.01
C VAL C 42 2.92 17.93 8.72
N LEU C 43 3.04 16.77 8.10
CA LEU C 43 3.83 15.69 8.67
C LEU C 43 5.33 16.02 8.70
N LEU C 44 5.77 16.86 7.76
CA LEU C 44 7.19 17.22 7.67
C LEU C 44 7.55 18.47 8.46
N ALA C 45 6.56 19.30 8.77
CA ALA C 45 6.83 20.58 9.43
C ALA C 45 7.48 20.37 10.78
N ASP C 46 8.22 21.38 11.24
CA ASP C 46 8.89 21.32 12.53
C ASP C 46 7.89 21.49 13.67
N GLU C 47 6.88 22.31 13.45
CA GLU C 47 5.82 22.53 14.43
C GLU C 47 4.47 22.55 13.72
N THR C 48 3.44 22.05 14.39
CA THR C 48 2.09 22.05 13.81
C THR C 48 1.09 22.75 14.75
N VAL C 49 0.07 23.36 14.16
CA VAL C 49 -0.97 24.03 14.92
C VAL C 49 -2.33 23.89 14.22
N CYS C 50 -3.25 23.18 14.86
CA CYS C 50 -4.61 23.11 14.35
C CYS C 50 -5.32 24.43 14.61
N ILE C 51 -5.96 24.98 13.59
CA ILE C 51 -6.53 26.32 13.68
C ILE C 51 -8.06 26.35 13.56
N GLY C 52 -8.66 25.19 13.30
CA GLY C 52 -10.11 25.13 13.19
C GLY C 52 -10.62 23.87 12.49
N PRO C 53 -11.95 23.77 12.34
CA PRO C 53 -12.60 22.64 11.67
C PRO C 53 -12.39 22.68 10.15
N ALA C 54 -12.95 21.72 9.44
CA ALA C 54 -12.68 21.53 8.02
C ALA C 54 -12.92 22.78 7.18
N PRO C 55 -14.14 23.36 7.27
CA PRO C 55 -14.48 24.48 6.39
C PRO C 55 -13.43 25.59 6.37
N SER C 56 -13.11 26.09 5.18
CA SER C 56 -12.09 27.13 5.03
C SER C 56 -12.41 28.36 5.89
N VAL C 57 -13.67 28.77 5.89
CA VAL C 57 -14.08 29.97 6.61
C VAL C 57 -13.75 29.91 8.09
N LYS C 58 -13.64 28.69 8.61
CA LYS C 58 -13.40 28.49 10.03
C LYS C 58 -11.95 28.09 10.32
N SER C 59 -11.17 27.90 9.25
CA SER C 59 -9.76 27.49 9.40
C SER C 59 -8.79 28.41 8.64
N TYR C 60 -8.62 28.18 7.35
CA TYR C 60 -7.62 28.90 6.57
C TYR C 60 -8.00 30.35 6.24
N LEU C 61 -9.24 30.71 6.54
CA LEU C 61 -9.68 32.10 6.42
C LEU C 61 -9.88 32.70 7.81
N ASN C 62 -9.39 31.99 8.82
CA ASN C 62 -9.55 32.41 10.21
C ASN C 62 -8.35 33.24 10.65
N ILE C 63 -8.46 34.55 10.46
CA ILE C 63 -7.34 35.46 10.73
C ILE C 63 -6.82 35.39 12.17
N PRO C 64 -7.74 35.48 13.15
CA PRO C 64 -7.31 35.41 14.55
C PRO C 64 -6.55 34.13 14.89
N ALA C 65 -6.99 33.01 14.33
CA ALA C 65 -6.36 31.72 14.63
C ALA C 65 -4.94 31.65 14.09
N ILE C 66 -4.75 32.12 12.86
CA ILE C 66 -3.46 32.06 12.20
C ILE C 66 -2.44 32.97 12.89
N ILE C 67 -2.84 34.20 13.18
CA ILE C 67 -1.97 35.12 13.89
C ILE C 67 -1.62 34.55 15.26
N SER C 68 -2.63 33.98 15.93
CA SER C 68 -2.42 33.37 17.24
C SER C 68 -1.39 32.25 17.18
N ALA C 69 -1.43 31.46 16.11
CA ALA C 69 -0.47 30.38 15.92
C ALA C 69 0.94 30.95 15.78
N ALA C 70 1.06 32.01 14.99
CA ALA C 70 2.34 32.69 14.82
C ALA C 70 2.90 33.17 16.16
N GLU C 71 2.01 33.69 17.01
CA GLU C 71 2.40 34.25 18.30
C GLU C 71 2.91 33.18 19.26
N ILE C 72 2.15 32.10 19.40
CA ILE C 72 2.48 31.04 20.35
C ILE C 72 3.69 30.22 19.92
N THR C 73 3.91 30.07 18.62
CA THR C 73 5.07 29.34 18.13
C THR C 73 6.30 30.26 18.05
N GLY C 74 6.08 31.56 18.07
CA GLY C 74 7.17 32.52 18.03
C GLY C 74 7.74 32.71 16.63
N ALA C 75 6.89 32.55 15.62
CA ALA C 75 7.31 32.78 14.24
C ALA C 75 7.57 34.27 14.01
N VAL C 76 8.36 34.58 12.98
CA VAL C 76 8.67 35.97 12.67
C VAL C 76 7.90 36.45 11.44
N ALA C 77 7.47 35.51 10.59
CA ALA C 77 6.79 35.86 9.34
C ALA C 77 5.71 34.86 9.00
N ILE C 78 4.84 35.24 8.06
CA ILE C 78 3.75 34.37 7.61
C ILE C 78 3.66 34.38 6.10
N HIS C 79 3.69 33.19 5.50
CA HIS C 79 3.55 33.06 4.05
C HIS C 79 2.12 32.62 3.74
N PRO C 80 1.37 33.46 3.00
CA PRO C 80 -0.04 33.18 2.74
C PRO C 80 -0.30 32.27 1.55
N GLY C 81 0.62 32.24 0.59
CA GLY C 81 0.52 31.32 -0.53
C GLY C 81 -0.31 31.96 -1.62
N TYR C 82 -1.16 31.16 -2.26
CA TYR C 82 -2.16 31.73 -3.16
C TYR C 82 -3.56 31.40 -2.65
N GLY C 83 -4.54 32.16 -3.09
CA GLY C 83 -5.90 31.99 -2.62
C GLY C 83 -6.02 32.34 -1.15
N PHE C 84 -7.08 31.84 -0.51
CA PHE C 84 -7.33 32.10 0.90
C PHE C 84 -7.13 33.57 1.27
N LEU C 85 -6.12 33.86 2.08
CA LEU C 85 -5.93 35.20 2.64
C LEU C 85 -4.77 35.94 2.00
N SER C 86 -4.24 35.40 0.91
CA SER C 86 -3.06 35.98 0.27
C SER C 86 -3.29 37.40 -0.25
N GLU C 87 -4.51 37.69 -0.69
CA GLU C 87 -4.84 39.01 -1.22
C GLU C 87 -5.89 39.69 -0.34
N ASN C 88 -5.80 39.42 0.96
CA ASN C 88 -6.70 40.03 1.92
C ASN C 88 -6.00 41.14 2.69
N ALA C 89 -6.24 42.38 2.27
CA ALA C 89 -5.55 43.55 2.83
C ALA C 89 -5.67 43.58 4.36
N ASN C 90 -6.86 43.27 4.87
CA ASN C 90 -7.09 43.29 6.30
C ASN C 90 -6.15 42.31 7.02
N PHE C 91 -6.01 41.12 6.47
CA PHE C 91 -5.15 40.10 7.05
C PHE C 91 -3.71 40.59 7.12
N ALA C 92 -3.18 41.09 6.01
CA ALA C 92 -1.83 41.63 5.97
C ALA C 92 -1.64 42.70 7.04
N GLU C 93 -2.65 43.54 7.20
CA GLU C 93 -2.60 44.63 8.19
C GLU C 93 -2.40 44.11 9.61
N GLN C 94 -3.27 43.20 10.04
CA GLN C 94 -3.19 42.66 11.40
C GLN C 94 -1.92 41.85 11.60
N VAL C 95 -1.43 41.22 10.54
CA VAL C 95 -0.20 40.45 10.62
C VAL C 95 0.93 41.39 10.97
N GLU C 96 1.03 42.50 10.25
CA GLU C 96 2.09 43.47 10.48
C GLU C 96 2.02 44.13 11.85
N ARG C 97 0.83 44.57 12.27
CA ARG C 97 0.72 45.32 13.52
C ARG C 97 0.92 44.39 14.72
N SER C 98 0.70 43.10 14.51
CA SER C 98 0.91 42.10 15.55
C SER C 98 2.40 41.74 15.65
N GLY C 99 3.21 42.40 14.83
CA GLY C 99 4.66 42.25 14.92
C GLY C 99 5.24 41.15 14.06
N PHE C 100 4.50 40.72 13.04
CA PHE C 100 4.99 39.69 12.13
C PHE C 100 5.19 40.27 10.74
N ILE C 101 6.12 39.68 9.99
CA ILE C 101 6.34 40.08 8.61
C ILE C 101 5.33 39.35 7.71
N PHE C 102 4.65 40.12 6.88
CA PHE C 102 3.75 39.54 5.88
C PHE C 102 4.51 39.31 4.58
N ILE C 103 4.76 38.04 4.26
CA ILE C 103 5.48 37.69 3.05
C ILE C 103 4.60 37.97 1.84
N GLY C 104 4.63 39.23 1.40
CA GLY C 104 3.80 39.70 0.31
C GLY C 104 3.93 41.21 0.22
N PRO C 105 3.05 41.85 -0.55
CA PRO C 105 3.13 43.31 -0.70
C PRO C 105 2.48 44.04 0.47
N LYS C 106 2.64 45.36 0.51
CA LYS C 106 2.01 46.15 1.55
C LYS C 106 0.50 46.10 1.43
N ALA C 107 -0.18 46.18 2.58
CA ALA C 107 -1.64 46.15 2.59
C ALA C 107 -2.19 47.22 1.65
N GLU C 108 -1.54 48.38 1.63
CA GLU C 108 -1.95 49.49 0.77
C GLU C 108 -1.97 49.07 -0.69
N THR C 109 -0.99 48.25 -1.07
CA THR C 109 -0.85 47.80 -2.45
C THR C 109 -1.93 46.78 -2.81
N ILE C 110 -2.26 45.93 -1.84
CA ILE C 110 -3.28 44.90 -2.05
C ILE C 110 -4.63 45.56 -2.30
N ARG C 111 -4.95 46.56 -1.48
CA ARG C 111 -6.20 47.31 -1.63
C ARG C 111 -6.22 48.00 -2.99
N LEU C 112 -5.11 48.64 -3.33
CA LEU C 112 -5.00 49.35 -4.59
C LEU C 112 -5.38 48.45 -5.76
N MET C 113 -4.74 47.30 -5.85
CA MET C 113 -4.96 46.38 -6.96
C MET C 113 -6.14 45.43 -6.70
N GLY C 114 -6.69 45.48 -5.49
CA GLY C 114 -7.82 44.65 -5.13
C GLY C 114 -9.13 45.21 -5.64
N ASP C 115 -9.13 46.49 -6.02
CA ASP C 115 -10.33 47.12 -6.58
C ASP C 115 -10.14 47.35 -8.07
N LYS C 116 -11.11 46.89 -8.85
CA LYS C 116 -11.03 46.98 -10.32
C LYS C 116 -10.71 48.41 -10.76
N VAL C 117 -11.45 49.37 -10.23
CA VAL C 117 -11.34 50.76 -10.64
C VAL C 117 -9.97 51.37 -10.29
N SER C 118 -9.57 51.22 -9.03
CA SER C 118 -8.30 51.80 -8.56
C SER C 118 -7.11 51.12 -9.24
N ALA C 119 -7.26 49.83 -9.52
CA ALA C 119 -6.20 49.08 -10.18
C ALA C 119 -5.97 49.65 -11.56
N ILE C 120 -7.06 49.81 -12.31
CA ILE C 120 -6.99 50.39 -13.64
C ILE C 120 -6.31 51.76 -13.58
N ALA C 121 -6.74 52.59 -12.64
CA ALA C 121 -6.18 53.92 -12.48
C ALA C 121 -4.67 53.85 -12.40
N ALA C 122 -4.17 52.98 -11.53
CA ALA C 122 -2.72 52.82 -11.34
C ALA C 122 -2.02 52.38 -12.64
N MET C 123 -2.60 51.42 -13.34
CA MET C 123 -1.98 50.88 -14.54
C MET C 123 -1.82 51.94 -15.64
N LYS C 124 -2.87 52.68 -15.92
CA LYS C 124 -2.80 53.77 -16.89
C LYS C 124 -1.74 54.77 -16.44
N LYS C 125 -1.78 55.13 -15.17
CA LYS C 125 -0.83 56.05 -14.58
C LYS C 125 0.60 55.56 -14.84
N ALA C 126 0.79 54.26 -14.81
CA ALA C 126 2.11 53.67 -15.00
C ALA C 126 2.44 53.42 -16.47
N GLY C 127 1.44 53.49 -17.33
CA GLY C 127 1.65 53.28 -18.75
C GLY C 127 1.34 51.86 -19.20
N VAL C 128 0.74 51.08 -18.31
CA VAL C 128 0.32 49.72 -18.64
C VAL C 128 -0.97 49.76 -19.46
N PRO C 129 -0.98 49.11 -20.63
CA PRO C 129 -2.15 49.13 -21.51
C PRO C 129 -3.35 48.45 -20.87
N CYS C 130 -4.47 49.15 -20.78
CA CYS C 130 -5.67 48.58 -20.16
C CYS C 130 -6.79 48.37 -21.17
N VAL C 131 -7.89 47.80 -20.71
CA VAL C 131 -9.05 47.55 -21.56
C VAL C 131 -9.81 48.85 -21.81
N PRO C 132 -9.95 49.24 -23.08
CA PRO C 132 -10.71 50.47 -23.38
C PRO C 132 -12.16 50.36 -22.89
N GLY C 133 -12.65 51.40 -22.24
CA GLY C 133 -14.01 51.40 -21.73
C GLY C 133 -14.60 52.79 -21.67
N SER C 134 -15.89 52.87 -21.38
CA SER C 134 -16.61 54.14 -21.35
C SER C 134 -16.08 55.08 -20.28
N ASP C 135 -15.38 54.55 -19.29
CA ASP C 135 -14.87 55.36 -18.19
C ASP C 135 -16.02 56.13 -17.56
N GLY C 136 -16.93 55.38 -16.92
CA GLY C 136 -18.15 55.96 -16.39
C GLY C 136 -19.35 55.37 -17.10
N PRO C 137 -20.53 55.48 -16.49
CA PRO C 137 -21.76 54.91 -17.04
C PRO C 137 -22.18 55.56 -18.36
N LEU C 138 -23.24 55.05 -18.98
CA LEU C 138 -23.71 55.57 -20.26
C LEU C 138 -25.04 56.29 -20.12
N GLY C 139 -25.26 57.27 -20.99
CA GLY C 139 -26.50 58.03 -20.99
C GLY C 139 -27.42 57.60 -22.11
N ASP C 140 -28.45 58.38 -22.37
CA ASP C 140 -29.42 58.08 -23.41
C ASP C 140 -29.03 58.71 -24.75
N ASP C 141 -28.05 59.60 -24.72
CA ASP C 141 -27.59 60.27 -25.93
C ASP C 141 -26.87 59.27 -26.84
N MET C 142 -27.44 59.00 -28.00
CA MET C 142 -26.89 58.01 -28.92
C MET C 142 -25.71 58.54 -29.73
N ASP C 143 -25.63 59.86 -29.90
CA ASP C 143 -24.48 60.46 -30.57
C ASP C 143 -23.23 60.20 -29.74
N LYS C 144 -23.34 60.45 -28.44
CA LYS C 144 -22.25 60.21 -27.52
C LYS C 144 -21.87 58.73 -27.49
N ASN C 145 -22.85 57.86 -27.31
CA ASN C 145 -22.60 56.43 -27.22
C ASN C 145 -21.88 55.90 -28.46
N ARG C 146 -22.27 56.38 -29.64
CA ARG C 146 -21.65 55.94 -30.88
C ARG C 146 -20.23 56.48 -31.00
N ALA C 147 -20.01 57.70 -30.55
CA ALA C 147 -18.67 58.28 -30.53
C ALA C 147 -17.73 57.48 -29.63
N ILE C 148 -18.28 56.99 -28.52
CA ILE C 148 -17.49 56.23 -27.55
C ILE C 148 -17.14 54.87 -28.14
N ALA C 149 -18.11 54.27 -28.83
CA ALA C 149 -17.91 52.99 -29.49
C ALA C 149 -16.88 53.13 -30.60
N LYS C 150 -16.87 54.29 -31.25
CA LYS C 150 -15.93 54.55 -32.33
C LYS C 150 -14.51 54.60 -31.80
N ARG C 151 -14.33 55.35 -30.71
CA ARG C 151 -13.02 55.47 -30.07
C ARG C 151 -12.50 54.09 -29.71
N ILE C 152 -13.29 53.38 -28.92
CA ILE C 152 -12.95 52.04 -28.48
C ILE C 152 -12.72 51.08 -29.64
N GLY C 153 -13.53 51.20 -30.68
CA GLY C 153 -13.38 50.36 -31.85
C GLY C 153 -14.21 49.08 -31.71
N TYR C 154 -15.03 48.79 -32.72
CA TYR C 154 -15.85 47.60 -32.70
C TYR C 154 -15.02 46.34 -32.89
N PRO C 155 -15.51 45.20 -32.37
CA PRO C 155 -16.79 45.10 -31.64
C PRO C 155 -16.68 45.57 -30.19
N VAL C 156 -17.80 45.92 -29.58
CA VAL C 156 -17.83 46.32 -28.19
C VAL C 156 -18.84 45.47 -27.41
N ILE C 157 -18.86 45.65 -26.09
CA ILE C 157 -19.73 44.89 -25.20
C ILE C 157 -20.32 45.79 -24.12
N ILE C 158 -21.60 45.59 -23.80
CA ILE C 158 -22.24 46.34 -22.74
C ILE C 158 -22.39 45.47 -21.49
N LYS C 159 -22.01 46.01 -20.34
CA LYS C 159 -22.06 45.26 -19.10
C LYS C 159 -22.78 46.06 -18.03
N ALA C 160 -23.34 45.36 -17.04
CA ALA C 160 -24.12 45.98 -15.97
C ALA C 160 -23.27 46.29 -14.75
N SER C 161 -23.65 47.33 -14.01
CA SER C 161 -23.00 47.78 -12.79
C SER C 161 -22.70 49.27 -12.87
N ARG C 170 -24.73 42.31 -23.47
CA ARG C 170 -25.02 42.07 -24.88
C ARG C 170 -23.87 42.59 -25.74
N VAL C 171 -23.54 41.85 -26.80
CA VAL C 171 -22.44 42.21 -27.68
C VAL C 171 -22.96 43.08 -28.82
N VAL C 172 -22.22 44.14 -29.13
CA VAL C 172 -22.54 45.00 -30.26
C VAL C 172 -21.39 44.95 -31.27
N ARG C 173 -21.74 44.70 -32.52
CA ARG C 173 -20.75 44.53 -33.58
C ARG C 173 -20.86 45.64 -34.61
N GLY C 174 -21.90 46.44 -34.50
CA GLY C 174 -22.16 47.51 -35.44
C GLY C 174 -23.03 48.61 -34.85
N ASP C 175 -23.04 49.76 -35.52
CA ASP C 175 -23.81 50.91 -35.07
C ASP C 175 -25.30 50.57 -35.05
N ALA C 176 -25.74 49.89 -36.10
CA ALA C 176 -27.15 49.57 -36.27
C ALA C 176 -27.72 48.76 -35.10
N GLU C 177 -26.85 48.02 -34.42
CA GLU C 177 -27.29 47.13 -33.35
C GLU C 177 -26.88 47.62 -31.97
N LEU C 178 -26.46 48.88 -31.89
CA LEU C 178 -26.06 49.47 -30.61
C LEU C 178 -27.26 49.89 -29.76
N ALA C 179 -28.14 50.70 -30.33
CA ALA C 179 -29.26 51.28 -29.60
C ALA C 179 -30.01 50.27 -28.73
N GLN C 180 -30.51 49.21 -29.35
CA GLN C 180 -31.32 48.23 -28.63
C GLN C 180 -30.52 47.44 -27.59
N SER C 181 -29.22 47.31 -27.84
CA SER C 181 -28.37 46.49 -26.96
C SER C 181 -28.21 47.16 -25.59
N ILE C 182 -28.25 48.48 -25.56
CA ILE C 182 -28.13 49.21 -24.30
C ILE C 182 -29.39 49.01 -23.45
N ASP C 196 -30.90 51.00 -14.00
CA ASP C 196 -29.88 49.99 -14.23
C ASP C 196 -28.58 50.63 -14.72
N MET C 197 -27.60 50.73 -13.83
CA MET C 197 -26.32 51.33 -14.19
C MET C 197 -25.61 50.47 -15.23
N VAL C 198 -25.12 51.12 -16.29
CA VAL C 198 -24.51 50.40 -17.41
C VAL C 198 -23.19 51.03 -17.81
N TYR C 199 -22.31 50.25 -18.42
CA TYR C 199 -21.07 50.78 -18.99
C TYR C 199 -20.66 49.98 -20.22
N MET C 200 -19.64 50.46 -20.93
CA MET C 200 -19.22 49.84 -22.19
C MET C 200 -17.72 49.58 -22.20
N GLU C 201 -17.32 48.44 -22.76
CA GLU C 201 -15.92 48.08 -22.88
C GLU C 201 -15.64 47.54 -24.27
N LYS C 202 -14.36 47.44 -24.63
CA LYS C 202 -14.01 46.80 -25.89
C LYS C 202 -14.19 45.29 -25.75
N TYR C 203 -14.75 44.67 -26.78
CA TYR C 203 -14.98 43.23 -26.76
C TYR C 203 -13.86 42.49 -27.49
N LEU C 204 -13.04 41.79 -26.72
CA LEU C 204 -11.98 40.95 -27.26
C LEU C 204 -12.57 39.56 -27.44
N GLU C 205 -12.83 39.19 -28.69
CA GLU C 205 -13.62 38.01 -28.98
C GLU C 205 -12.88 36.71 -28.72
N ASN C 206 -11.72 36.54 -29.34
CA ASN C 206 -10.91 35.35 -29.13
C ASN C 206 -9.46 35.69 -28.78
N PRO C 207 -9.24 36.21 -27.56
CA PRO C 207 -7.94 36.57 -27.00
C PRO C 207 -7.25 35.39 -26.30
N ARG C 208 -5.98 35.58 -25.96
CA ARG C 208 -5.24 34.58 -25.21
C ARG C 208 -4.86 35.18 -23.86
N HIS C 209 -4.94 34.36 -22.83
CA HIS C 209 -4.50 34.77 -21.50
C HIS C 209 -2.98 34.71 -21.40
N VAL C 210 -2.34 35.89 -21.44
CA VAL C 210 -0.90 35.98 -21.30
C VAL C 210 -0.57 36.86 -20.09
N GLU C 211 0.22 36.33 -19.17
CA GLU C 211 0.54 37.02 -17.92
C GLU C 211 2.05 37.13 -17.74
N ILE C 212 2.47 38.18 -17.02
CA ILE C 212 3.88 38.46 -16.84
C ILE C 212 4.29 38.33 -15.37
N GLN C 213 5.31 37.52 -15.11
CA GLN C 213 5.81 37.34 -13.76
C GLN C 213 6.76 38.48 -13.40
N VAL C 214 6.66 38.96 -12.17
CA VAL C 214 7.53 40.04 -11.71
C VAL C 214 7.98 39.83 -10.26
N LEU C 215 9.15 40.38 -9.95
CA LEU C 215 9.68 40.40 -8.59
C LEU C 215 10.12 41.82 -8.26
N ALA C 216 9.72 42.32 -7.11
CA ALA C 216 10.14 43.64 -6.66
C ALA C 216 10.53 43.58 -5.19
N ASP C 217 11.66 44.19 -4.84
CA ASP C 217 12.16 44.15 -3.48
C ASP C 217 11.55 45.26 -2.62
N GLY C 218 10.75 46.13 -3.24
CA GLY C 218 10.15 47.24 -2.54
C GLY C 218 11.20 48.29 -2.18
N GLN C 219 12.32 48.27 -2.90
CA GLN C 219 13.39 49.22 -2.68
C GLN C 219 13.79 49.89 -3.99
N GLY C 220 12.87 49.92 -4.94
CA GLY C 220 13.09 50.59 -6.21
C GLY C 220 13.46 49.66 -7.34
N ASN C 221 13.82 48.42 -7.02
CA ASN C 221 14.22 47.46 -8.04
C ASN C 221 13.06 46.53 -8.39
N ALA C 222 12.94 46.20 -9.67
CA ALA C 222 11.87 45.36 -10.15
C ALA C 222 12.23 44.73 -11.49
N ILE C 223 12.06 43.42 -11.60
CA ILE C 223 12.35 42.70 -12.83
C ILE C 223 11.16 41.87 -13.28
N TYR C 224 11.11 41.56 -14.58
CA TYR C 224 10.07 40.70 -15.13
C TYR C 224 10.70 39.39 -15.58
N LEU C 225 9.99 38.29 -15.37
CA LEU C 225 10.49 36.97 -15.71
C LEU C 225 9.66 36.34 -16.82
N ALA C 226 9.78 36.89 -18.03
CA ALA C 226 9.07 36.37 -19.19
C ALA C 226 7.58 36.27 -18.93
N GLU C 227 6.86 35.53 -19.76
CA GLU C 227 5.42 35.43 -19.65
C GLU C 227 4.94 33.98 -19.59
N ARG C 228 3.64 33.82 -19.40
CA ARG C 228 3.01 32.50 -19.38
C ARG C 228 1.69 32.57 -20.14
N ASP C 229 1.38 31.52 -20.89
CA ASP C 229 0.09 31.41 -21.54
C ASP C 229 -0.79 30.46 -20.75
N CYS C 230 -1.97 30.92 -20.34
CA CYS C 230 -2.89 30.11 -19.54
C CYS C 230 -4.27 30.08 -20.18
N SER C 231 -4.31 29.87 -21.50
CA SER C 231 -5.56 29.96 -22.25
C SER C 231 -6.52 28.80 -21.99
N MET C 232 -5.98 27.59 -21.83
CA MET C 232 -6.83 26.43 -21.56
C MET C 232 -7.55 26.61 -20.23
N GLN C 233 -8.85 26.89 -20.31
CA GLN C 233 -9.64 27.19 -19.12
C GLN C 233 -11.02 26.57 -19.14
N ARG C 234 -11.54 26.27 -17.95
CA ARG C 234 -12.95 25.92 -17.78
C ARG C 234 -13.55 26.81 -16.70
N ARG C 235 -14.62 27.52 -17.03
CA ARG C 235 -15.20 28.47 -16.09
C ARG C 235 -14.15 29.43 -15.54
N HIS C 236 -13.30 29.94 -16.43
CA HIS C 236 -12.30 30.93 -16.05
C HIS C 236 -11.25 30.33 -15.11
N GLN C 237 -11.20 29.01 -15.05
CA GLN C 237 -10.22 28.32 -14.21
C GLN C 237 -9.15 27.70 -15.10
N LYS C 238 -7.90 27.99 -14.77
CA LYS C 238 -6.77 27.53 -15.58
C LYS C 238 -6.61 26.01 -15.49
N VAL C 239 -6.40 25.39 -16.65
CA VAL C 239 -6.22 23.95 -16.71
C VAL C 239 -4.79 23.61 -17.16
N VAL C 240 -4.28 24.38 -18.11
CA VAL C 240 -2.93 24.19 -18.60
C VAL C 240 -2.21 25.53 -18.72
N GLU C 241 -0.95 25.57 -18.32
CA GLU C 241 -0.14 26.77 -18.47
C GLU C 241 1.20 26.43 -19.12
N GLU C 242 1.80 27.40 -19.80
CA GLU C 242 3.10 27.17 -20.42
C GLU C 242 3.93 28.44 -20.51
N ALA C 243 5.25 28.26 -20.61
CA ALA C 243 6.18 29.38 -20.69
C ALA C 243 7.40 28.99 -21.52
N PRO C 244 7.84 29.90 -22.41
CA PRO C 244 7.19 31.18 -22.69
C PRO C 244 5.91 31.00 -23.49
N ALA C 245 5.24 32.09 -23.84
CA ALA C 245 4.01 32.03 -24.62
C ALA C 245 4.33 31.93 -26.11
N PRO C 246 3.75 30.93 -26.79
CA PRO C 246 3.96 30.77 -28.23
C PRO C 246 3.59 32.02 -29.01
N GLY C 247 4.41 32.39 -30.00
CA GLY C 247 4.11 33.51 -30.85
C GLY C 247 4.61 34.84 -30.31
N ILE C 248 5.06 34.84 -29.07
CA ILE C 248 5.56 36.07 -28.45
C ILE C 248 7.03 36.28 -28.78
N THR C 249 7.32 37.34 -29.51
CA THR C 249 8.68 37.70 -29.88
C THR C 249 9.39 38.33 -28.68
N PRO C 250 10.73 38.27 -28.68
CA PRO C 250 11.52 38.89 -27.61
C PRO C 250 11.26 40.40 -27.49
N GLU C 251 10.86 41.04 -28.59
CA GLU C 251 10.60 42.48 -28.58
C GLU C 251 9.25 42.76 -27.92
N LEU C 252 8.28 41.90 -28.18
CA LEU C 252 6.97 42.03 -27.58
C LEU C 252 7.06 41.73 -26.08
N ARG C 253 7.82 40.70 -25.75
CA ARG C 253 8.10 40.36 -24.36
C ARG C 253 8.78 41.51 -23.63
N ARG C 254 9.73 42.16 -24.30
CA ARG C 254 10.45 43.27 -23.70
C ARG C 254 9.53 44.48 -23.50
N TYR C 255 8.63 44.69 -24.44
CA TYR C 255 7.68 45.79 -24.38
C TYR C 255 6.81 45.67 -23.12
N ILE C 256 6.02 44.61 -23.06
CA ILE C 256 5.06 44.44 -21.98
C ILE C 256 5.77 44.25 -20.64
N GLY C 257 6.90 43.55 -20.69
CA GLY C 257 7.65 43.24 -19.49
C GLY C 257 8.19 44.49 -18.83
N GLU C 258 8.77 45.38 -19.64
CA GLU C 258 9.34 46.61 -19.13
C GLU C 258 8.26 47.50 -18.53
N ARG C 259 7.12 47.57 -19.21
CA ARG C 259 6.00 48.34 -18.68
C ARG C 259 5.54 47.81 -17.31
N CYS C 260 5.46 46.49 -17.17
CA CYS C 260 5.07 45.87 -15.91
C CYS C 260 6.06 46.21 -14.80
N ALA C 261 7.35 46.17 -15.12
CA ALA C 261 8.38 46.46 -14.13
C ALA C 261 8.29 47.89 -13.62
N LYS C 262 8.16 48.87 -14.52
CA LYS C 262 8.08 50.26 -14.06
C LYS C 262 6.82 50.45 -13.25
N ALA C 263 5.74 49.75 -13.64
CA ALA C 263 4.51 49.80 -12.86
C ALA C 263 4.77 49.33 -11.44
N CYS C 264 5.57 48.28 -11.27
CA CYS C 264 5.95 47.83 -9.94
C CYS C 264 6.61 48.96 -9.18
N VAL C 265 7.57 49.62 -9.84
CA VAL C 265 8.27 50.75 -9.23
C VAL C 265 7.29 51.87 -8.83
N ASP C 266 6.28 52.08 -9.66
CA ASP C 266 5.34 53.19 -9.46
C ASP C 266 4.47 52.98 -8.22
N ILE C 267 3.84 51.81 -8.14
CA ILE C 267 2.95 51.49 -7.02
C ILE C 267 3.73 50.99 -5.81
N GLY C 268 5.06 50.95 -5.92
CA GLY C 268 5.90 50.50 -4.83
C GLY C 268 5.64 49.06 -4.45
N TYR C 269 5.49 48.20 -5.45
CA TYR C 269 5.16 46.80 -5.19
C TYR C 269 6.29 46.08 -4.47
N ARG C 270 5.94 45.07 -3.69
CA ARG C 270 6.90 44.28 -2.95
C ARG C 270 6.51 42.80 -2.98
N GLY C 271 7.51 41.94 -3.09
CA GLY C 271 7.28 40.51 -3.23
C GLY C 271 7.14 40.09 -4.68
N ALA C 272 6.55 38.92 -4.89
CA ALA C 272 6.28 38.42 -6.22
C ALA C 272 4.86 38.80 -6.64
N GLY C 273 4.67 39.04 -7.93
CA GLY C 273 3.36 39.38 -8.46
C GLY C 273 3.20 38.97 -9.90
N THR C 274 1.97 39.02 -10.40
CA THR C 274 1.71 38.69 -11.81
C THR C 274 0.72 39.68 -12.43
N PHE C 275 1.08 40.18 -13.62
CA PHE C 275 0.19 41.04 -14.39
C PHE C 275 -0.50 40.21 -15.46
N GLU C 276 -1.78 39.93 -15.25
CA GLU C 276 -2.55 39.19 -16.24
C GLU C 276 -3.07 40.10 -17.34
N PHE C 277 -2.92 39.65 -18.59
CA PHE C 277 -3.38 40.38 -19.75
C PHE C 277 -4.17 39.47 -20.68
N LEU C 278 -5.14 40.05 -21.38
CA LEU C 278 -5.71 39.42 -22.56
C LEU C 278 -4.88 39.89 -23.76
N PHE C 279 -4.63 38.99 -24.70
CA PHE C 279 -3.75 39.28 -25.82
C PHE C 279 -4.43 38.98 -27.14
N GLU C 280 -4.64 40.03 -27.94
CA GLU C 280 -5.31 39.88 -29.22
C GLU C 280 -4.69 40.83 -30.26
N ASN C 281 -4.46 40.30 -31.46
CA ASN C 281 -3.84 41.06 -32.54
C ASN C 281 -2.63 41.87 -32.07
N GLY C 282 -1.69 41.19 -31.41
CA GLY C 282 -0.42 41.79 -31.03
C GLY C 282 -0.51 42.85 -29.94
N GLU C 283 -1.67 42.97 -29.31
CA GLU C 283 -1.87 43.98 -28.26
C GLU C 283 -2.24 43.35 -26.92
N PHE C 284 -1.76 43.97 -25.85
CA PHE C 284 -2.05 43.50 -24.50
C PHE C 284 -3.10 44.38 -23.82
N TYR C 285 -3.95 43.76 -23.01
CA TYR C 285 -4.97 44.49 -22.27
C TYR C 285 -5.05 44.01 -20.82
N PHE C 286 -4.61 44.87 -19.90
CA PHE C 286 -4.61 44.53 -18.47
C PHE C 286 -6.00 44.11 -18.00
N ILE C 287 -6.05 43.02 -17.24
CA ILE C 287 -7.32 42.58 -16.63
C ILE C 287 -7.22 42.63 -15.11
N GLU C 288 -6.10 42.17 -14.56
CA GLU C 288 -5.94 42.09 -13.11
C GLU C 288 -4.47 41.88 -12.76
N MET C 289 -4.08 42.29 -11.56
CA MET C 289 -2.76 41.98 -11.03
C MET C 289 -2.90 41.10 -9.81
N ASN C 290 -2.38 39.88 -9.90
CA ASN C 290 -2.36 38.98 -8.75
C ASN C 290 -1.20 39.38 -7.84
N THR C 291 -1.55 39.95 -6.69
CA THR C 291 -0.54 40.45 -5.76
C THR C 291 -0.11 39.33 -4.82
N ARG C 292 0.49 38.30 -5.40
CA ARG C 292 0.84 37.09 -4.68
C ARG C 292 1.52 36.12 -5.64
N ILE C 293 2.05 35.03 -5.11
CA ILE C 293 2.56 33.96 -5.96
C ILE C 293 1.36 33.31 -6.64
N GLN C 294 1.56 32.77 -7.83
CA GLN C 294 0.48 32.09 -8.53
C GLN C 294 0.70 30.58 -8.55
N VAL C 295 -0.35 29.84 -8.88
CA VAL C 295 -0.29 28.39 -8.95
C VAL C 295 0.76 27.95 -9.96
N GLU C 296 0.71 28.56 -11.14
CA GLU C 296 1.51 28.11 -12.28
C GLU C 296 2.92 28.71 -12.31
N HIS C 297 3.39 29.21 -11.17
CA HIS C 297 4.70 29.83 -11.11
C HIS C 297 5.83 28.87 -11.52
N PRO C 298 5.66 27.56 -11.29
CA PRO C 298 6.76 26.63 -11.60
C PRO C 298 7.23 26.65 -13.06
N VAL C 299 6.34 26.90 -14.01
CA VAL C 299 6.75 26.91 -15.42
C VAL C 299 7.75 28.03 -15.70
N THR C 300 7.61 29.14 -14.98
CA THR C 300 8.57 30.24 -15.10
C THR C 300 9.90 29.84 -14.49
N GLU C 301 9.86 29.11 -13.38
CA GLU C 301 11.07 28.64 -12.73
C GLU C 301 11.88 27.72 -13.64
N MET C 302 11.18 26.89 -14.42
CA MET C 302 11.84 25.92 -15.26
C MET C 302 12.66 26.60 -16.35
N ILE C 303 12.11 27.67 -16.91
CA ILE C 303 12.73 28.32 -18.06
C ILE C 303 13.68 29.46 -17.69
N THR C 304 13.63 29.90 -16.44
CA THR C 304 14.51 30.99 -15.98
C THR C 304 15.51 30.54 -14.91
N GLY C 305 15.19 29.45 -14.22
CA GLY C 305 16.06 28.96 -13.17
C GLY C 305 15.93 29.71 -11.86
N VAL C 306 15.01 30.66 -11.80
CA VAL C 306 14.80 31.43 -10.58
C VAL C 306 13.82 30.73 -9.65
N ASP C 307 14.21 30.60 -8.38
CA ASP C 307 13.32 30.03 -7.37
C ASP C 307 12.46 31.14 -6.78
N LEU C 308 11.23 31.24 -7.30
CA LEU C 308 10.34 32.35 -6.95
C LEU C 308 9.97 32.36 -5.46
N ILE C 309 9.83 31.20 -4.85
CA ILE C 309 9.47 31.13 -3.44
C ILE C 309 10.64 31.61 -2.58
N LYS C 310 11.84 31.13 -2.90
CA LYS C 310 13.03 31.57 -2.17
C LYS C 310 13.21 33.07 -2.34
N GLU C 311 12.83 33.59 -3.50
CA GLU C 311 12.94 35.03 -3.74
C GLU C 311 11.92 35.79 -2.90
N GLN C 312 10.73 35.21 -2.72
CA GLN C 312 9.73 35.80 -1.84
C GLN C 312 10.28 35.93 -0.43
N LEU C 313 10.89 34.85 0.06
CA LEU C 313 11.44 34.82 1.41
C LEU C 313 12.61 35.79 1.57
N ARG C 314 13.42 35.90 0.53
CA ARG C 314 14.59 36.78 0.54
C ARG C 314 14.16 38.24 0.60
N ILE C 315 13.12 38.57 -0.16
CA ILE C 315 12.60 39.93 -0.22
C ILE C 315 11.93 40.32 1.09
N ALA C 316 11.19 39.38 1.68
CA ALA C 316 10.51 39.63 2.94
C ALA C 316 11.52 39.83 4.07
N ALA C 317 12.67 39.18 3.94
CA ALA C 317 13.75 39.32 4.92
C ALA C 317 14.46 40.67 4.78
N GLY C 318 14.07 41.45 3.77
CA GLY C 318 14.62 42.78 3.60
C GLY C 318 15.75 42.86 2.59
N GLN C 319 16.04 41.76 1.90
CA GLN C 319 17.13 41.74 0.93
C GLN C 319 16.68 42.38 -0.38
N PRO C 320 17.59 43.11 -1.03
CA PRO C 320 17.31 43.67 -2.37
C PRO C 320 17.45 42.59 -3.43
N LEU C 321 16.85 42.80 -4.60
CA LEU C 321 16.89 41.81 -5.67
C LEU C 321 18.33 41.41 -5.99
N SER C 322 18.60 40.11 -5.90
CA SER C 322 19.91 39.59 -6.26
C SER C 322 20.00 39.44 -7.77
N ILE C 323 18.87 39.27 -8.44
CA ILE C 323 18.88 39.14 -9.89
C ILE C 323 18.60 40.50 -10.49
N LYS C 324 19.48 40.90 -11.39
CA LYS C 324 19.33 42.16 -12.09
C LYS C 324 18.94 41.85 -13.54
N GLN C 325 18.08 42.70 -14.11
CA GLN C 325 17.33 42.33 -15.33
C GLN C 325 18.13 41.68 -16.46
N GLU C 326 19.36 42.13 -16.71
CA GLU C 326 20.14 41.60 -17.82
C GLU C 326 20.39 40.11 -17.66
N GLU C 327 20.38 39.64 -16.41
CA GLU C 327 20.71 38.26 -16.10
C GLU C 327 19.54 37.29 -16.26
N VAL C 328 18.36 37.83 -16.57
CA VAL C 328 17.18 36.98 -16.73
C VAL C 328 17.09 36.46 -18.16
N HIS C 329 17.28 35.14 -18.31
CA HIS C 329 17.28 34.52 -19.63
C HIS C 329 16.21 33.44 -19.74
N VAL C 330 15.52 33.43 -20.87
CA VAL C 330 14.53 32.40 -21.15
C VAL C 330 15.20 31.26 -21.89
N ARG C 331 15.21 30.08 -21.28
CA ARG C 331 15.76 28.89 -21.91
C ARG C 331 14.75 27.75 -21.89
N GLY C 332 14.52 27.17 -23.06
CA GLY C 332 13.64 26.02 -23.19
C GLY C 332 12.18 26.38 -23.09
N HIS C 333 11.37 25.39 -22.72
CA HIS C 333 9.92 25.55 -22.68
C HIS C 333 9.36 24.64 -21.58
N ALA C 334 8.26 25.05 -20.98
CA ALA C 334 7.68 24.31 -19.87
C ALA C 334 6.17 24.31 -19.97
N VAL C 335 5.57 23.17 -19.65
CA VAL C 335 4.12 23.04 -19.65
C VAL C 335 3.69 22.53 -18.28
N GLU C 336 2.47 22.87 -17.88
CA GLU C 336 1.94 22.45 -16.59
C GLU C 336 0.49 22.03 -16.75
N CYS C 337 0.20 20.79 -16.36
CA CYS C 337 -1.17 20.32 -16.29
C CYS C 337 -1.58 20.27 -14.83
N ARG C 338 -2.69 20.93 -14.49
CA ARG C 338 -3.25 20.84 -13.15
C ARG C 338 -3.97 19.51 -12.97
N ILE C 339 -3.60 18.79 -11.92
CA ILE C 339 -4.29 17.56 -11.56
C ILE C 339 -5.36 17.83 -10.51
N ASN C 340 -6.61 17.61 -10.89
CA ASN C 340 -7.77 17.83 -10.02
C ASN C 340 -8.51 16.54 -9.69
N ALA C 341 -8.99 16.45 -8.46
CA ALA C 341 -9.84 15.34 -8.06
C ALA C 341 -11.28 15.62 -8.49
N GLU C 342 -11.60 15.22 -9.71
CA GLU C 342 -12.93 15.48 -10.27
C GLU C 342 -13.24 14.50 -11.40
N ASP C 343 -14.52 14.27 -11.64
CA ASP C 343 -14.95 13.43 -12.75
C ASP C 343 -14.48 14.08 -14.04
N PRO C 344 -13.76 13.31 -14.90
CA PRO C 344 -13.16 13.93 -16.08
C PRO C 344 -14.17 14.32 -17.16
N ASN C 345 -15.43 13.94 -16.96
CA ASN C 345 -16.48 14.23 -17.94
C ASN C 345 -17.55 15.18 -17.40
N THR C 346 -17.74 15.17 -16.09
CA THR C 346 -18.76 16.01 -15.46
C THR C 346 -18.17 17.01 -14.45
N PHE C 347 -16.88 16.89 -14.17
CA PHE C 347 -16.19 17.86 -13.32
C PHE C 347 -16.83 17.98 -11.95
N LEU C 348 -17.42 16.89 -11.48
CA LEU C 348 -17.92 16.81 -10.13
C LEU C 348 -16.73 16.59 -9.21
N PRO C 349 -16.65 17.38 -8.13
CA PRO C 349 -15.55 17.13 -7.18
C PRO C 349 -15.49 15.65 -6.83
N SER C 350 -14.29 15.14 -6.57
CA SER C 350 -14.11 13.71 -6.38
C SER C 350 -13.26 13.41 -5.15
N PRO C 351 -13.80 13.73 -3.96
CA PRO C 351 -13.10 13.39 -2.72
C PRO C 351 -13.08 11.88 -2.51
N GLY C 352 -12.18 11.40 -1.65
CA GLY C 352 -12.09 9.98 -1.37
C GLY C 352 -10.65 9.57 -1.10
N LYS C 353 -10.47 8.30 -0.76
CA LYS C 353 -9.13 7.80 -0.44
C LYS C 353 -8.36 7.38 -1.69
N ILE C 354 -7.11 7.81 -1.77
CA ILE C 354 -6.22 7.37 -2.83
C ILE C 354 -5.67 6.01 -2.46
N THR C 355 -6.09 4.99 -3.20
CA THR C 355 -5.76 3.60 -2.87
C THR C 355 -4.39 3.20 -3.39
N ARG C 356 -3.97 3.81 -4.49
CA ARG C 356 -2.65 3.54 -5.06
C ARG C 356 -2.14 4.80 -5.76
N PHE C 357 -0.90 5.16 -5.49
CA PHE C 357 -0.31 6.34 -6.12
C PHE C 357 1.11 6.09 -6.59
N HIS C 358 1.41 6.58 -7.79
CA HIS C 358 2.79 6.58 -8.28
C HIS C 358 3.08 7.83 -9.10
N ALA C 359 4.18 8.49 -8.76
CA ALA C 359 4.56 9.74 -9.42
C ALA C 359 5.45 9.47 -10.62
N PRO C 360 5.27 10.24 -11.69
CA PRO C 360 6.15 10.14 -12.86
C PRO C 360 7.54 10.68 -12.51
N GLY C 361 8.54 10.28 -13.28
CA GLY C 361 9.90 10.75 -13.08
C GLY C 361 10.57 10.99 -14.41
N GLY C 362 11.88 11.22 -14.39
CA GLY C 362 12.65 11.38 -15.60
C GLY C 362 13.15 12.79 -15.86
N PHE C 363 13.99 12.92 -16.89
CA PHE C 363 14.59 14.19 -17.26
C PHE C 363 13.52 15.24 -17.54
N GLY C 364 13.66 16.40 -16.91
CA GLY C 364 12.75 17.51 -17.14
C GLY C 364 11.38 17.38 -16.50
N VAL C 365 11.19 16.34 -15.69
CA VAL C 365 9.89 16.10 -15.06
C VAL C 365 9.88 16.57 -13.61
N ARG C 366 8.89 17.39 -13.27
CA ARG C 366 8.78 17.97 -11.94
C ARG C 366 7.37 17.77 -11.40
N TRP C 367 7.27 17.00 -10.32
CA TRP C 367 5.97 16.69 -9.71
C TRP C 367 5.78 17.50 -8.44
N GLU C 368 4.68 18.24 -8.39
CA GLU C 368 4.36 19.11 -7.27
C GLU C 368 3.03 18.70 -6.67
N SER C 369 3.07 17.87 -5.63
CA SER C 369 1.85 17.37 -5.01
C SER C 369 2.09 16.79 -3.62
N HIS C 370 1.06 16.86 -2.79
CA HIS C 370 1.12 16.41 -1.41
C HIS C 370 0.50 15.03 -1.27
N ILE C 371 -0.09 14.52 -2.34
CA ILE C 371 -0.83 13.28 -2.29
C ILE C 371 0.09 12.06 -2.20
N TYR C 372 -0.42 10.99 -1.61
CA TYR C 372 0.31 9.74 -1.50
C TYR C 372 -0.68 8.60 -1.24
N ALA C 373 -0.21 7.36 -1.34
CA ALA C 373 -1.05 6.20 -1.15
C ALA C 373 -1.60 6.16 0.28
N GLY C 374 -2.92 6.11 0.39
CA GLY C 374 -3.58 6.03 1.68
C GLY C 374 -4.15 7.36 2.12
N TYR C 375 -3.68 8.44 1.49
CA TYR C 375 -4.15 9.77 1.82
C TYR C 375 -5.55 10.00 1.28
N THR C 376 -6.42 10.55 2.11
CA THR C 376 -7.78 10.89 1.70
C THR C 376 -7.89 12.34 1.28
N VAL C 377 -8.48 12.59 0.12
CA VAL C 377 -8.81 13.94 -0.32
C VAL C 377 -10.13 14.34 0.32
N PRO C 378 -10.10 15.31 1.25
CA PRO C 378 -11.33 15.64 1.97
C PRO C 378 -12.34 16.36 1.08
N PRO C 379 -13.63 16.32 1.44
CA PRO C 379 -14.68 16.96 0.67
C PRO C 379 -14.76 18.46 0.93
N TYR C 380 -13.61 19.11 1.05
CA TYR C 380 -13.54 20.56 1.20
C TYR C 380 -12.41 21.08 0.34
N TYR C 381 -12.37 22.39 0.14
CA TYR C 381 -11.25 23.04 -0.54
C TYR C 381 -11.30 22.83 -2.05
N ASP C 382 -10.45 23.56 -2.77
CA ASP C 382 -10.37 23.44 -4.21
C ASP C 382 -10.00 22.00 -4.56
N SER C 383 -10.36 21.57 -5.76
CA SER C 383 -10.19 20.18 -6.16
C SER C 383 -8.80 19.87 -6.70
N MET C 384 -7.96 20.88 -6.85
CA MET C 384 -6.61 20.65 -7.35
C MET C 384 -5.78 19.95 -6.29
N ILE C 385 -5.28 18.77 -6.64
CA ILE C 385 -4.51 17.97 -5.70
C ILE C 385 -3.04 17.88 -6.10
N GLY C 386 -2.75 18.22 -7.36
CA GLY C 386 -1.36 18.23 -7.79
C GLY C 386 -1.09 19.07 -9.02
N LYS C 387 0.18 19.14 -9.40
CA LYS C 387 0.58 19.82 -10.63
C LYS C 387 1.75 19.08 -11.27
N LEU C 388 1.59 18.72 -12.54
CA LEU C 388 2.67 18.09 -13.28
C LEU C 388 3.28 19.11 -14.23
N ILE C 389 4.59 19.32 -14.14
CA ILE C 389 5.28 20.30 -14.98
C ILE C 389 6.44 19.65 -15.71
N CYS C 390 6.43 19.74 -17.04
CA CYS C 390 7.48 19.16 -17.86
C CYS C 390 8.25 20.22 -18.64
N TYR C 391 9.58 20.15 -18.55
CA TYR C 391 10.46 21.07 -19.27
C TYR C 391 11.15 20.37 -20.44
N GLY C 392 11.49 21.15 -21.45
CA GLY C 392 12.14 20.61 -22.64
C GLY C 392 12.91 21.68 -23.40
N GLU C 393 13.90 21.23 -24.17
CA GLU C 393 14.70 22.13 -25.00
C GLU C 393 13.81 23.00 -25.90
N ASN C 394 12.65 22.47 -26.27
CA ASN C 394 11.66 23.25 -27.03
C ASN C 394 10.25 22.81 -26.68
N ARG C 395 9.25 23.50 -27.23
CA ARG C 395 7.86 23.26 -26.89
C ARG C 395 7.43 21.82 -27.17
N ASP C 396 7.85 21.29 -28.32
CA ASP C 396 7.45 19.93 -28.70
C ASP C 396 7.96 18.90 -27.71
N VAL C 397 9.20 19.08 -27.25
CA VAL C 397 9.80 18.15 -26.29
C VAL C 397 9.08 18.24 -24.95
N ALA C 398 8.66 19.44 -24.57
CA ALA C 398 7.95 19.64 -23.32
C ALA C 398 6.61 18.89 -23.35
N ILE C 399 5.91 18.99 -24.47
CA ILE C 399 4.62 18.35 -24.63
C ILE C 399 4.72 16.82 -24.63
N ALA C 400 5.70 16.29 -25.35
CA ALA C 400 5.90 14.84 -25.41
C ALA C 400 6.23 14.30 -24.03
N ARG C 401 7.06 15.06 -23.30
CA ARG C 401 7.43 14.71 -21.94
C ARG C 401 6.18 14.63 -21.10
N MET C 402 5.29 15.60 -21.29
CA MET C 402 4.04 15.67 -20.55
C MET C 402 3.13 14.47 -20.84
N LYS C 403 3.08 14.04 -22.10
CA LYS C 403 2.27 12.88 -22.45
C LYS C 403 2.74 11.66 -21.68
N ASN C 404 4.04 11.38 -21.79
CA ASN C 404 4.61 10.21 -21.11
C ASN C 404 4.36 10.26 -19.61
N ALA C 405 4.58 11.43 -19.02
CA ALA C 405 4.49 11.59 -17.57
C ALA C 405 3.07 11.36 -17.10
N LEU C 406 2.11 11.86 -17.87
CA LEU C 406 0.70 11.70 -17.53
C LEU C 406 0.33 10.23 -17.60
N GLN C 407 0.88 9.53 -18.60
CA GLN C 407 0.59 8.11 -18.75
C GLN C 407 1.20 7.31 -17.59
N GLU C 408 2.35 7.77 -17.07
CA GLU C 408 2.99 7.12 -15.93
C GLU C 408 2.24 7.41 -14.62
N LEU C 409 1.66 8.61 -14.54
CA LEU C 409 0.99 9.05 -13.32
C LEU C 409 -0.16 8.11 -12.96
N ILE C 410 -0.11 7.57 -11.75
CA ILE C 410 -1.17 6.69 -11.25
C ILE C 410 -1.85 7.29 -10.02
N ILE C 411 -3.17 7.46 -10.10
CA ILE C 411 -3.97 7.91 -8.98
C ILE C 411 -5.30 7.16 -8.97
N ASP C 412 -5.37 6.12 -8.15
CA ASP C 412 -6.58 5.31 -8.06
C ASP C 412 -7.35 5.58 -6.76
N GLY C 413 -8.63 5.26 -6.76
CA GLY C 413 -9.47 5.48 -5.60
C GLY C 413 -10.40 6.65 -5.83
N ILE C 414 -9.92 7.62 -6.60
CA ILE C 414 -10.71 8.79 -6.96
C ILE C 414 -10.56 9.06 -8.45
N LYS C 415 -11.59 9.63 -9.05
CA LYS C 415 -11.51 10.12 -10.42
C LYS C 415 -10.67 11.39 -10.50
N THR C 416 -9.92 11.53 -11.59
CA THR C 416 -9.10 12.71 -11.82
C THR C 416 -9.27 13.18 -13.25
N ASN C 417 -8.72 14.35 -13.55
CA ASN C 417 -8.78 14.89 -14.90
C ASN C 417 -7.58 14.47 -15.74
N VAL C 418 -6.84 13.48 -15.26
CA VAL C 418 -5.64 13.03 -15.97
C VAL C 418 -5.95 12.69 -17.43
N ASP C 419 -7.00 11.91 -17.64
CA ASP C 419 -7.38 11.52 -18.99
C ASP C 419 -7.67 12.74 -19.86
N LEU C 420 -8.30 13.76 -19.25
CA LEU C 420 -8.57 15.00 -19.95
C LEU C 420 -7.27 15.67 -20.37
N GLN C 421 -6.29 15.70 -19.47
CA GLN C 421 -5.02 16.34 -19.75
C GLN C 421 -4.32 15.63 -20.91
N ILE C 422 -4.44 14.31 -20.96
CA ILE C 422 -3.86 13.52 -22.04
C ILE C 422 -4.51 13.93 -23.35
N ARG C 423 -5.83 14.04 -23.35
CA ARG C 423 -6.57 14.50 -24.53
C ARG C 423 -6.04 15.84 -25.02
N ILE C 424 -5.82 16.77 -24.09
CA ILE C 424 -5.36 18.11 -24.42
C ILE C 424 -3.97 18.08 -25.05
N MET C 425 -3.09 17.24 -24.51
CA MET C 425 -1.74 17.11 -25.05
C MET C 425 -1.80 16.53 -26.46
N ASN C 426 -2.79 15.68 -26.70
CA ASN C 426 -3.00 15.11 -28.02
C ASN C 426 -3.74 16.04 -28.99
N ASP C 427 -4.30 17.12 -28.45
CA ASP C 427 -5.06 18.06 -29.28
C ASP C 427 -4.17 18.76 -30.29
N GLU C 428 -4.55 18.69 -31.57
CA GLU C 428 -3.72 19.23 -32.64
C GLU C 428 -3.60 20.75 -32.57
N ASN C 429 -4.67 21.42 -32.18
CA ASN C 429 -4.64 22.87 -32.06
C ASN C 429 -3.75 23.31 -30.91
N PHE C 430 -3.73 22.52 -29.83
CA PHE C 430 -2.83 22.81 -28.73
C PHE C 430 -1.39 22.57 -29.15
N GLN C 431 -1.17 21.55 -29.97
CA GLN C 431 0.16 21.25 -30.47
C GLN C 431 0.66 22.34 -31.39
N HIS C 432 -0.27 22.98 -32.11
CA HIS C 432 0.06 24.16 -32.89
C HIS C 432 0.39 25.35 -31.99
N GLY C 433 -0.36 25.47 -30.89
CA GLY C 433 -0.17 26.54 -29.94
C GLY C 433 -1.03 27.74 -30.28
N GLY C 434 -1.26 28.59 -29.29
CA GLY C 434 -1.98 29.83 -29.52
C GLY C 434 -3.49 29.71 -29.42
N THR C 435 -3.98 28.61 -28.85
CA THR C 435 -5.41 28.45 -28.65
C THR C 435 -5.91 29.53 -27.70
N ASN C 436 -7.14 30.00 -27.90
CA ASN C 436 -7.68 31.11 -27.13
C ASN C 436 -8.32 30.64 -25.82
N ILE C 437 -8.82 31.60 -25.03
CA ILE C 437 -9.32 31.31 -23.70
C ILE C 437 -10.69 30.63 -23.71
N HIS C 438 -11.25 30.44 -24.89
CA HIS C 438 -12.55 29.78 -25.03
C HIS C 438 -12.43 28.40 -25.64
N TYR C 439 -11.23 28.02 -26.05
CA TYR C 439 -11.04 26.81 -26.85
C TYR C 439 -11.41 25.53 -26.10
N LEU C 440 -10.94 25.38 -24.87
CA LEU C 440 -11.17 24.16 -24.10
C LEU C 440 -12.65 23.87 -23.91
N GLU C 441 -13.43 24.91 -23.61
CA GLU C 441 -14.85 24.74 -23.39
C GLU C 441 -15.58 24.50 -24.71
N LYS C 442 -15.04 25.04 -25.80
CA LYS C 442 -15.58 24.77 -27.12
C LYS C 442 -15.32 23.33 -27.53
N LYS C 443 -14.22 22.77 -27.04
CA LYS C 443 -13.84 21.41 -27.37
C LYS C 443 -14.67 20.41 -26.58
N LEU C 444 -14.96 20.74 -25.33
CA LEU C 444 -15.71 19.84 -24.47
C LEU C 444 -17.21 20.03 -24.63
N GLY C 445 -17.60 20.95 -25.50
CA GLY C 445 -19.00 21.15 -25.82
C GLY C 445 -19.71 21.89 -24.72
N LEU C 446 -19.03 22.90 -24.17
CA LEU C 446 -19.61 23.74 -23.14
C LEU C 446 -19.75 25.19 -23.62
N SER D 99 -14.47 25.31 -5.73
CA SER D 99 -15.70 26.07 -5.84
C SER D 99 -15.51 27.46 -5.22
N GLY D 100 -16.58 28.25 -5.18
CA GLY D 100 -16.54 29.56 -4.55
C GLY D 100 -16.78 29.47 -3.07
N HIS D 101 -17.31 30.53 -2.47
CA HIS D 101 -17.63 30.53 -1.04
C HIS D 101 -18.87 29.69 -0.78
N ILE D 102 -18.75 28.71 0.11
CA ILE D 102 -19.84 27.77 0.36
C ILE D 102 -20.53 27.94 1.71
N VAL D 103 -21.80 28.34 1.67
CA VAL D 103 -22.65 28.24 2.84
C VAL D 103 -23.16 26.80 2.96
N ARG D 104 -22.71 26.14 4.01
CA ARG D 104 -23.05 24.74 4.29
C ARG D 104 -24.16 24.63 5.35
N SER D 105 -24.80 23.48 5.41
CA SER D 105 -25.85 23.24 6.40
C SER D 105 -25.25 22.97 7.77
N PRO D 106 -25.79 23.61 8.82
CA PRO D 106 -25.32 23.35 10.18
C PRO D 106 -26.09 22.21 10.89
N MET D 107 -27.01 21.56 10.18
CA MET D 107 -27.85 20.55 10.79
C MET D 107 -28.39 19.55 9.78
N VAL D 108 -28.93 18.44 10.29
CA VAL D 108 -29.62 17.46 9.46
C VAL D 108 -31.09 17.85 9.34
N GLY D 109 -31.65 17.74 8.13
CA GLY D 109 -33.04 18.06 7.91
C GLY D 109 -33.43 18.04 6.44
N THR D 110 -34.58 18.64 6.12
CA THR D 110 -35.07 18.69 4.75
C THR D 110 -34.96 20.09 4.16
N PHE D 111 -34.46 20.18 2.94
CA PHE D 111 -34.21 21.46 2.28
C PHE D 111 -35.44 21.97 1.53
N TYR D 112 -35.65 23.28 1.58
CA TYR D 112 -36.76 23.92 0.88
C TYR D 112 -36.30 25.26 0.33
N ARG D 113 -36.77 25.59 -0.87
CA ARG D 113 -36.36 26.81 -1.55
C ARG D 113 -37.27 27.97 -1.16
N THR D 114 -38.52 27.64 -0.82
CA THR D 114 -39.55 28.62 -0.53
C THR D 114 -40.17 28.37 0.84
N PRO D 115 -40.76 29.40 1.45
CA PRO D 115 -41.49 29.22 2.71
C PRO D 115 -42.78 28.42 2.47
N SER D 116 -43.32 28.53 1.27
CA SER D 116 -44.53 27.80 0.89
C SER D 116 -44.49 27.49 -0.62
N PRO D 117 -45.21 26.44 -1.04
CA PRO D 117 -45.18 26.02 -2.45
C PRO D 117 -45.47 27.17 -3.41
N ASP D 118 -46.41 28.04 -3.05
CA ASP D 118 -46.85 29.11 -3.92
C ASP D 118 -46.27 30.45 -3.50
N ALA D 119 -45.18 30.41 -2.75
CA ALA D 119 -44.48 31.61 -2.33
C ALA D 119 -43.24 31.81 -3.17
N LYS D 120 -42.60 32.97 -3.01
CA LYS D 120 -41.39 33.29 -3.77
C LYS D 120 -40.17 32.58 -3.22
N ALA D 121 -39.23 32.27 -4.10
CA ALA D 121 -37.95 31.69 -3.68
C ALA D 121 -37.16 32.78 -2.96
N PHE D 122 -36.47 32.41 -1.88
CA PHE D 122 -35.65 33.38 -1.17
C PHE D 122 -34.62 33.98 -2.10
N ILE D 123 -34.01 33.13 -2.94
CA ILE D 123 -32.97 33.59 -3.85
C ILE D 123 -33.00 32.80 -5.17
N GLU D 124 -32.39 33.39 -6.19
CA GLU D 124 -32.20 32.73 -7.47
C GLU D 124 -30.82 33.09 -7.99
N VAL D 125 -30.29 32.29 -8.91
CA VAL D 125 -28.94 32.54 -9.43
C VAL D 125 -28.86 33.91 -10.09
N GLY D 126 -27.79 34.64 -9.76
CA GLY D 126 -27.59 35.97 -10.28
C GLY D 126 -28.02 37.06 -9.32
N GLN D 127 -28.79 36.68 -8.30
CA GLN D 127 -29.30 37.63 -7.32
C GLN D 127 -28.24 37.97 -6.28
N LYS D 128 -28.17 39.25 -5.91
CA LYS D 128 -27.22 39.70 -4.90
C LYS D 128 -27.80 39.55 -3.49
N VAL D 129 -26.94 39.26 -2.53
CA VAL D 129 -27.36 39.10 -1.14
C VAL D 129 -26.34 39.70 -0.17
N ASN D 130 -26.81 40.15 0.98
CA ASN D 130 -25.94 40.65 2.04
C ASN D 130 -26.06 39.79 3.29
N VAL D 131 -25.13 39.98 4.23
CA VAL D 131 -25.12 39.22 5.46
C VAL D 131 -26.46 39.32 6.18
N GLY D 132 -26.99 38.16 6.60
CA GLY D 132 -28.24 38.11 7.32
C GLY D 132 -29.44 37.71 6.48
N ASP D 133 -29.31 37.85 5.16
CA ASP D 133 -30.40 37.53 4.24
C ASP D 133 -30.69 36.03 4.20
N THR D 134 -31.97 35.68 4.15
CA THR D 134 -32.39 34.28 4.07
C THR D 134 -32.20 33.74 2.66
N LEU D 135 -31.46 32.64 2.56
CA LEU D 135 -31.18 32.00 1.28
C LEU D 135 -32.06 30.77 1.06
N CYS D 136 -32.42 30.10 2.15
CA CYS D 136 -33.16 28.84 2.05
C CYS D 136 -33.66 28.39 3.41
N ILE D 137 -34.30 27.22 3.44
CA ILE D 137 -34.82 26.66 4.68
C ILE D 137 -34.44 25.20 4.88
N VAL D 138 -34.10 24.82 6.11
CA VAL D 138 -33.91 23.42 6.46
C VAL D 138 -34.80 23.01 7.63
N GLU D 139 -35.85 22.25 7.34
CA GLU D 139 -36.75 21.78 8.39
C GLU D 139 -36.07 20.70 9.22
N ALA D 140 -35.95 20.97 10.51
CA ALA D 140 -35.41 20.04 11.48
C ALA D 140 -36.33 20.03 12.69
N MET D 141 -36.84 18.86 13.05
CA MET D 141 -37.80 18.74 14.14
C MET D 141 -39.01 19.60 13.81
N LYS D 142 -39.70 20.08 14.83
CA LYS D 142 -40.81 21.01 14.62
C LYS D 142 -40.32 22.41 14.24
N MET D 143 -39.02 22.62 14.29
CA MET D 143 -38.42 23.91 13.93
C MET D 143 -38.12 24.05 12.44
N MET D 144 -38.60 25.14 11.85
CA MET D 144 -38.37 25.44 10.45
C MET D 144 -37.21 26.44 10.33
N ASN D 145 -35.98 25.92 10.34
CA ASN D 145 -34.79 26.79 10.37
C ASN D 145 -34.47 27.48 9.05
N GLN D 146 -34.33 28.81 9.12
CA GLN D 146 -33.94 29.61 7.97
C GLN D 146 -32.42 29.78 7.93
N ILE D 147 -31.80 29.32 6.85
CA ILE D 147 -30.37 29.44 6.70
C ILE D 147 -30.05 30.77 6.03
N GLU D 148 -29.26 31.61 6.71
CA GLU D 148 -28.93 32.93 6.18
C GLU D 148 -27.47 33.04 5.74
N ALA D 149 -27.20 34.02 4.89
CA ALA D 149 -25.85 34.26 4.38
C ALA D 149 -24.93 34.81 5.47
N ASP D 150 -23.68 34.32 5.49
CA ASP D 150 -22.68 34.80 6.44
C ASP D 150 -21.66 35.71 5.76
N LYS D 151 -21.77 35.84 4.44
CA LYS D 151 -20.89 36.74 3.69
C LYS D 151 -21.64 37.30 2.48
N SER D 152 -21.43 38.57 2.19
CA SER D 152 -22.17 39.28 1.15
C SER D 152 -21.57 39.03 -0.23
N GLY D 153 -22.45 39.06 -1.24
CA GLY D 153 -22.03 38.82 -2.62
C GLY D 153 -23.21 38.40 -3.47
N THR D 154 -22.94 37.75 -4.60
CA THR D 154 -23.99 37.27 -5.50
C THR D 154 -24.05 35.75 -5.47
N VAL D 155 -25.26 35.21 -5.50
CA VAL D 155 -25.45 33.76 -5.45
C VAL D 155 -24.98 33.10 -6.76
N LYS D 156 -23.96 32.25 -6.63
CA LYS D 156 -23.42 31.49 -7.75
C LYS D 156 -24.29 30.30 -8.12
N ALA D 157 -24.68 29.51 -7.12
CA ALA D 157 -25.41 28.29 -7.38
C ALA D 157 -26.26 27.86 -6.19
N ILE D 158 -27.28 27.07 -6.48
CA ILE D 158 -28.11 26.44 -5.47
C ILE D 158 -28.02 24.93 -5.67
N LEU D 159 -27.33 24.26 -4.76
CA LEU D 159 -26.89 22.89 -4.97
C LEU D 159 -27.93 21.83 -4.60
N VAL D 160 -29.04 22.25 -3.99
CA VAL D 160 -30.05 21.30 -3.54
C VAL D 160 -31.46 21.68 -3.99
N GLU D 161 -32.24 20.68 -4.35
CA GLU D 161 -33.64 20.88 -4.75
C GLU D 161 -34.56 20.79 -3.53
N SER D 162 -35.72 21.44 -3.63
CA SER D 162 -36.69 21.44 -2.55
C SER D 162 -37.18 20.04 -2.24
N GLY D 163 -37.45 19.78 -0.95
CA GLY D 163 -37.96 18.51 -0.51
C GLY D 163 -36.91 17.43 -0.29
N GLN D 164 -35.66 17.75 -0.61
CA GLN D 164 -34.58 16.78 -0.44
C GLN D 164 -33.83 16.99 0.89
N PRO D 165 -33.45 15.88 1.54
CA PRO D 165 -32.76 15.90 2.84
C PRO D 165 -31.31 16.37 2.73
N VAL D 166 -30.80 16.95 3.82
CA VAL D 166 -29.42 17.41 3.86
C VAL D 166 -28.76 17.02 5.19
N GLU D 167 -27.45 16.85 5.15
CA GLU D 167 -26.68 16.45 6.33
C GLU D 167 -25.83 17.60 6.85
N PHE D 168 -25.16 17.36 7.97
CA PHE D 168 -24.27 18.37 8.54
C PHE D 168 -23.16 18.74 7.56
N ASP D 169 -22.87 20.03 7.48
CA ASP D 169 -21.81 20.55 6.63
C ASP D 169 -22.06 20.34 5.14
N GLU D 170 -23.30 20.01 4.77
CA GLU D 170 -23.59 19.81 3.35
C GLU D 170 -23.65 21.15 2.63
N PRO D 171 -22.94 21.27 1.51
CA PRO D 171 -23.00 22.50 0.72
C PRO D 171 -24.42 22.78 0.24
N LEU D 172 -24.95 23.96 0.57
CA LEU D 172 -26.30 24.31 0.11
C LEU D 172 -26.22 25.39 -0.94
N VAL D 173 -25.53 26.48 -0.63
CA VAL D 173 -25.48 27.62 -1.57
C VAL D 173 -24.06 28.16 -1.75
N VAL D 174 -23.77 28.63 -2.95
CA VAL D 174 -22.48 29.26 -3.25
C VAL D 174 -22.66 30.75 -3.55
N ILE D 175 -21.75 31.57 -3.05
CA ILE D 175 -21.83 33.02 -3.23
C ILE D 175 -20.57 33.52 -3.95
N GLU D 176 -20.75 34.55 -4.79
CA GLU D 176 -19.70 35.02 -5.69
C GLU D 176 -19.24 33.92 -6.63
N MET E 1 4.61 -35.73 19.57
CA MET E 1 4.21 -35.05 18.31
C MET E 1 5.32 -35.15 17.27
N LEU E 2 5.09 -34.57 16.09
CA LEU E 2 6.13 -34.47 15.09
C LEU E 2 7.02 -33.28 15.39
N ASP E 3 8.32 -33.53 15.48
CA ASP E 3 9.25 -32.48 15.85
C ASP E 3 9.28 -31.41 14.77
N LYS E 4 9.31 -31.84 13.51
CA LYS E 4 9.45 -30.93 12.39
C LYS E 4 8.97 -31.59 11.10
N ILE E 5 8.21 -30.85 10.29
CA ILE E 5 7.73 -31.38 9.02
C ILE E 5 8.01 -30.43 7.85
N VAL E 6 8.09 -31.01 6.65
CA VAL E 6 8.14 -30.24 5.42
C VAL E 6 6.74 -30.13 4.85
N ILE E 7 6.32 -28.91 4.52
CA ILE E 7 5.04 -28.68 3.88
C ILE E 7 5.24 -28.68 2.37
N ALA E 8 5.07 -29.84 1.76
CA ALA E 8 5.30 -29.99 0.32
C ALA E 8 4.11 -29.49 -0.48
N ASN E 9 3.87 -28.18 -0.41
CA ASN E 9 2.79 -27.55 -1.17
C ASN E 9 2.97 -26.04 -1.13
N ARG E 10 1.95 -25.31 -1.56
CA ARG E 10 2.02 -23.86 -1.63
C ARG E 10 0.67 -23.22 -1.35
N GLY E 11 0.63 -21.89 -1.42
CA GLY E 11 -0.62 -21.16 -1.31
C GLY E 11 -1.42 -21.41 -0.05
N GLU E 12 -2.74 -21.41 -0.22
CA GLU E 12 -3.66 -21.46 0.92
C GLU E 12 -3.52 -22.75 1.72
N ILE E 13 -3.38 -23.89 1.06
CA ILE E 13 -3.28 -25.17 1.78
C ILE E 13 -1.99 -25.24 2.58
N ALA E 14 -0.93 -24.62 2.05
CA ALA E 14 0.35 -24.59 2.74
C ALA E 14 0.24 -23.74 4.01
N LEU E 15 -0.44 -22.60 3.89
CA LEU E 15 -0.67 -21.74 5.05
C LEU E 15 -1.55 -22.44 6.10
N ARG E 16 -2.51 -23.23 5.63
CA ARG E 16 -3.43 -23.94 6.51
C ARG E 16 -2.67 -24.98 7.34
N ILE E 17 -1.81 -25.73 6.67
CA ILE E 17 -1.02 -26.77 7.31
C ILE E 17 -0.07 -26.13 8.32
N LEU E 18 0.52 -25.01 7.93
CA LEU E 18 1.45 -24.29 8.78
C LEU E 18 0.78 -23.89 10.09
N ARG E 19 -0.43 -23.35 10.00
CA ARG E 19 -1.18 -22.99 11.20
C ARG E 19 -1.42 -24.20 12.09
N ALA E 20 -1.89 -25.29 11.49
CA ALA E 20 -2.05 -26.54 12.23
C ALA E 20 -0.77 -26.89 12.99
N CYS E 21 0.38 -26.74 12.33
CA CYS E 21 1.66 -27.11 12.92
C CYS E 21 2.01 -26.22 14.11
N LYS E 22 1.73 -24.93 13.97
CA LYS E 22 2.05 -23.97 15.00
C LYS E 22 1.25 -24.26 16.26
N GLU E 23 -0.02 -24.61 16.08
CA GLU E 23 -0.89 -24.91 17.22
C GLU E 23 -0.44 -26.15 17.98
N LEU E 24 0.14 -27.11 17.27
CA LEU E 24 0.63 -28.35 17.89
C LEU E 24 2.10 -28.27 18.33
N GLY E 25 2.75 -27.15 18.07
CA GLY E 25 4.15 -26.99 18.43
C GLY E 25 5.09 -27.74 17.50
N ILE E 26 4.65 -27.97 16.27
CA ILE E 26 5.45 -28.65 15.26
C ILE E 26 6.26 -27.63 14.46
N LYS E 27 7.58 -27.83 14.40
CA LYS E 27 8.43 -26.96 13.61
C LYS E 27 8.12 -27.12 12.13
N THR E 28 8.14 -26.03 11.40
CA THR E 28 7.73 -26.04 9.99
C THR E 28 8.89 -25.75 9.04
N VAL E 29 8.89 -26.45 7.92
CA VAL E 29 9.84 -26.20 6.84
C VAL E 29 9.07 -25.94 5.56
N ALA E 30 9.08 -24.70 5.10
CA ALA E 30 8.42 -24.35 3.84
C ALA E 30 9.37 -24.51 2.66
N VAL E 31 9.13 -25.54 1.85
CA VAL E 31 9.82 -25.66 0.58
C VAL E 31 9.03 -24.89 -0.47
N HIS E 32 9.73 -24.15 -1.31
CA HIS E 32 9.07 -23.28 -2.28
C HIS E 32 9.84 -23.16 -3.58
N SER E 33 9.13 -22.85 -4.66
CA SER E 33 9.74 -22.53 -5.93
C SER E 33 10.38 -21.16 -5.83
N SER E 34 11.21 -20.81 -6.81
CA SER E 34 11.88 -19.52 -6.80
C SER E 34 10.89 -18.37 -6.97
N ALA E 35 9.69 -18.68 -7.46
CA ALA E 35 8.68 -17.65 -7.69
C ALA E 35 7.75 -17.45 -6.49
N ASP E 36 7.92 -18.25 -5.45
CA ASP E 36 7.02 -18.20 -4.29
C ASP E 36 7.73 -17.74 -3.02
N ARG E 37 8.78 -16.94 -3.20
CA ARG E 37 9.54 -16.42 -2.06
C ARG E 37 8.65 -15.54 -1.17
N ASP E 38 7.61 -14.96 -1.74
CA ASP E 38 6.75 -14.02 -1.02
C ASP E 38 5.50 -14.65 -0.39
N LEU E 39 5.34 -15.96 -0.52
CA LEU E 39 4.19 -16.64 0.07
C LEU E 39 4.12 -16.38 1.57
N LYS E 40 2.92 -16.10 2.07
CA LYS E 40 2.74 -15.78 3.47
C LYS E 40 3.27 -16.92 4.36
N HIS E 41 2.90 -18.16 4.04
CA HIS E 41 3.32 -19.28 4.88
C HIS E 41 4.84 -19.42 4.86
N VAL E 42 5.45 -19.09 3.72
CA VAL E 42 6.90 -19.10 3.62
C VAL E 42 7.50 -18.08 4.58
N LEU E 43 6.91 -16.88 4.61
CA LEU E 43 7.38 -15.82 5.48
C LEU E 43 7.14 -16.15 6.96
N LEU E 44 6.13 -16.96 7.24
CA LEU E 44 5.82 -17.34 8.61
C LEU E 44 6.55 -18.61 9.08
N ALA E 45 7.03 -19.41 8.14
CA ALA E 45 7.65 -20.69 8.47
C ALA E 45 8.93 -20.50 9.29
N ASP E 46 9.33 -21.55 10.01
CA ASP E 46 10.54 -21.52 10.84
C ASP E 46 11.81 -21.65 9.99
N GLU E 47 11.73 -22.46 8.94
CA GLU E 47 12.85 -22.64 8.01
C GLU E 47 12.32 -22.65 6.59
N THR E 48 13.11 -22.14 5.65
CA THR E 48 12.71 -22.12 4.25
C THR E 48 13.75 -22.81 3.38
N VAL E 49 13.28 -23.41 2.28
CA VAL E 49 14.17 -24.05 1.34
C VAL E 49 13.63 -23.93 -0.08
N CYS E 50 14.36 -23.22 -0.94
CA CYS E 50 14.03 -23.17 -2.35
C CYS E 50 14.36 -24.52 -2.96
N ILE E 51 13.43 -25.09 -3.72
CA ILE E 51 13.59 -26.45 -4.23
C ILE E 51 13.67 -26.51 -5.76
N GLY E 52 13.52 -25.37 -6.42
CA GLY E 52 13.62 -25.31 -7.86
C GLY E 52 13.00 -24.05 -8.42
N PRO E 53 13.03 -23.90 -9.76
CA PRO E 53 12.45 -22.73 -10.43
C PRO E 53 10.92 -22.76 -10.42
N ALA E 54 10.31 -21.75 -11.03
CA ALA E 54 8.86 -21.55 -10.93
C ALA E 54 8.05 -22.79 -11.35
N PRO E 55 8.32 -23.34 -12.54
CA PRO E 55 7.47 -24.43 -13.03
C PRO E 55 7.29 -25.55 -12.01
N SER E 56 6.07 -26.04 -11.87
CA SER E 56 5.75 -27.09 -10.91
C SER E 56 6.61 -28.33 -11.11
N VAL E 57 6.81 -28.72 -12.37
CA VAL E 57 7.55 -29.94 -12.68
C VAL E 57 8.97 -29.91 -12.12
N LYS E 58 9.52 -28.72 -11.91
CA LYS E 58 10.88 -28.57 -11.41
C LYS E 58 10.93 -28.17 -9.94
N SER E 59 9.76 -27.95 -9.33
CA SER E 59 9.71 -27.54 -7.92
C SER E 59 8.82 -28.45 -7.07
N TYR E 60 7.52 -28.22 -7.08
CA TYR E 60 6.62 -28.94 -6.19
C TYR E 60 6.36 -30.38 -6.65
N LEU E 61 6.81 -30.72 -7.85
CA LEU E 61 6.76 -32.09 -8.34
C LEU E 61 8.16 -32.70 -8.40
N ASN E 62 9.11 -32.00 -7.78
CA ASN E 62 10.51 -32.42 -7.80
C ASN E 62 10.80 -33.27 -6.56
N ILE E 63 10.63 -34.58 -6.69
CA ILE E 63 10.75 -35.49 -5.55
C ILE E 63 12.12 -35.42 -4.87
N PRO E 64 13.20 -35.52 -5.66
CA PRO E 64 14.53 -35.45 -5.03
C PRO E 64 14.77 -34.16 -4.25
N ALA E 65 14.25 -33.05 -4.76
CA ALA E 65 14.46 -31.76 -4.11
C ALA E 65 13.75 -31.71 -2.76
N ILE E 66 12.51 -32.18 -2.73
CA ILE E 66 11.70 -32.15 -1.51
C ILE E 66 12.24 -33.07 -0.42
N ILE E 67 12.55 -34.30 -0.77
CA ILE E 67 13.12 -35.25 0.19
C ILE E 67 14.46 -34.74 0.71
N SER E 68 15.26 -34.20 -0.20
CA SER E 68 16.55 -33.62 0.17
C SER E 68 16.37 -32.48 1.15
N ALA E 69 15.33 -31.66 0.96
CA ALA E 69 15.03 -30.56 1.89
C ALA E 69 14.72 -31.10 3.27
N ALA E 70 13.89 -32.14 3.33
CA ALA E 70 13.55 -32.80 4.57
C ALA E 70 14.81 -33.30 5.28
N GLU E 71 15.74 -33.84 4.50
CA GLU E 71 16.95 -34.40 5.06
C GLU E 71 17.86 -33.33 5.68
N ILE E 72 18.10 -32.25 4.95
CA ILE E 72 19.02 -31.20 5.41
C ILE E 72 18.44 -30.39 6.57
N THR E 73 17.12 -30.25 6.62
CA THR E 73 16.47 -29.55 7.73
C THR E 73 16.23 -30.48 8.91
N GLY E 74 16.31 -31.79 8.67
CA GLY E 74 16.14 -32.78 9.71
C GLY E 74 14.68 -33.00 10.08
N ALA E 75 13.79 -32.77 9.12
CA ALA E 75 12.37 -33.02 9.34
C ALA E 75 12.15 -34.53 9.45
N VAL E 76 11.05 -34.91 10.09
CA VAL E 76 10.72 -36.32 10.25
C VAL E 76 9.59 -36.73 9.31
N ALA E 77 8.82 -35.75 8.84
CA ALA E 77 7.64 -36.04 8.04
C ALA E 77 7.45 -35.01 6.95
N ILE E 78 6.61 -35.37 5.97
CA ILE E 78 6.33 -34.49 4.85
C ILE E 78 4.82 -34.48 4.58
N HIS E 79 4.23 -33.30 4.59
CA HIS E 79 2.81 -33.14 4.30
C HIS E 79 2.63 -32.69 2.85
N PRO E 80 1.96 -33.52 2.04
CA PRO E 80 1.83 -33.24 0.61
C PRO E 80 0.67 -32.32 0.25
N GLY E 81 -0.37 -32.31 1.09
CA GLY E 81 -1.47 -31.38 0.91
C GLY E 81 -2.45 -32.00 -0.05
N TYR E 82 -2.98 -31.20 -0.96
CA TYR E 82 -3.75 -31.74 -2.07
C TYR E 82 -3.07 -31.38 -3.39
N GLY E 83 -3.41 -32.10 -4.44
CA GLY E 83 -2.77 -31.92 -5.73
C GLY E 83 -1.31 -32.33 -5.70
N PHE E 84 -0.55 -31.83 -6.67
CA PHE E 84 0.87 -32.15 -6.80
C PHE E 84 1.15 -33.63 -6.57
N LEU E 85 1.84 -33.96 -5.48
CA LEU E 85 2.32 -35.32 -5.24
C LEU E 85 1.52 -36.07 -4.17
N SER E 86 0.39 -35.49 -3.76
CA SER E 86 -0.37 -36.05 -2.65
C SER E 86 -0.89 -37.47 -2.94
N GLU E 87 -1.20 -37.75 -4.20
CA GLU E 87 -1.68 -39.07 -4.59
C GLU E 87 -0.70 -39.74 -5.55
N ASN E 88 0.59 -39.47 -5.33
CA ASN E 88 1.64 -40.05 -6.14
C ASN E 88 2.28 -41.20 -5.38
N ALA E 89 1.83 -42.41 -5.68
CA ALA E 89 2.28 -43.60 -4.96
C ALA E 89 3.79 -43.69 -4.94
N ASN E 90 4.41 -43.36 -6.06
CA ASN E 90 5.87 -43.40 -6.15
C ASN E 90 6.51 -42.44 -5.15
N PHE E 91 5.94 -41.24 -5.05
CA PHE E 91 6.47 -40.24 -4.12
C PHE E 91 6.42 -40.74 -2.69
N ALA E 92 5.24 -41.21 -2.26
CA ALA E 92 5.08 -41.75 -0.92
C ALA E 92 6.09 -42.86 -0.65
N GLU E 93 6.30 -43.70 -1.66
CA GLU E 93 7.22 -44.81 -1.55
C GLU E 93 8.64 -44.33 -1.25
N GLN E 94 9.12 -43.38 -2.03
CA GLN E 94 10.47 -42.86 -1.86
C GLN E 94 10.62 -42.12 -0.53
N VAL E 95 9.54 -41.51 -0.07
CA VAL E 95 9.57 -40.80 1.21
C VAL E 95 9.81 -41.80 2.34
N GLU E 96 9.05 -42.89 2.32
CA GLU E 96 9.20 -43.94 3.33
C GLU E 96 10.56 -44.62 3.21
N ARG E 97 11.05 -44.75 1.98
CA ARG E 97 12.34 -45.39 1.73
C ARG E 97 13.51 -44.56 2.22
N SER E 98 13.34 -43.25 2.25
CA SER E 98 14.39 -42.38 2.72
C SER E 98 14.33 -42.23 4.24
N GLY E 99 13.36 -42.86 4.87
CA GLY E 99 13.28 -42.86 6.32
C GLY E 99 12.44 -41.72 6.88
N PHE E 100 11.54 -41.18 6.06
CA PHE E 100 10.66 -40.11 6.50
C PHE E 100 9.21 -40.59 6.55
N ILE E 101 8.42 -39.93 7.39
CA ILE E 101 7.01 -40.21 7.51
C ILE E 101 6.25 -39.51 6.39
N PHE E 102 5.43 -40.26 5.67
CA PHE E 102 4.55 -39.66 4.67
C PHE E 102 3.20 -39.38 5.33
N ILE E 103 2.90 -38.10 5.54
CA ILE E 103 1.64 -37.71 6.16
C ILE E 103 0.50 -37.96 5.19
N GLY E 104 0.03 -39.20 5.19
CA GLY E 104 -0.99 -39.66 4.27
C GLY E 104 -1.07 -41.16 4.43
N PRO E 105 -1.76 -41.84 3.50
CA PRO E 105 -1.90 -43.30 3.62
C PRO E 105 -0.67 -44.05 3.12
N LYS E 106 -0.65 -45.36 3.31
CA LYS E 106 0.45 -46.18 2.82
C LYS E 106 0.47 -46.17 1.29
N ALA E 107 1.68 -46.24 0.73
CA ALA E 107 1.85 -46.21 -0.72
C ALA E 107 1.01 -47.27 -1.44
N GLU E 108 0.92 -48.47 -0.87
CA GLU E 108 0.15 -49.54 -1.48
CA GLU E 108 0.15 -49.54 -1.49
C GLU E 108 -1.33 -49.19 -1.49
N THR E 109 -1.76 -48.40 -0.51
CA THR E 109 -3.15 -47.96 -0.44
C THR E 109 -3.42 -46.92 -1.53
N ILE E 110 -2.43 -46.08 -1.79
CA ILE E 110 -2.56 -45.06 -2.83
C ILE E 110 -2.70 -45.73 -4.19
N ARG E 111 -1.85 -46.71 -4.48
CA ARG E 111 -1.93 -47.44 -5.74
C ARG E 111 -3.26 -48.14 -5.87
N LEU E 112 -3.69 -48.79 -4.79
CA LEU E 112 -4.95 -49.50 -4.76
C LEU E 112 -6.10 -48.60 -5.21
N MET E 113 -6.19 -47.43 -4.59
CA MET E 113 -7.26 -46.49 -4.89
C MET E 113 -6.92 -45.57 -6.06
N GLY E 114 -5.68 -45.64 -6.54
CA GLY E 114 -5.25 -44.85 -7.68
C GLY E 114 -5.62 -45.46 -9.01
N ASP E 115 -5.92 -46.76 -9.02
CA ASP E 115 -6.33 -47.45 -10.23
C ASP E 115 -7.81 -47.79 -10.17
N LYS E 116 -8.55 -47.38 -11.20
CA LYS E 116 -10.00 -47.57 -11.21
C LYS E 116 -10.39 -49.02 -10.96
N VAL E 117 -9.74 -49.96 -11.63
CA VAL E 117 -10.15 -51.36 -11.56
C VAL E 117 -10.02 -51.92 -10.14
N SER E 118 -8.84 -51.79 -9.56
CA SER E 118 -8.58 -52.33 -8.23
C SER E 118 -9.35 -51.59 -7.14
N ALA E 119 -9.53 -50.28 -7.31
CA ALA E 119 -10.25 -49.48 -6.32
C ALA E 119 -11.71 -49.93 -6.25
N ILE E 120 -12.34 -50.00 -7.42
CA ILE E 120 -13.71 -50.47 -7.54
C ILE E 120 -13.83 -51.83 -6.89
N ALA E 121 -12.90 -52.74 -7.23
CA ALA E 121 -12.91 -54.08 -6.64
C ALA E 121 -12.97 -54.04 -5.11
N ALA E 122 -12.08 -53.25 -4.50
CA ALA E 122 -12.01 -53.15 -3.06
C ALA E 122 -13.35 -52.69 -2.51
N MET E 123 -13.95 -51.71 -3.18
CA MET E 123 -15.23 -51.16 -2.78
C MET E 123 -16.30 -52.26 -2.81
N LYS E 124 -16.25 -53.11 -3.84
CA LYS E 124 -17.20 -54.20 -3.99
C LYS E 124 -17.15 -55.03 -2.72
N LYS E 125 -15.93 -55.48 -2.42
CA LYS E 125 -15.65 -56.34 -1.28
C LYS E 125 -16.03 -55.71 0.06
N ALA E 126 -15.86 -54.40 0.17
CA ALA E 126 -16.09 -53.71 1.44
C ALA E 126 -17.55 -53.33 1.65
N GLY E 127 -18.37 -53.44 0.62
CA GLY E 127 -19.78 -53.16 0.74
C GLY E 127 -20.14 -51.73 0.36
N VAL E 128 -19.19 -51.01 -0.22
CA VAL E 128 -19.45 -49.67 -0.70
C VAL E 128 -20.21 -49.74 -2.02
N PRO E 129 -21.38 -49.07 -2.09
CA PRO E 129 -22.21 -49.14 -3.30
C PRO E 129 -21.53 -48.52 -4.52
N CYS E 130 -21.41 -49.31 -5.58
CA CYS E 130 -20.76 -48.86 -6.81
C CYS E 130 -21.78 -48.73 -7.93
N VAL E 131 -21.32 -48.32 -9.11
CA VAL E 131 -22.18 -48.18 -10.26
C VAL E 131 -22.58 -49.55 -10.80
N PRO E 132 -23.89 -49.85 -10.81
CA PRO E 132 -24.35 -51.13 -11.34
C PRO E 132 -23.97 -51.28 -12.82
N GLY E 133 -23.49 -52.46 -13.19
CA GLY E 133 -23.09 -52.73 -14.56
C GLY E 133 -23.24 -54.20 -14.91
N SER E 134 -23.03 -54.52 -16.18
CA SER E 134 -23.17 -55.89 -16.65
C SER E 134 -22.18 -56.79 -15.94
N ASP E 135 -21.15 -56.18 -15.36
CA ASP E 135 -20.11 -56.92 -14.65
C ASP E 135 -19.50 -57.97 -15.58
N GLY E 136 -18.88 -57.49 -16.65
CA GLY E 136 -18.32 -58.33 -17.68
C GLY E 136 -19.09 -58.16 -18.97
N PRO E 137 -18.46 -58.44 -20.12
CA PRO E 137 -19.16 -58.27 -21.39
C PRO E 137 -20.23 -59.32 -21.65
N LEU E 138 -21.08 -59.07 -22.65
CA LEU E 138 -22.08 -60.03 -23.08
C LEU E 138 -21.93 -60.27 -24.59
N GLY E 139 -22.36 -61.44 -25.05
CA GLY E 139 -22.23 -61.78 -26.46
C GLY E 139 -23.50 -61.63 -27.27
N ASP E 140 -24.07 -62.76 -27.66
CA ASP E 140 -25.16 -62.79 -28.64
C ASP E 140 -26.53 -62.52 -28.02
N ASP E 141 -26.85 -63.24 -26.95
CA ASP E 141 -28.21 -63.26 -26.42
C ASP E 141 -28.74 -61.86 -26.12
N MET E 142 -29.73 -61.43 -26.90
CA MET E 142 -30.34 -60.12 -26.72
C MET E 142 -31.41 -60.16 -25.62
N ASP E 143 -31.93 -61.35 -25.34
CA ASP E 143 -32.84 -61.51 -24.21
C ASP E 143 -32.09 -61.18 -22.94
N LYS E 144 -30.86 -61.66 -22.85
CA LYS E 144 -30.03 -61.36 -21.70
C LYS E 144 -29.78 -59.86 -21.58
N ASN E 145 -29.31 -59.24 -22.67
CA ASN E 145 -29.00 -57.81 -22.67
C ASN E 145 -30.18 -56.92 -22.28
N ARG E 146 -31.36 -57.29 -22.75
CA ARG E 146 -32.57 -56.53 -22.46
C ARG E 146 -32.95 -56.69 -20.98
N ALA E 147 -32.82 -57.92 -20.48
CA ALA E 147 -33.05 -58.23 -19.08
C ALA E 147 -32.04 -57.49 -18.21
N ILE E 148 -30.84 -57.32 -18.74
CA ILE E 148 -29.76 -56.67 -18.02
C ILE E 148 -30.02 -55.17 -17.97
N ALA E 149 -30.57 -54.63 -19.05
CA ALA E 149 -30.90 -53.22 -19.05
C ALA E 149 -32.00 -52.95 -18.02
N LYS E 150 -32.94 -53.89 -17.91
CA LYS E 150 -34.03 -53.73 -16.94
C LYS E 150 -33.56 -53.79 -15.48
N ARG E 151 -32.80 -54.82 -15.12
CA ARG E 151 -32.26 -54.95 -13.77
C ARG E 151 -31.33 -53.79 -13.42
N ILE E 152 -30.30 -53.65 -14.24
CA ILE E 152 -29.30 -52.61 -14.10
C ILE E 152 -29.98 -51.25 -14.15
N GLY E 153 -31.05 -51.16 -14.95
CA GLY E 153 -31.90 -49.98 -14.98
C GLY E 153 -31.57 -48.85 -15.93
N TYR E 154 -32.56 -48.48 -16.75
CA TYR E 154 -32.40 -47.37 -17.70
C TYR E 154 -32.44 -46.01 -17.00
N PRO E 155 -31.76 -45.01 -17.56
CA PRO E 155 -30.94 -45.17 -18.78
C PRO E 155 -29.60 -45.81 -18.48
N VAL E 156 -28.98 -46.40 -19.49
CA VAL E 156 -27.68 -47.04 -19.32
C VAL E 156 -26.66 -46.45 -20.29
N ILE E 157 -25.42 -46.87 -20.14
CA ILE E 157 -24.33 -46.37 -20.97
C ILE E 157 -23.45 -47.52 -21.40
N ILE E 158 -22.94 -47.44 -22.62
CA ILE E 158 -22.07 -48.48 -23.16
C ILE E 158 -20.63 -47.98 -23.15
N LYS E 159 -19.72 -48.80 -22.61
CA LYS E 159 -18.32 -48.42 -22.47
C LYS E 159 -18.20 -47.13 -21.65
N ARG E 170 -23.33 -43.64 -27.04
CA ARG E 170 -22.98 -44.33 -25.80
C ARG E 170 -24.18 -44.53 -24.90
N VAL E 171 -25.05 -43.53 -24.84
CA VAL E 171 -26.18 -43.56 -23.92
C VAL E 171 -27.39 -44.25 -24.54
N VAL E 172 -27.99 -45.15 -23.77
CA VAL E 172 -29.18 -45.88 -24.17
C VAL E 172 -30.32 -45.64 -23.19
N ARG E 173 -31.50 -45.32 -23.69
CA ARG E 173 -32.62 -44.99 -22.83
C ARG E 173 -33.75 -46.02 -22.95
N GLY E 174 -33.64 -46.93 -23.91
CA GLY E 174 -34.67 -47.92 -24.15
C GLY E 174 -34.17 -49.16 -24.89
N ASP E 175 -34.98 -50.22 -24.88
CA ASP E 175 -34.62 -51.46 -25.55
C ASP E 175 -34.42 -51.23 -27.04
N ALA E 176 -35.34 -50.49 -27.64
CA ALA E 176 -35.30 -50.23 -29.07
C ALA E 176 -33.99 -49.54 -29.46
N GLU E 177 -33.38 -48.86 -28.50
CA GLU E 177 -32.20 -48.06 -28.76
C GLU E 177 -30.95 -48.75 -28.21
N LEU E 178 -31.15 -49.96 -27.69
CA LEU E 178 -30.05 -50.79 -27.22
C LEU E 178 -29.42 -51.50 -28.41
N ALA E 179 -30.28 -52.16 -29.19
CA ALA E 179 -29.87 -52.96 -30.33
C ALA E 179 -28.84 -52.22 -31.19
N GLN E 180 -29.16 -51.01 -31.61
CA GLN E 180 -28.29 -50.25 -32.49
C GLN E 180 -27.02 -49.81 -31.76
N SER E 181 -27.14 -49.55 -30.47
CA SER E 181 -26.03 -49.03 -29.67
C SER E 181 -24.94 -50.05 -29.35
N ILE E 182 -25.32 -51.33 -29.23
CA ILE E 182 -24.33 -52.37 -28.95
C ILE E 182 -23.38 -52.55 -30.14
N SER E 183 -23.92 -52.40 -31.35
CA SER E 183 -23.13 -52.55 -32.57
C SER E 183 -21.89 -51.66 -32.52
N MET E 197 -14.91 -56.48 -27.12
CA MET E 197 -15.46 -56.52 -25.77
C MET E 197 -16.31 -55.29 -25.49
N VAL E 198 -17.49 -55.52 -24.91
CA VAL E 198 -18.42 -54.44 -24.60
C VAL E 198 -18.96 -54.62 -23.19
N TYR E 199 -19.39 -53.54 -22.55
CA TYR E 199 -20.08 -53.66 -21.27
C TYR E 199 -21.09 -52.55 -21.03
N MET E 200 -21.89 -52.72 -19.97
CA MET E 200 -23.00 -51.82 -19.68
C MET E 200 -22.91 -51.29 -18.25
N GLU E 201 -23.27 -50.03 -18.07
CA GLU E 201 -23.30 -49.43 -16.75
C GLU E 201 -24.58 -48.61 -16.58
N LYS E 202 -24.92 -48.28 -15.34
CA LYS E 202 -26.03 -47.37 -15.09
C LYS E 202 -25.60 -45.97 -15.45
N TYR E 203 -26.48 -45.24 -16.15
CA TYR E 203 -26.21 -43.86 -16.54
C TYR E 203 -26.90 -42.91 -15.59
N LEU E 204 -26.12 -42.21 -14.77
CA LEU E 204 -26.66 -41.22 -13.85
C LEU E 204 -26.66 -39.86 -14.53
N GLU E 205 -27.84 -39.46 -15.00
CA GLU E 205 -27.98 -38.28 -15.84
C GLU E 205 -27.93 -36.98 -15.03
N ASN E 206 -28.75 -36.91 -13.98
CA ASN E 206 -28.80 -35.72 -13.14
C ASN E 206 -28.50 -36.06 -11.68
N PRO E 207 -27.26 -36.47 -11.41
CA PRO E 207 -26.78 -36.80 -10.06
C PRO E 207 -26.20 -35.61 -9.32
N ARG E 208 -25.98 -35.78 -8.02
CA ARG E 208 -25.31 -34.78 -7.21
C ARG E 208 -24.00 -35.36 -6.73
N HIS E 209 -22.96 -34.52 -6.68
CA HIS E 209 -21.70 -34.93 -6.10
C HIS E 209 -21.77 -34.88 -4.57
N VAL E 210 -21.88 -36.05 -3.94
CA VAL E 210 -21.88 -36.13 -2.49
C VAL E 210 -20.73 -37.02 -2.02
N GLU E 211 -19.90 -36.48 -1.13
CA GLU E 211 -18.70 -37.16 -0.68
C GLU E 211 -18.67 -37.27 0.84
N ILE E 212 -18.02 -38.31 1.35
CA ILE E 212 -17.98 -38.59 2.77
C ILE E 212 -16.55 -38.45 3.29
N GLN E 213 -16.38 -37.64 4.32
CA GLN E 213 -15.07 -37.44 4.94
C GLN E 213 -14.79 -38.56 5.92
N VAL E 214 -13.55 -39.04 5.94
CA VAL E 214 -13.17 -40.12 6.87
C VAL E 214 -11.80 -39.88 7.46
N LEU E 215 -11.60 -40.41 8.66
CA LEU E 215 -10.31 -40.43 9.33
C LEU E 215 -10.05 -41.86 9.81
N ALA E 216 -8.85 -42.36 9.56
CA ALA E 216 -8.47 -43.67 10.03
C ALA E 216 -7.06 -43.61 10.61
N ASP E 217 -6.85 -44.21 11.78
CA ASP E 217 -5.54 -44.14 12.41
C ASP E 217 -4.61 -45.24 11.89
N GLY E 218 -5.11 -46.11 11.03
CA GLY E 218 -4.32 -47.22 10.52
C GLY E 218 -4.03 -48.24 11.60
N GLN E 219 -4.85 -48.23 12.66
CA GLN E 219 -4.71 -49.17 13.75
C GLN E 219 -6.04 -49.86 14.02
N GLY E 220 -6.89 -49.91 13.01
CA GLY E 220 -8.17 -50.59 13.12
C GLY E 220 -9.36 -49.66 13.33
N ASN E 221 -9.09 -48.40 13.68
CA ASN E 221 -10.15 -47.44 13.92
C ASN E 221 -10.40 -46.53 12.71
N ALA E 222 -11.68 -46.20 12.49
CA ALA E 222 -12.06 -45.36 11.38
C ALA E 222 -13.43 -44.74 11.64
N ILE E 223 -13.53 -43.43 11.46
CA ILE E 223 -14.79 -42.71 11.64
C ILE E 223 -15.12 -41.90 10.40
N TYR E 224 -16.41 -41.61 10.22
CA TYR E 224 -16.87 -40.77 9.12
C TYR E 224 -17.40 -39.46 9.69
N LEU E 225 -17.11 -38.36 8.99
CA LEU E 225 -17.52 -37.04 9.46
C LEU E 225 -18.53 -36.41 8.52
N ALA E 226 -19.73 -36.96 8.50
CA ALA E 226 -20.80 -36.44 7.66
C ALA E 226 -20.34 -36.35 6.21
N GLU E 227 -21.09 -35.60 5.41
CA GLU E 227 -20.80 -35.51 3.98
C GLU E 227 -20.71 -34.05 3.52
N ARG E 228 -20.39 -33.88 2.24
CA ARG E 228 -20.33 -32.57 1.62
C ARG E 228 -20.97 -32.67 0.24
N ASP E 229 -21.70 -31.64 -0.15
CA ASP E 229 -22.24 -31.57 -1.50
C ASP E 229 -21.39 -30.60 -2.33
N CYS E 230 -20.86 -31.09 -3.43
CA CYS E 230 -19.98 -30.31 -4.28
C CYS E 230 -20.46 -30.33 -5.73
N SER E 231 -21.76 -30.14 -5.92
CA SER E 231 -22.37 -30.25 -7.24
C SER E 231 -22.04 -29.06 -8.16
N MET E 232 -21.95 -27.86 -7.59
CA MET E 232 -21.63 -26.68 -8.38
C MET E 232 -20.25 -26.82 -9.00
N GLN E 233 -20.21 -27.08 -10.30
CA GLN E 233 -18.96 -27.37 -10.98
C GLN E 233 -18.87 -26.70 -12.35
N ARG E 234 -17.64 -26.37 -12.75
CA ARG E 234 -17.37 -25.95 -14.11
C ARG E 234 -16.24 -26.82 -14.67
N ARG E 235 -16.49 -27.49 -15.78
CA ARG E 235 -15.51 -28.38 -16.36
C ARG E 235 -15.04 -29.41 -15.33
N HIS E 236 -16.00 -29.96 -14.58
CA HIS E 236 -15.74 -31.01 -13.60
C HIS E 236 -14.90 -30.49 -12.43
N GLN E 237 -14.80 -29.17 -12.30
CA GLN E 237 -14.04 -28.56 -11.21
C GLN E 237 -15.00 -27.91 -10.22
N LYS E 238 -14.83 -28.23 -8.94
CA LYS E 238 -15.73 -27.73 -7.91
C LYS E 238 -15.60 -26.23 -7.74
N VAL E 239 -16.74 -25.56 -7.64
CA VAL E 239 -16.79 -24.11 -7.46
C VAL E 239 -17.33 -23.75 -6.09
N VAL E 240 -18.35 -24.49 -5.65
CA VAL E 240 -18.95 -24.28 -4.34
C VAL E 240 -19.16 -25.61 -3.63
N GLU E 241 -18.86 -25.64 -2.33
CA GLU E 241 -19.09 -26.85 -1.53
C GLU E 241 -19.88 -26.52 -0.27
N GLU E 242 -20.62 -27.50 0.27
CA GLU E 242 -21.38 -27.27 1.49
C GLU E 242 -21.55 -28.54 2.31
N ALA E 243 -21.79 -28.35 3.61
CA ALA E 243 -21.96 -29.47 4.53
C ALA E 243 -22.92 -29.08 5.65
N PRO E 244 -23.84 -29.99 5.99
CA PRO E 244 -24.05 -31.29 5.34
C PRO E 244 -24.72 -31.13 3.98
N ALA E 245 -25.00 -32.26 3.33
CA ALA E 245 -25.67 -32.25 2.04
C ALA E 245 -27.19 -32.17 2.24
N PRO E 246 -27.84 -31.19 1.60
CA PRO E 246 -29.29 -31.08 1.73
C PRO E 246 -30.01 -32.38 1.35
N GLY E 247 -31.03 -32.73 2.12
CA GLY E 247 -31.85 -33.89 1.82
C GLY E 247 -31.34 -35.20 2.39
N ILE E 248 -30.11 -35.19 2.91
CA ILE E 248 -29.53 -36.39 3.48
C ILE E 248 -29.94 -36.58 4.94
N THR E 249 -30.69 -37.63 5.21
CA THR E 249 -31.13 -37.94 6.56
C THR E 249 -29.98 -38.54 7.36
N PRO E 250 -30.03 -38.43 8.69
CA PRO E 250 -29.01 -39.04 9.55
C PRO E 250 -28.91 -40.55 9.36
N GLU E 251 -30.01 -41.18 8.96
CA GLU E 251 -30.04 -42.63 8.78
C GLU E 251 -29.36 -43.02 7.46
N LEU E 252 -29.58 -42.22 6.43
CA LEU E 252 -28.92 -42.42 5.15
C LEU E 252 -27.44 -42.11 5.29
N ARG E 253 -27.16 -41.05 6.03
CA ARG E 253 -25.80 -40.64 6.33
C ARG E 253 -25.07 -41.75 7.07
N ARG E 254 -25.76 -42.40 8.00
CA ARG E 254 -25.16 -43.49 8.74
C ARG E 254 -24.97 -44.71 7.85
N TYR E 255 -25.89 -44.91 6.91
CA TYR E 255 -25.78 -46.01 5.95
C TYR E 255 -24.48 -45.91 5.17
N ILE E 256 -24.30 -44.83 4.41
CA ILE E 256 -23.12 -44.71 3.56
C ILE E 256 -21.85 -44.54 4.39
N GLY E 257 -21.97 -43.83 5.51
CA GLY E 257 -20.83 -43.52 6.34
C GLY E 257 -20.18 -44.74 6.97
N GLU E 258 -21.01 -45.62 7.52
CA GLU E 258 -20.51 -46.82 8.17
C GLU E 258 -19.82 -47.73 7.18
N ARG E 259 -20.40 -47.85 5.98
CA ARG E 259 -19.78 -48.61 4.91
C ARG E 259 -18.42 -48.04 4.51
N CYS E 260 -18.31 -46.71 4.46
CA CYS E 260 -17.03 -46.07 4.18
C CYS E 260 -15.99 -46.39 5.26
N ALA E 261 -16.41 -46.37 6.51
CA ALA E 261 -15.51 -46.66 7.63
C ALA E 261 -15.00 -48.10 7.52
N LYS E 262 -15.90 -49.02 7.20
CA LYS E 262 -15.54 -50.42 7.05
C LYS E 262 -14.55 -50.59 5.92
N ALA E 263 -14.76 -49.83 4.84
CA ALA E 263 -13.84 -49.85 3.72
C ALA E 263 -12.46 -49.43 4.18
N CYS E 264 -12.39 -48.38 5.00
CA CYS E 264 -11.13 -47.92 5.55
C CYS E 264 -10.42 -49.05 6.31
N VAL E 265 -11.15 -49.71 7.19
CA VAL E 265 -10.57 -50.82 7.96
C VAL E 265 -10.08 -51.95 7.05
N ASP E 266 -10.82 -52.23 5.99
CA ASP E 266 -10.51 -53.35 5.09
C ASP E 266 -9.20 -53.12 4.34
N ILE E 267 -9.08 -51.94 3.73
CA ILE E 267 -7.90 -51.61 2.95
C ILE E 267 -6.77 -51.09 3.84
N GLY E 268 -7.00 -51.07 5.14
CA GLY E 268 -5.99 -50.60 6.09
C GLY E 268 -5.64 -49.15 5.84
N TYR E 269 -6.66 -48.33 5.62
CA TYR E 269 -6.45 -46.92 5.32
C TYR E 269 -5.87 -46.19 6.52
N ARG E 270 -5.12 -45.13 6.24
CA ARG E 270 -4.51 -44.31 7.27
C ARG E 270 -4.52 -42.84 6.85
N GLY E 271 -4.76 -41.95 7.81
CA GLY E 271 -4.88 -40.54 7.53
C GLY E 271 -6.30 -40.09 7.20
N ALA E 272 -6.41 -38.94 6.56
CA ALA E 272 -7.70 -38.43 6.13
C ALA E 272 -7.95 -38.85 4.69
N GLY E 273 -9.22 -39.10 4.36
CA GLY E 273 -9.59 -39.49 3.02
C GLY E 273 -11.02 -39.10 2.71
N THR E 274 -11.40 -39.19 1.44
CA THR E 274 -12.76 -38.86 1.04
C THR E 274 -13.30 -39.85 0.01
N PHE E 275 -14.53 -40.31 0.24
CA PHE E 275 -15.23 -41.16 -0.72
C PHE E 275 -16.22 -40.33 -1.51
N GLU E 276 -15.88 -40.04 -2.77
CA GLU E 276 -16.78 -39.31 -3.65
C GLU E 276 -17.81 -40.22 -4.29
N PHE E 277 -19.06 -39.77 -4.29
CA PHE E 277 -20.16 -40.53 -4.87
C PHE E 277 -21.02 -39.65 -5.77
N LEU E 278 -21.62 -40.27 -6.79
CA LEU E 278 -22.74 -39.67 -7.47
C LEU E 278 -23.99 -40.09 -6.70
N PHE E 279 -24.92 -39.16 -6.52
CA PHE E 279 -26.08 -39.41 -5.67
C PHE E 279 -27.36 -39.06 -6.43
N GLU E 280 -28.20 -40.06 -6.69
CA GLU E 280 -29.42 -39.85 -7.44
C GLU E 280 -30.55 -40.73 -6.91
N ASN E 281 -31.73 -40.14 -6.77
CA ASN E 281 -32.88 -40.83 -6.20
C ASN E 281 -32.54 -41.61 -4.94
N GLY E 282 -31.92 -40.93 -3.98
CA GLY E 282 -31.64 -41.52 -2.68
C GLY E 282 -30.60 -42.62 -2.71
N GLU E 283 -29.89 -42.76 -3.81
CA GLU E 283 -28.90 -43.81 -3.97
C GLU E 283 -27.50 -43.25 -4.19
N PHE E 284 -26.50 -43.94 -3.64
CA PHE E 284 -25.10 -43.53 -3.82
C PHE E 284 -24.37 -44.45 -4.80
N TYR E 285 -23.48 -43.85 -5.58
CA TYR E 285 -22.68 -44.60 -6.54
C TYR E 285 -21.23 -44.14 -6.50
N PHE E 286 -20.35 -45.02 -6.02
CA PHE E 286 -18.93 -44.71 -5.87
C PHE E 286 -18.32 -44.19 -7.16
N ILE E 287 -17.52 -43.14 -7.04
CA ILE E 287 -16.78 -42.60 -8.17
C ILE E 287 -15.28 -42.78 -7.99
N GLU E 288 -14.80 -42.40 -6.82
CA GLU E 288 -13.38 -42.38 -6.55
C GLU E 288 -13.14 -42.15 -5.07
N MET E 289 -11.99 -42.58 -4.57
CA MET E 289 -11.57 -42.23 -3.22
C MET E 289 -10.34 -41.35 -3.29
N ASN E 290 -10.48 -40.12 -2.82
CA ASN E 290 -9.35 -39.21 -2.73
C ASN E 290 -8.56 -39.56 -1.49
N THR E 291 -7.39 -40.15 -1.68
CA THR E 291 -6.58 -40.62 -0.56
C THR E 291 -5.68 -39.49 -0.07
N ARG E 292 -6.31 -38.45 0.46
CA ARG E 292 -5.61 -37.23 0.84
C ARG E 292 -6.62 -36.25 1.40
N ILE E 293 -6.14 -35.13 1.94
CA ILE E 293 -7.03 -34.05 2.32
C ILE E 293 -7.56 -33.38 1.06
N GLN E 294 -8.76 -32.81 1.15
CA GLN E 294 -9.36 -32.11 0.02
C GLN E 294 -9.43 -30.61 0.26
N VAL E 295 -9.65 -29.86 -0.82
CA VAL E 295 -9.74 -28.41 -0.74
C VAL E 295 -10.87 -27.98 0.21
N GLU E 296 -12.02 -28.62 0.07
CA GLU E 296 -13.23 -28.19 0.74
C GLU E 296 -13.40 -28.77 2.15
N HIS E 297 -12.32 -29.27 2.74
CA HIS E 297 -12.40 -29.86 4.07
C HIS E 297 -12.93 -28.89 5.13
N PRO E 298 -12.66 -27.58 4.96
CA PRO E 298 -13.07 -26.66 6.03
C PRO E 298 -14.56 -26.68 6.35
N VAL E 299 -15.43 -26.91 5.38
CA VAL E 299 -16.88 -26.91 5.67
C VAL E 299 -17.23 -28.05 6.63
N THR E 300 -16.51 -29.16 6.52
CA THR E 300 -16.73 -30.28 7.43
C THR E 300 -16.26 -29.91 8.83
N GLU E 301 -15.14 -29.19 8.90
CA GLU E 301 -14.59 -28.75 10.19
C GLU E 301 -15.57 -27.83 10.91
N MET E 302 -16.27 -27.00 10.16
CA MET E 302 -17.17 -26.00 10.74
C MET E 302 -18.34 -26.65 11.45
N ILE E 303 -18.88 -27.72 10.87
CA ILE E 303 -20.10 -28.33 11.37
C ILE E 303 -19.87 -29.45 12.39
N THR E 304 -18.62 -29.92 12.50
CA THR E 304 -18.28 -30.98 13.45
C THR E 304 -17.33 -30.52 14.55
N GLY E 305 -16.58 -29.44 14.28
CA GLY E 305 -15.63 -28.93 15.24
C GLY E 305 -14.31 -29.67 15.22
N VAL E 306 -14.16 -30.62 14.31
CA VAL E 306 -12.93 -31.38 14.19
C VAL E 306 -11.94 -30.67 13.29
N ASP E 307 -10.70 -30.53 13.79
CA ASP E 307 -9.61 -29.96 12.99
C ASP E 307 -8.94 -31.08 12.20
N LEU E 308 -9.31 -31.21 10.94
CA LEU E 308 -8.88 -32.34 10.11
C LEU E 308 -7.37 -32.39 9.87
N ILE E 309 -6.74 -31.21 9.74
CA ILE E 309 -5.31 -31.15 9.52
C ILE E 309 -4.57 -31.60 10.77
N LYS E 310 -5.00 -31.09 11.92
CA LYS E 310 -4.41 -31.47 13.20
C LYS E 310 -4.58 -32.98 13.41
N GLU E 311 -5.68 -33.54 12.93
CA GLU E 311 -5.92 -34.96 13.03
C GLU E 311 -4.98 -35.74 12.11
N GLN E 312 -4.69 -35.18 10.94
CA GLN E 312 -3.73 -35.79 10.03
C GLN E 312 -2.38 -35.91 10.72
N LEU E 313 -1.96 -34.82 11.35
CA LEU E 313 -0.67 -34.76 12.00
C LEU E 313 -0.57 -35.69 13.20
N ARG E 314 -1.66 -35.80 13.96
CA ARG E 314 -1.70 -36.69 15.13
CA ARG E 314 -1.69 -36.68 15.13
C ARG E 314 -1.62 -38.16 14.70
N ILE E 315 -2.31 -38.48 13.62
CA ILE E 315 -2.34 -39.84 13.11
C ILE E 315 -0.96 -40.23 12.57
N ALA E 316 -0.30 -39.28 11.91
CA ALA E 316 1.04 -39.52 11.37
C ALA E 316 2.04 -39.72 12.52
N ALA E 317 1.75 -39.09 13.66
CA ALA E 317 2.59 -39.22 14.84
C ALA E 317 2.43 -40.59 15.50
N GLY E 318 1.50 -41.39 14.99
CA GLY E 318 1.28 -42.73 15.50
C GLY E 318 0.15 -42.81 16.52
N GLN E 319 -0.54 -41.70 16.73
CA GLN E 319 -1.63 -41.66 17.69
C GLN E 319 -2.91 -42.26 17.10
N PRO E 320 -3.66 -43.02 17.93
CA PRO E 320 -4.95 -43.55 17.51
C PRO E 320 -6.04 -42.48 17.57
N LEU E 321 -7.14 -42.69 16.87
CA LEU E 321 -8.23 -41.73 16.86
C LEU E 321 -8.68 -41.42 18.28
N SER E 322 -8.67 -40.14 18.64
CA SER E 322 -9.14 -39.70 19.94
C SER E 322 -10.67 -39.62 19.96
N ILE E 323 -11.25 -39.47 18.78
CA ILE E 323 -12.69 -39.29 18.63
C ILE E 323 -13.43 -40.59 18.33
N LYS E 324 -14.56 -40.78 19.00
CA LYS E 324 -15.44 -41.91 18.72
C LYS E 324 -16.57 -41.49 17.80
N GLN E 325 -17.01 -42.41 16.96
CA GLN E 325 -18.07 -42.12 16.00
C GLN E 325 -19.24 -41.48 16.72
N GLU E 326 -19.50 -41.93 17.95
CA GLU E 326 -20.61 -41.42 18.74
C GLU E 326 -20.43 -39.95 19.08
N GLU E 327 -19.18 -39.52 19.20
CA GLU E 327 -18.87 -38.15 19.60
C GLU E 327 -18.90 -37.20 18.40
N VAL E 328 -19.09 -37.74 17.21
CA VAL E 328 -19.16 -36.92 16.00
C VAL E 328 -20.59 -36.45 15.77
N HIS E 329 -20.81 -35.16 15.93
CA HIS E 329 -22.15 -34.59 15.78
C HIS E 329 -22.18 -33.49 14.71
N VAL E 330 -23.22 -33.50 13.90
CA VAL E 330 -23.41 -32.47 12.90
C VAL E 330 -24.24 -31.32 13.46
N ARG E 331 -23.63 -30.14 13.52
CA ARG E 331 -24.30 -28.92 13.96
C ARG E 331 -24.15 -27.79 12.96
N GLY E 332 -25.27 -27.19 12.58
CA GLY E 332 -25.26 -26.04 11.69
C GLY E 332 -25.00 -26.42 10.24
N HIS E 333 -24.54 -25.44 9.47
CA HIS E 333 -24.33 -25.62 8.04
C HIS E 333 -23.20 -24.71 7.60
N ALA E 334 -22.46 -25.13 6.58
CA ALA E 334 -21.32 -24.36 6.11
C ALA E 334 -21.24 -24.39 4.60
N VAL E 335 -20.91 -23.25 4.00
CA VAL E 335 -20.74 -23.15 2.56
C VAL E 335 -19.35 -22.59 2.27
N GLU E 336 -18.81 -22.94 1.12
CA GLU E 336 -17.47 -22.49 0.73
C GLU E 336 -17.47 -22.10 -0.74
N CYS E 337 -17.05 -20.87 -1.00
CA CYS E 337 -16.83 -20.40 -2.36
C CYS E 337 -15.33 -20.36 -2.63
N ARG E 338 -14.90 -21.01 -3.69
CA ARG E 338 -13.51 -20.93 -4.12
C ARG E 338 -13.25 -19.59 -4.80
N ILE E 339 -12.24 -18.87 -4.33
CA ILE E 339 -11.82 -17.63 -4.96
C ILE E 339 -10.66 -17.91 -5.92
N ASN E 340 -10.92 -17.69 -7.21
CA ASN E 340 -9.95 -17.93 -8.26
C ASN E 340 -9.52 -16.64 -8.96
N ALA E 341 -8.23 -16.56 -9.32
CA ALA E 341 -7.72 -15.44 -10.10
C ALA E 341 -8.00 -15.68 -11.57
N GLU E 342 -9.19 -15.28 -12.03
CA GLU E 342 -9.59 -15.50 -13.40
C GLU E 342 -10.70 -14.54 -13.81
N ASP E 343 -10.81 -14.30 -15.11
CA ASP E 343 -11.89 -13.48 -15.63
C ASP E 343 -13.21 -14.18 -15.32
N PRO E 344 -14.17 -13.47 -14.70
CA PRO E 344 -15.39 -14.14 -14.25
C PRO E 344 -16.32 -14.55 -15.40
N ASN E 345 -15.97 -14.17 -16.62
CA ASN E 345 -16.82 -14.49 -17.77
C ASN E 345 -16.16 -15.44 -18.77
N THR E 346 -14.84 -15.43 -18.84
CA THR E 346 -14.12 -16.30 -19.76
C THR E 346 -13.17 -17.25 -19.05
N PHE E 347 -13.01 -17.07 -17.74
CA PHE E 347 -12.23 -17.99 -16.92
C PHE E 347 -10.79 -18.12 -17.41
N LEU E 348 -10.29 -17.04 -18.00
CA LEU E 348 -8.90 -16.96 -18.41
C LEU E 348 -8.05 -16.68 -17.18
N PRO E 349 -6.96 -17.44 -17.00
CA PRO E 349 -6.08 -17.21 -15.85
C PRO E 349 -5.74 -15.73 -15.72
N SER E 350 -5.57 -15.26 -14.48
CA SER E 350 -5.35 -13.85 -14.25
C SER E 350 -4.24 -13.56 -13.25
N PRO E 351 -2.99 -13.87 -13.64
CA PRO E 351 -1.87 -13.52 -12.76
C PRO E 351 -1.69 -12.00 -12.71
N GLY E 352 -0.97 -11.51 -11.71
CA GLY E 352 -0.70 -10.09 -11.57
C GLY E 352 -0.60 -9.65 -10.12
N LYS E 353 -0.27 -8.38 -9.91
CA LYS E 353 -0.10 -7.86 -8.56
C LYS E 353 -1.44 -7.43 -7.97
N ILE E 354 -1.68 -7.85 -6.73
CA ILE E 354 -2.85 -7.43 -5.99
C ILE E 354 -2.57 -6.06 -5.39
N THR E 355 -3.26 -5.04 -5.88
CA THR E 355 -2.99 -3.66 -5.50
C THR E 355 -3.66 -3.28 -4.19
N ARG E 356 -4.80 -3.91 -3.90
CA ARG E 356 -5.52 -3.66 -2.66
C ARG E 356 -6.29 -4.89 -2.22
N PHE E 357 -6.17 -5.24 -0.95
CA PHE E 357 -6.86 -6.40 -0.43
C PHE E 357 -7.51 -6.14 0.92
N HIS E 358 -8.74 -6.61 1.08
CA HIS E 358 -9.38 -6.61 2.38
C HIS E 358 -10.24 -7.85 2.55
N ALA E 359 -10.03 -8.56 3.66
CA ALA E 359 -10.74 -9.80 3.92
C ALA E 359 -12.02 -9.53 4.69
N PRO E 360 -13.09 -10.29 4.38
CA PRO E 360 -14.33 -10.18 5.15
C PRO E 360 -14.14 -10.72 6.55
N GLY E 361 -14.98 -10.28 7.49
CA GLY E 361 -14.90 -10.78 8.85
C GLY E 361 -16.27 -10.96 9.46
N GLY E 362 -16.31 -11.22 10.76
CA GLY E 362 -17.56 -11.36 11.47
C GLY E 362 -17.87 -12.77 11.93
N PHE E 363 -18.94 -12.88 12.71
CA PHE E 363 -19.38 -14.15 13.27
C PHE E 363 -19.59 -15.19 12.16
N GLY E 364 -18.98 -16.36 12.33
CA GLY E 364 -19.19 -17.46 11.41
C GLY E 364 -18.45 -17.30 10.08
N VAL E 365 -17.62 -16.27 9.96
CA VAL E 365 -16.88 -16.04 8.73
C VAL E 365 -15.44 -16.53 8.86
N ARG E 366 -15.00 -17.33 7.91
CA ARG E 366 -13.66 -17.92 7.95
C ARG E 366 -12.95 -17.71 6.62
N TRP E 367 -11.86 -16.96 6.63
CA TRP E 367 -11.12 -16.65 5.40
C TRP E 367 -9.82 -17.44 5.34
N GLU E 368 -9.65 -18.22 4.28
CA GLU E 368 -8.49 -19.09 4.09
C GLU E 368 -7.76 -18.68 2.83
N SER E 369 -6.71 -17.87 2.99
CA SER E 369 -5.97 -17.37 1.85
C SER E 369 -4.61 -16.82 2.27
N HIS E 370 -3.66 -16.90 1.36
CA HIS E 370 -2.29 -16.45 1.60
C HIS E 370 -2.07 -15.07 0.98
N ILE E 371 -3.04 -14.59 0.22
CA ILE E 371 -2.87 -13.34 -0.52
C ILE E 371 -2.93 -12.13 0.41
N TYR E 372 -2.28 -11.05 -0.02
CA TYR E 372 -2.28 -9.80 0.72
C TYR E 372 -1.93 -8.66 -0.23
N ALA E 373 -2.13 -7.42 0.22
CA ALA E 373 -1.86 -6.26 -0.61
C ALA E 373 -0.37 -6.21 -0.97
N GLY E 374 -0.09 -6.19 -2.27
CA GLY E 374 1.27 -6.12 -2.75
C GLY E 374 1.77 -7.46 -3.24
N TYR E 375 1.08 -8.53 -2.87
CA TYR E 375 1.48 -9.87 -3.29
C TYR E 375 1.10 -10.10 -4.74
N THR E 376 2.06 -10.64 -5.51
CA THR E 376 1.81 -10.96 -6.90
C THR E 376 1.43 -12.42 -7.08
N VAL E 377 0.34 -12.65 -7.81
CA VAL E 377 -0.03 -13.99 -8.21
C VAL E 377 0.74 -14.36 -9.46
N PRO E 378 1.68 -15.32 -9.34
CA PRO E 378 2.54 -15.65 -10.48
C PRO E 378 1.76 -16.37 -11.59
N PRO E 379 2.29 -16.33 -12.82
CA PRO E 379 1.65 -16.97 -13.97
C PRO E 379 1.93 -18.47 -14.03
N TYR E 380 1.91 -19.13 -12.87
CA TYR E 380 2.06 -20.58 -12.79
C TYR E 380 1.07 -21.10 -11.76
N TYR E 381 0.88 -22.41 -11.72
CA TYR E 381 0.07 -23.05 -10.68
C TYR E 381 -1.42 -22.85 -10.91
N ASP E 382 -2.22 -23.55 -10.09
CA ASP E 382 -3.68 -23.44 -10.16
C ASP E 382 -4.13 -22.00 -9.91
N SER E 383 -5.31 -21.67 -10.41
CA SER E 383 -5.81 -20.30 -10.32
C SER E 383 -6.51 -20.01 -9.00
N MET E 384 -6.71 -21.02 -8.16
CA MET E 384 -7.36 -20.81 -6.88
C MET E 384 -6.40 -20.09 -5.94
N ILE E 385 -6.81 -18.92 -5.47
CA ILE E 385 -5.96 -18.11 -4.60
C ILE E 385 -6.52 -18.00 -3.19
N GLY E 386 -7.79 -18.33 -3.00
CA GLY E 386 -8.36 -18.33 -1.66
C GLY E 386 -9.62 -19.16 -1.51
N LYS E 387 -10.16 -19.18 -0.29
CA LYS E 387 -11.43 -19.85 -0.02
C LYS E 387 -12.20 -19.09 1.05
N LEU E 388 -13.45 -18.76 0.76
CA LEU E 388 -14.32 -18.14 1.75
C LEU E 388 -15.30 -19.17 2.28
N ILE E 389 -15.32 -19.37 3.59
CA ILE E 389 -16.20 -20.36 4.20
C ILE E 389 -17.06 -19.69 5.28
N CYS E 390 -18.37 -19.80 5.13
CA CYS E 390 -19.30 -19.22 6.11
C CYS E 390 -20.15 -20.28 6.79
N TYR E 391 -20.22 -20.19 8.12
CA TYR E 391 -21.02 -21.10 8.92
C TYR E 391 -22.27 -20.41 9.45
N GLY E 392 -23.31 -21.18 9.70
CA GLY E 392 -24.55 -20.65 10.22
C GLY E 392 -25.37 -21.72 10.91
N GLU E 393 -26.22 -21.30 11.84
CA GLU E 393 -27.09 -22.21 12.56
C GLU E 393 -27.92 -23.06 11.59
N ASN E 394 -28.17 -22.52 10.40
CA ASN E 394 -28.86 -23.27 9.35
C ASN E 394 -28.36 -22.85 7.96
N ARG E 395 -28.81 -23.57 6.95
CA ARG E 395 -28.34 -23.34 5.58
C ARG E 395 -28.60 -21.92 5.10
N ASP E 396 -29.80 -21.41 5.39
CA ASP E 396 -30.19 -20.09 4.92
C ASP E 396 -29.29 -19.01 5.51
N VAL E 397 -28.95 -19.14 6.79
CA VAL E 397 -28.09 -18.19 7.47
C VAL E 397 -26.68 -18.25 6.89
N ALA E 398 -26.23 -19.46 6.55
CA ALA E 398 -24.92 -19.65 5.96
C ALA E 398 -24.81 -18.93 4.62
N ILE E 399 -25.86 -19.06 3.80
CA ILE E 399 -25.86 -18.46 2.48
C ILE E 399 -25.90 -16.93 2.54
N ALA E 400 -26.74 -16.38 3.42
CA ALA E 400 -26.82 -14.93 3.56
C ALA E 400 -25.48 -14.39 4.03
N ARG E 401 -24.86 -15.13 4.95
CA ARG E 401 -23.55 -14.78 5.47
C ARG E 401 -22.52 -14.77 4.34
N MET E 402 -22.62 -15.75 3.45
CA MET E 402 -21.70 -15.83 2.32
C MET E 402 -21.85 -14.63 1.39
N LYS E 403 -23.11 -14.21 1.16
CA LYS E 403 -23.37 -13.06 0.31
C LYS E 403 -22.65 -11.84 0.87
N ASN E 404 -22.90 -11.57 2.14
CA ASN E 404 -22.30 -10.41 2.79
C ASN E 404 -20.78 -10.40 2.73
N ALA E 405 -20.19 -11.55 3.04
CA ALA E 405 -18.74 -11.66 3.11
C ALA E 405 -18.13 -11.42 1.74
N LEU E 406 -18.77 -11.94 0.72
CA LEU E 406 -18.31 -11.78 -0.66
C LEU E 406 -18.37 -10.31 -1.03
N GLN E 407 -19.43 -9.64 -0.57
CA GLN E 407 -19.61 -8.23 -0.86
C GLN E 407 -18.52 -7.41 -0.17
N GLU E 408 -18.07 -7.87 0.99
CA GLU E 408 -16.97 -7.21 1.71
C GLU E 408 -15.62 -7.49 1.09
N LEU E 409 -15.44 -8.68 0.53
CA LEU E 409 -14.15 -9.10 0.00
C LEU E 409 -13.67 -8.14 -1.08
N ILE E 410 -12.48 -7.59 -0.89
CA ILE E 410 -11.87 -6.72 -1.88
C ILE E 410 -10.56 -7.33 -2.39
N ILE E 411 -10.49 -7.51 -3.70
CA ILE E 411 -9.27 -7.95 -4.36
C ILE E 411 -9.13 -7.21 -5.68
N ASP E 412 -8.31 -6.16 -5.67
CA ASP E 412 -8.10 -5.34 -6.86
C ASP E 412 -6.74 -5.61 -7.46
N GLY E 413 -6.60 -5.29 -8.75
CA GLY E 413 -5.35 -5.50 -9.46
C GLY E 413 -5.44 -6.68 -10.41
N ILE E 414 -6.24 -7.68 -10.03
CA ILE E 414 -6.45 -8.86 -10.85
C ILE E 414 -7.93 -9.20 -10.95
N LYS E 415 -8.28 -9.90 -12.02
CA LYS E 415 -9.62 -10.47 -12.20
C LYS E 415 -9.85 -11.56 -11.16
N THR E 416 -11.06 -11.64 -10.61
CA THR E 416 -11.42 -12.76 -9.75
C THR E 416 -12.82 -13.26 -10.08
N ASN E 417 -13.18 -14.42 -9.54
CA ASN E 417 -14.50 -14.97 -9.79
C ASN E 417 -15.51 -14.58 -8.72
N VAL E 418 -15.16 -13.57 -7.93
CA VAL E 418 -16.02 -13.14 -6.83
C VAL E 418 -17.44 -12.85 -7.32
N ASP E 419 -17.55 -12.09 -8.40
CA ASP E 419 -18.86 -11.74 -8.94
C ASP E 419 -19.67 -12.99 -9.30
N LEU E 420 -19.00 -14.00 -9.85
CA LEU E 420 -19.68 -15.24 -10.18
C LEU E 420 -20.23 -15.90 -8.92
N GLN E 421 -19.43 -15.91 -7.85
CA GLN E 421 -19.86 -16.50 -6.59
C GLN E 421 -21.07 -15.77 -6.04
N ILE E 422 -21.10 -14.45 -6.22
CA ILE E 422 -22.21 -13.63 -5.78
C ILE E 422 -23.48 -14.06 -6.52
N ARG E 423 -23.36 -14.23 -7.83
N ARG E 423 -23.36 -14.24 -7.83
CA ARG E 423 -24.47 -14.68 -8.65
CA ARG E 423 -24.50 -14.67 -8.64
C ARG E 423 -25.01 -16.02 -8.15
C ARG E 423 -25.02 -16.04 -8.20
N ILE E 424 -24.10 -16.94 -7.84
CA ILE E 424 -24.48 -18.27 -7.38
C ILE E 424 -25.24 -18.21 -6.05
N MET E 425 -24.79 -17.36 -5.14
CA MET E 425 -25.46 -17.20 -3.85
C MET E 425 -26.84 -16.59 -4.06
N ASN E 426 -26.98 -15.75 -5.08
CA ASN E 426 -28.28 -15.17 -5.41
C ASN E 426 -29.18 -16.11 -6.22
N ASP E 427 -28.62 -17.21 -6.73
CA ASP E 427 -29.39 -18.15 -7.53
C ASP E 427 -30.46 -18.86 -6.69
N GLU E 428 -31.72 -18.77 -7.13
CA GLU E 428 -32.84 -19.31 -6.38
C GLU E 428 -32.83 -20.83 -6.29
N ASN E 429 -32.38 -21.50 -7.36
CA ASN E 429 -32.30 -22.95 -7.35
C ASN E 429 -31.24 -23.43 -6.36
N PHE E 430 -30.15 -22.68 -6.24
CA PHE E 430 -29.13 -22.99 -5.26
C PHE E 430 -29.63 -22.74 -3.85
N GLN E 431 -30.44 -21.70 -3.68
CA GLN E 431 -30.99 -21.36 -2.37
C GLN E 431 -31.97 -22.40 -1.89
N HIS E 432 -32.72 -23.01 -2.80
CA HIS E 432 -33.61 -24.10 -2.44
C HIS E 432 -32.77 -25.34 -2.13
N GLY E 433 -31.68 -25.51 -2.87
CA GLY E 433 -30.78 -26.62 -2.67
C GLY E 433 -31.07 -27.83 -3.55
N GLY E 434 -30.07 -28.69 -3.68
CA GLY E 434 -30.22 -29.94 -4.41
C GLY E 434 -29.91 -29.87 -5.90
N THR E 435 -29.26 -28.80 -6.35
CA THR E 435 -28.88 -28.71 -7.76
C THR E 435 -27.90 -29.81 -8.13
N ASN E 436 -27.98 -30.28 -9.37
CA ASN E 436 -27.15 -31.38 -9.83
C ASN E 436 -25.80 -30.88 -10.35
N ILE E 437 -24.96 -31.80 -10.80
CA ILE E 437 -23.60 -31.47 -11.21
C ILE E 437 -23.52 -30.76 -12.57
N HIS E 438 -24.67 -30.58 -13.22
CA HIS E 438 -24.71 -29.94 -14.53
C HIS E 438 -25.31 -28.54 -14.47
N TYR E 439 -25.81 -28.15 -13.31
CA TYR E 439 -26.59 -26.93 -13.20
C TYR E 439 -25.81 -25.66 -13.52
N LEU E 440 -24.62 -25.53 -12.94
CA LEU E 440 -23.84 -24.29 -13.08
C LEU E 440 -23.54 -23.97 -14.54
N GLU E 441 -23.18 -24.99 -15.31
CA GLU E 441 -22.88 -24.81 -16.71
C GLU E 441 -24.17 -24.59 -17.50
N LYS E 442 -25.26 -25.13 -16.96
CA LYS E 442 -26.60 -24.94 -17.52
C LYS E 442 -27.02 -23.49 -17.35
N LYS E 443 -26.56 -22.89 -16.25
CA LYS E 443 -26.92 -21.52 -15.90
C LYS E 443 -26.13 -20.50 -16.69
N LEU E 444 -24.85 -20.80 -16.93
CA LEU E 444 -23.97 -19.86 -17.62
C LEU E 444 -24.02 -20.06 -19.13
N GLY E 445 -24.81 -21.02 -19.59
CA GLY E 445 -25.04 -21.19 -21.01
C GLY E 445 -23.84 -21.81 -21.70
N LEU E 446 -23.21 -22.79 -21.05
CA LEU E 446 -22.08 -23.50 -21.64
C LEU E 446 -22.11 -24.97 -21.26
N MET F 1 -38.95 -7.92 9.69
CA MET F 1 -38.94 -7.28 11.04
C MET F 1 -38.77 -5.76 10.94
N LEU F 2 -37.62 -5.26 11.38
CA LEU F 2 -37.31 -3.84 11.26
C LEU F 2 -36.83 -3.56 9.85
N ASP F 3 -37.51 -2.65 9.16
CA ASP F 3 -37.20 -2.35 7.77
C ASP F 3 -35.82 -1.69 7.63
N LYS F 4 -35.55 -0.74 8.53
CA LYS F 4 -34.34 0.07 8.43
C LYS F 4 -33.98 0.64 9.80
N ILE F 5 -32.70 0.57 10.17
CA ILE F 5 -32.28 1.11 11.46
C ILE F 5 -31.08 2.04 11.33
N VAL F 6 -30.94 2.93 12.31
CA VAL F 6 -29.75 3.77 12.44
C VAL F 6 -28.77 3.13 13.40
N ILE F 7 -27.51 3.04 12.98
CA ILE F 7 -26.45 2.54 13.85
C ILE F 7 -25.81 3.71 14.59
N ALA F 8 -26.31 4.00 15.79
CA ALA F 8 -25.82 5.14 16.57
C ALA F 8 -24.51 4.80 17.28
N ASN F 9 -23.48 4.55 16.49
CA ASN F 9 -22.15 4.26 17.02
C ASN F 9 -21.12 4.28 15.90
N ARG F 10 -19.90 3.82 16.20
CA ARG F 10 -18.81 3.88 15.23
C ARG F 10 -17.88 2.68 15.39
N GLY F 11 -16.83 2.67 14.57
CA GLY F 11 -15.78 1.68 14.68
C GLY F 11 -16.27 0.25 14.57
N GLU F 12 -15.64 -0.63 15.33
CA GLU F 12 -15.88 -2.07 15.19
C GLU F 12 -17.31 -2.44 15.53
N ILE F 13 -17.87 -1.86 16.60
CA ILE F 13 -19.22 -2.24 17.01
C ILE F 13 -20.23 -1.83 15.95
N ALA F 14 -19.97 -0.71 15.29
CA ALA F 14 -20.82 -0.23 14.21
C ALA F 14 -20.77 -1.21 13.04
N LEU F 15 -19.57 -1.70 12.75
CA LEU F 15 -19.42 -2.72 11.71
C LEU F 15 -20.13 -4.02 12.06
N ARG F 16 -20.11 -4.39 13.35
CA ARG F 16 -20.73 -5.63 13.82
C ARG F 16 -22.23 -5.57 13.63
N ILE F 17 -22.81 -4.44 14.03
CA ILE F 17 -24.25 -4.25 13.92
C ILE F 17 -24.64 -4.22 12.45
N LEU F 18 -23.84 -3.56 11.62
CA LEU F 18 -24.13 -3.49 10.20
C LEU F 18 -24.20 -4.88 9.56
N ARG F 19 -23.25 -5.74 9.91
CA ARG F 19 -23.25 -7.10 9.40
C ARG F 19 -24.51 -7.85 9.83
N ALA F 20 -24.84 -7.77 11.11
CA ALA F 20 -26.06 -8.37 11.63
C ALA F 20 -27.27 -7.93 10.82
N CYS F 21 -27.34 -6.64 10.51
CA CYS F 21 -28.48 -6.08 9.79
C CYS F 21 -28.53 -6.58 8.35
N LYS F 22 -27.35 -6.69 7.75
CA LYS F 22 -27.23 -7.07 6.36
C LYS F 22 -27.76 -8.49 6.18
N GLU F 23 -27.43 -9.36 7.14
CA GLU F 23 -27.85 -10.75 7.11
C GLU F 23 -29.37 -10.91 7.27
N LEU F 24 -29.96 -9.99 8.03
CA LEU F 24 -31.40 -10.03 8.28
C LEU F 24 -32.19 -9.27 7.21
N GLY F 25 -31.49 -8.69 6.25
CA GLY F 25 -32.12 -7.94 5.18
C GLY F 25 -32.63 -6.58 5.66
N ILE F 26 -32.03 -6.09 6.74
CA ILE F 26 -32.39 -4.80 7.30
C ILE F 26 -31.55 -3.68 6.71
N LYS F 27 -32.21 -2.66 6.17
CA LYS F 27 -31.52 -1.51 5.60
C LYS F 27 -30.80 -0.74 6.69
N THR F 28 -29.59 -0.25 6.38
CA THR F 28 -28.75 0.40 7.38
C THR F 28 -28.57 1.88 7.11
N VAL F 29 -28.53 2.65 8.20
CA VAL F 29 -28.22 4.08 8.13
C VAL F 29 -27.05 4.37 9.06
N ALA F 30 -25.88 4.64 8.48
CA ALA F 30 -24.70 4.98 9.26
C ALA F 30 -24.63 6.47 9.51
N VAL F 31 -24.89 6.87 10.75
CA VAL F 31 -24.66 8.25 11.16
C VAL F 31 -23.21 8.35 11.61
N HIS F 32 -22.52 9.41 11.20
CA HIS F 32 -21.10 9.52 11.46
C HIS F 32 -20.65 10.96 11.69
N SER F 33 -19.56 11.12 12.44
CA SER F 33 -18.92 12.41 12.59
C SER F 33 -18.19 12.75 11.30
N SER F 34 -17.75 14.00 11.16
CA SER F 34 -17.04 14.43 9.97
C SER F 34 -15.68 13.75 9.85
N ALA F 35 -15.17 13.22 10.96
CA ALA F 35 -13.86 12.58 10.97
C ALA F 35 -13.94 11.08 10.68
N ASP F 36 -15.16 10.58 10.53
CA ASP F 36 -15.37 9.14 10.32
C ASP F 36 -15.98 8.85 8.96
N ARG F 37 -15.70 9.70 7.99
CA ARG F 37 -16.18 9.50 6.63
C ARG F 37 -15.58 8.22 6.04
N ASP F 38 -14.42 7.81 6.53
CA ASP F 38 -13.69 6.67 5.97
C ASP F 38 -13.97 5.35 6.68
N LEU F 39 -14.83 5.35 7.69
CA LEU F 39 -15.16 4.12 8.41
C LEU F 39 -15.71 3.06 7.45
N LYS F 40 -15.24 1.83 7.62
CA LYS F 40 -15.65 0.72 6.76
C LYS F 40 -17.18 0.57 6.74
N HIS F 41 -17.79 0.56 7.92
CA HIS F 41 -19.23 0.35 8.01
C HIS F 41 -19.98 1.51 7.35
N VAL F 42 -19.40 2.70 7.41
CA VAL F 42 -19.98 3.85 6.71
C VAL F 42 -19.90 3.62 5.21
N LEU F 43 -18.78 3.10 4.74
CA LEU F 43 -18.58 2.81 3.33
C LEU F 43 -19.47 1.66 2.86
N LEU F 44 -19.86 0.79 3.77
CA LEU F 44 -20.73 -0.34 3.45
C LEU F 44 -22.23 -0.05 3.62
N ALA F 45 -22.56 0.97 4.40
CA ALA F 45 -23.96 1.26 4.72
C ALA F 45 -24.77 1.61 3.48
N ASP F 46 -26.09 1.40 3.57
CA ASP F 46 -26.99 1.72 2.47
C ASP F 46 -27.22 3.22 2.37
N GLU F 47 -27.29 3.88 3.53
CA GLU F 47 -27.42 5.32 3.58
C GLU F 47 -26.46 5.88 4.62
N THR F 48 -25.92 7.07 4.36
CA THR F 48 -25.02 7.71 5.30
C THR F 48 -25.51 9.11 5.65
N VAL F 49 -25.25 9.54 6.87
CA VAL F 49 -25.63 10.87 7.33
C VAL F 49 -24.59 11.43 8.30
N CYS F 50 -23.94 12.51 7.89
CA CYS F 50 -23.03 13.21 8.79
C CYS F 50 -23.86 13.97 9.81
N ILE F 51 -23.51 13.82 11.08
CA ILE F 51 -24.32 14.37 12.16
C ILE F 51 -23.59 15.45 12.96
N GLY F 52 -22.32 15.69 12.63
CA GLY F 52 -21.56 16.72 13.31
C GLY F 52 -20.06 16.61 13.11
N PRO F 53 -19.30 17.51 13.74
CA PRO F 53 -17.84 17.55 13.68
C PRO F 53 -17.22 16.41 14.47
N ALA F 54 -15.89 16.36 14.53
CA ALA F 54 -15.18 15.23 15.10
C ALA F 54 -15.63 14.89 16.52
N PRO F 55 -15.60 15.88 17.44
CA PRO F 55 -15.88 15.56 18.84
C PRO F 55 -17.17 14.78 19.02
N SER F 56 -17.12 13.74 19.85
CA SER F 56 -18.29 12.89 20.09
C SER F 56 -19.47 13.71 20.59
N VAL F 57 -19.20 14.68 21.46
CA VAL F 57 -20.26 15.48 22.08
C VAL F 57 -21.12 16.19 21.05
N LYS F 58 -20.55 16.50 19.89
CA LYS F 58 -21.28 17.21 18.83
C LYS F 58 -21.70 16.26 17.71
N SER F 59 -21.35 14.99 17.85
CA SER F 59 -21.68 13.99 16.83
C SER F 59 -22.45 12.82 17.45
N TYR F 60 -21.72 11.88 18.04
CA TYR F 60 -22.34 10.64 18.52
C TYR F 60 -23.14 10.82 19.81
N LEU F 61 -23.01 11.99 20.43
CA LEU F 61 -23.82 12.31 21.60
C LEU F 61 -24.84 13.39 21.27
N ASN F 62 -25.00 13.68 19.98
CA ASN F 62 -25.93 14.70 19.53
C ASN F 62 -27.29 14.09 19.23
N ILE F 63 -28.13 14.04 20.25
CA ILE F 63 -29.43 13.37 20.15
C ILE F 63 -30.29 13.95 19.03
N PRO F 64 -30.42 15.29 18.98
CA PRO F 64 -31.26 15.89 17.92
C PRO F 64 -30.80 15.53 16.50
N ALA F 65 -29.50 15.43 16.30
CA ALA F 65 -28.96 15.10 14.98
C ALA F 65 -29.29 13.67 14.61
N ILE F 66 -29.15 12.76 15.57
CA ILE F 66 -29.37 11.34 15.33
C ILE F 66 -30.83 11.08 14.99
N ILE F 67 -31.73 11.65 15.79
CA ILE F 67 -33.16 11.47 15.58
C ILE F 67 -33.60 12.06 14.25
N SER F 68 -33.14 13.26 13.93
CA SER F 68 -33.49 13.86 12.65
C SER F 68 -33.00 13.05 11.50
N ALA F 69 -31.84 12.45 11.69
CA ALA F 69 -31.31 11.60 10.67
C ALA F 69 -32.26 10.42 10.45
N ALA F 70 -32.71 9.81 11.55
CA ALA F 70 -33.66 8.70 11.48
C ALA F 70 -34.92 9.11 10.73
N GLU F 71 -35.33 10.35 10.97
CA GLU F 71 -36.56 10.88 10.41
C GLU F 71 -36.43 11.03 8.89
N ILE F 72 -35.36 11.65 8.43
CA ILE F 72 -35.20 11.90 7.00
C ILE F 72 -34.95 10.62 6.23
N THR F 73 -34.31 9.64 6.86
CA THR F 73 -34.07 8.35 6.21
C THR F 73 -35.27 7.42 6.38
N GLY F 74 -36.15 7.74 7.32
CA GLY F 74 -37.34 6.94 7.54
C GLY F 74 -37.05 5.63 8.27
N ALA F 75 -36.02 5.65 9.11
CA ALA F 75 -35.67 4.47 9.89
C ALA F 75 -36.76 4.18 10.90
N VAL F 76 -36.86 2.93 11.35
CA VAL F 76 -37.87 2.54 12.32
C VAL F 76 -37.26 2.34 13.71
N ALA F 77 -35.96 2.07 13.76
CA ALA F 77 -35.31 1.79 15.03
C ALA F 77 -33.88 2.34 15.06
N ILE F 78 -33.32 2.43 16.27
CA ILE F 78 -31.97 2.93 16.46
C ILE F 78 -31.18 2.04 17.41
N HIS F 79 -30.02 1.57 16.96
CA HIS F 79 -29.15 0.75 17.78
C HIS F 79 -28.00 1.59 18.34
N PRO F 80 -27.91 1.68 19.67
CA PRO F 80 -26.94 2.55 20.35
C PRO F 80 -25.55 1.94 20.54
N GLY F 81 -25.47 0.61 20.59
CA GLY F 81 -24.19 -0.08 20.63
C GLY F 81 -23.73 -0.17 22.07
N TYR F 82 -22.43 0.02 22.30
CA TYR F 82 -21.94 0.21 23.66
C TYR F 82 -21.31 1.58 23.78
N GLY F 83 -21.20 2.08 25.02
CA GLY F 83 -20.69 3.42 25.25
C GLY F 83 -21.66 4.46 24.71
N PHE F 84 -21.16 5.67 24.49
CA PHE F 84 -21.97 6.78 24.00
C PHE F 84 -23.33 6.88 24.71
N LEU F 85 -24.41 6.66 23.97
CA LEU F 85 -25.76 6.89 24.49
C LEU F 85 -26.53 5.60 24.82
N SER F 86 -25.85 4.47 24.80
CA SER F 86 -26.52 3.18 25.00
C SER F 86 -27.18 3.09 26.38
N GLU F 87 -26.59 3.75 27.36
CA GLU F 87 -27.13 3.73 28.72
C GLU F 87 -27.58 5.13 29.14
N ASN F 88 -28.09 5.89 28.17
CA ASN F 88 -28.61 7.24 28.40
C ASN F 88 -30.13 7.28 28.39
N ALA F 89 -30.73 7.29 29.57
CA ALA F 89 -32.19 7.20 29.70
C ALA F 89 -32.94 8.25 28.86
N ASN F 90 -32.47 9.50 28.89
CA ASN F 90 -33.13 10.56 28.14
C ASN F 90 -33.15 10.27 26.64
N PHE F 91 -32.05 9.75 26.13
CA PHE F 91 -31.94 9.43 24.71
C PHE F 91 -32.99 8.41 24.31
N ALA F 92 -33.07 7.31 25.04
CA ALA F 92 -34.08 6.30 24.77
C ALA F 92 -35.48 6.92 24.75
N GLU F 93 -35.73 7.81 25.71
CA GLU F 93 -37.01 8.48 25.81
C GLU F 93 -37.36 9.27 24.54
N GLN F 94 -36.41 10.10 24.10
CA GLN F 94 -36.63 10.96 22.93
C GLN F 94 -36.78 10.13 21.66
N VAL F 95 -36.11 8.99 21.61
CA VAL F 95 -36.21 8.09 20.46
C VAL F 95 -37.65 7.57 20.37
N GLU F 96 -38.17 7.09 21.48
CA GLU F 96 -39.54 6.60 21.53
C GLU F 96 -40.56 7.70 21.24
N ARG F 97 -40.31 8.90 21.76
CA ARG F 97 -41.27 9.99 21.63
C ARG F 97 -41.38 10.42 20.17
N SER F 98 -40.30 10.22 19.42
CA SER F 98 -40.28 10.56 18.00
C SER F 98 -40.86 9.44 17.13
N GLY F 99 -41.26 8.34 17.77
CA GLY F 99 -41.92 7.26 17.06
C GLY F 99 -40.96 6.21 16.53
N PHE F 100 -39.77 6.13 17.11
CA PHE F 100 -38.78 5.14 16.71
C PHE F 100 -38.57 4.13 17.82
N ILE F 101 -38.19 2.92 17.44
CA ILE F 101 -37.89 1.87 18.40
C ILE F 101 -36.45 2.01 18.90
N PHE F 102 -36.29 2.03 20.22
CA PHE F 102 -34.97 2.06 20.83
C PHE F 102 -34.49 0.64 21.10
N ILE F 103 -33.50 0.20 20.33
CA ILE F 103 -32.95 -1.14 20.49
C ILE F 103 -32.15 -1.24 21.77
N GLY F 104 -32.85 -1.53 22.87
CA GLY F 104 -32.26 -1.58 24.19
C GLY F 104 -33.34 -1.71 25.24
N PRO F 105 -32.98 -1.52 26.51
CA PRO F 105 -33.93 -1.65 27.61
C PRO F 105 -34.81 -0.41 27.81
N LYS F 106 -35.80 -0.51 28.68
CA LYS F 106 -36.67 0.61 29.00
C LYS F 106 -35.89 1.72 29.70
N ALA F 107 -36.25 2.97 29.44
CA ALA F 107 -35.58 4.11 30.05
C ALA F 107 -35.59 4.02 31.57
N GLU F 108 -36.73 3.63 32.13
CA GLU F 108 -36.85 3.48 33.58
C GLU F 108 -35.84 2.46 34.10
N THR F 109 -35.59 1.42 33.30
CA THR F 109 -34.65 0.38 33.69
C THR F 109 -33.23 0.89 33.61
N ILE F 110 -32.96 1.76 32.64
CA ILE F 110 -31.62 2.33 32.48
C ILE F 110 -31.27 3.19 33.69
N ARG F 111 -32.18 4.04 34.11
CA ARG F 111 -31.98 4.87 35.30
C ARG F 111 -31.84 3.99 36.53
N LEU F 112 -32.69 2.98 36.64
CA LEU F 112 -32.68 2.07 37.78
C LEU F 112 -31.29 1.47 37.99
N MET F 113 -30.73 0.88 36.94
CA MET F 113 -29.42 0.23 37.04
C MET F 113 -28.27 1.21 36.75
N GLY F 114 -28.62 2.42 36.32
CA GLY F 114 -27.62 3.43 36.04
C GLY F 114 -27.17 4.16 37.29
N ASP F 115 -27.95 4.03 38.36
CA ASP F 115 -27.62 4.65 39.64
C ASP F 115 -27.17 3.61 40.65
N LYS F 116 -26.02 3.85 41.27
CA LYS F 116 -25.44 2.92 42.22
C LYS F 116 -26.45 2.48 43.27
N VAL F 117 -27.12 3.46 43.89
CA VAL F 117 -28.03 3.20 45.00
C VAL F 117 -29.23 2.38 44.54
N SER F 118 -29.88 2.84 43.48
CA SER F 118 -31.08 2.17 42.98
C SER F 118 -30.78 0.79 42.43
N ALA F 119 -29.59 0.63 41.84
CA ALA F 119 -29.18 -0.66 41.29
C ALA F 119 -29.04 -1.68 42.41
N ILE F 120 -28.28 -1.31 43.45
CA ILE F 120 -28.10 -2.18 44.60
C ILE F 120 -29.44 -2.57 45.20
N ALA F 121 -30.32 -1.59 45.38
CA ALA F 121 -31.65 -1.83 45.93
C ALA F 121 -32.34 -2.96 45.15
N ALA F 122 -32.37 -2.82 43.83
CA ALA F 122 -33.02 -3.82 42.99
C ALA F 122 -32.40 -5.21 43.14
N MET F 123 -31.07 -5.27 43.16
CA MET F 123 -30.36 -6.55 43.23
C MET F 123 -30.67 -7.31 44.52
N LYS F 124 -30.59 -6.64 45.66
CA LYS F 124 -30.94 -7.27 46.93
C LYS F 124 -32.39 -7.74 46.88
N LYS F 125 -33.27 -6.86 46.42
CA LYS F 125 -34.69 -7.16 46.29
C LYS F 125 -34.89 -8.43 45.46
N ALA F 126 -34.06 -8.61 44.44
CA ALA F 126 -34.18 -9.74 43.52
C ALA F 126 -33.41 -10.97 44.01
N GLY F 127 -32.56 -10.79 45.01
CA GLY F 127 -31.81 -11.90 45.57
C GLY F 127 -30.40 -12.04 45.02
N VAL F 128 -29.96 -11.06 44.25
CA VAL F 128 -28.60 -11.06 43.73
C VAL F 128 -27.62 -10.65 44.83
N PRO F 129 -26.61 -11.50 45.09
CA PRO F 129 -25.65 -11.27 46.17
C PRO F 129 -24.77 -10.03 45.97
N CYS F 130 -24.77 -9.15 46.96
CA CYS F 130 -23.97 -7.93 46.91
C CYS F 130 -22.84 -7.99 47.94
N VAL F 131 -22.03 -6.94 47.98
CA VAL F 131 -20.91 -6.88 48.91
C VAL F 131 -21.40 -6.65 50.34
N PRO F 132 -21.06 -7.58 51.25
CA PRO F 132 -21.44 -7.43 52.66
C PRO F 132 -20.87 -6.16 53.27
N GLY F 133 -21.67 -5.45 54.06
CA GLY F 133 -21.23 -4.20 54.66
C GLY F 133 -21.89 -3.93 56.00
N SER F 134 -21.43 -2.88 56.67
CA SER F 134 -21.91 -2.54 58.01
C SER F 134 -23.40 -2.21 58.05
N ASP F 135 -23.98 -1.90 56.90
CA ASP F 135 -25.39 -1.53 56.84
C ASP F 135 -25.62 -0.35 57.78
N GLY F 136 -24.99 0.78 57.47
CA GLY F 136 -25.06 1.96 58.33
C GLY F 136 -23.68 2.30 58.90
N PRO F 137 -23.53 3.54 59.38
CA PRO F 137 -22.26 4.00 59.95
C PRO F 137 -21.93 3.27 61.25
N LEU F 138 -20.73 3.50 61.79
CA LEU F 138 -20.35 2.82 63.03
C LEU F 138 -20.17 3.81 64.17
N GLY F 139 -20.35 3.31 65.40
CA GLY F 139 -20.26 4.12 66.59
C GLY F 139 -18.93 3.92 67.30
N ASP F 140 -18.87 4.36 68.55
CA ASP F 140 -17.65 4.29 69.34
C ASP F 140 -17.52 2.94 70.06
N ASP F 141 -18.61 2.17 70.07
CA ASP F 141 -18.60 0.87 70.73
C ASP F 141 -17.75 -0.13 69.95
N MET F 142 -16.65 -0.55 70.58
CA MET F 142 -15.72 -1.47 69.93
C MET F 142 -16.22 -2.91 69.97
N ASP F 143 -17.09 -3.22 70.93
CA ASP F 143 -17.71 -4.53 71.00
C ASP F 143 -18.60 -4.72 69.77
N LYS F 144 -19.39 -3.69 69.47
CA LYS F 144 -20.27 -3.69 68.31
C LYS F 144 -19.47 -3.83 67.02
N ASN F 145 -18.48 -2.96 66.87
CA ASN F 145 -17.67 -2.94 65.67
C ASN F 145 -16.96 -4.27 65.42
N ARG F 146 -16.49 -4.90 66.48
CA ARG F 146 -15.81 -6.19 66.34
C ARG F 146 -16.79 -7.29 65.96
N ALA F 147 -17.99 -7.22 66.52
CA ALA F 147 -19.05 -8.17 66.17
C ALA F 147 -19.41 -8.05 64.70
N ILE F 148 -19.38 -6.82 64.19
CA ILE F 148 -19.71 -6.57 62.79
C ILE F 148 -18.61 -7.09 61.88
N ALA F 149 -17.36 -6.90 62.29
CA ALA F 149 -16.22 -7.41 61.52
C ALA F 149 -16.25 -8.93 61.50
N LYS F 150 -16.71 -9.52 62.60
CA LYS F 150 -16.79 -10.96 62.75
C LYS F 150 -17.82 -11.53 61.78
N ARG F 151 -18.98 -10.90 61.76
CA ARG F 151 -20.06 -11.30 60.86
C ARG F 151 -19.57 -11.26 59.42
N ILE F 152 -19.09 -10.11 59.02
CA ILE F 152 -18.57 -9.91 57.67
C ILE F 152 -17.42 -10.86 57.37
N GLY F 153 -16.55 -11.06 58.36
CA GLY F 153 -15.40 -11.93 58.20
C GLY F 153 -14.21 -11.16 57.69
N TYR F 154 -13.09 -11.26 58.38
CA TYR F 154 -11.88 -10.55 57.98
C TYR F 154 -11.27 -11.16 56.73
N PRO F 155 -10.56 -10.35 55.94
CA PRO F 155 -10.29 -8.94 56.21
C PRO F 155 -11.48 -8.04 55.88
N VAL F 156 -11.49 -6.83 56.43
CA VAL F 156 -12.55 -5.86 56.17
C VAL F 156 -11.93 -4.59 55.61
N ILE F 157 -12.79 -3.65 55.20
CA ILE F 157 -12.32 -2.40 54.60
C ILE F 157 -13.12 -1.24 55.17
N ILE F 158 -12.40 -0.14 55.42
CA ILE F 158 -12.96 1.07 55.99
C ILE F 158 -13.12 2.16 54.94
N LYS F 159 -14.31 2.77 54.88
CA LYS F 159 -14.62 3.81 53.90
C LYS F 159 -15.27 5.01 54.58
N ALA F 160 -15.19 6.17 53.93
CA ALA F 160 -15.74 7.40 54.48
C ALA F 160 -17.16 7.63 53.96
N MET F 169 -10.56 4.36 52.20
CA MET F 169 -10.24 2.95 52.00
C MET F 169 -9.04 2.54 52.84
N ARG F 170 -9.30 1.90 53.98
CA ARG F 170 -8.22 1.44 54.86
C ARG F 170 -8.51 0.03 55.41
N VAL F 171 -7.57 -0.88 55.21
CA VAL F 171 -7.77 -2.30 55.51
C VAL F 171 -7.42 -2.76 56.93
N VAL F 172 -8.31 -3.59 57.47
CA VAL F 172 -8.09 -4.25 58.76
C VAL F 172 -8.13 -5.75 58.54
N ARG F 173 -7.14 -6.47 59.08
CA ARG F 173 -7.03 -7.91 58.84
C ARG F 173 -7.24 -8.69 60.13
N GLY F 174 -7.34 -7.99 61.25
CA GLY F 174 -7.49 -8.66 62.53
C GLY F 174 -8.15 -7.78 63.57
N ASP F 175 -8.62 -8.41 64.63
CA ASP F 175 -9.32 -7.73 65.71
C ASP F 175 -8.42 -6.72 66.41
N ALA F 176 -7.17 -7.12 66.67
CA ALA F 176 -6.30 -6.34 67.55
C ALA F 176 -6.12 -4.88 67.15
N GLU F 177 -6.12 -4.58 65.85
CA GLU F 177 -5.91 -3.20 65.41
C GLU F 177 -7.10 -2.63 64.62
N LEU F 178 -8.28 -3.15 64.88
CA LEU F 178 -9.49 -2.61 64.27
C LEU F 178 -9.69 -1.23 64.89
N ALA F 179 -9.59 -1.19 66.22
CA ALA F 179 -9.78 0.04 66.98
C ALA F 179 -9.06 1.22 66.34
N GLN F 180 -7.76 1.09 66.09
CA GLN F 180 -7.00 2.20 65.54
C GLN F 180 -7.43 2.55 64.11
N SER F 181 -7.91 1.55 63.37
CA SER F 181 -8.24 1.76 61.97
C SER F 181 -9.43 2.69 61.81
N ILE F 182 -10.31 2.69 62.80
CA ILE F 182 -11.47 3.57 62.79
C ILE F 182 -11.01 5.02 62.95
N SER F 183 -9.90 5.20 63.65
CA SER F 183 -9.38 6.55 63.90
C SER F 183 -9.25 7.31 62.58
N MET F 184 -8.49 6.73 61.66
CA MET F 184 -8.19 7.37 60.39
C MET F 184 -9.42 7.39 59.49
N ASP F 196 -16.26 11.96 57.10
CA ASP F 196 -15.88 11.70 58.49
C ASP F 196 -16.48 10.37 58.98
N MET F 197 -17.81 10.30 58.99
CA MET F 197 -18.49 9.08 59.44
C MET F 197 -18.12 7.94 58.51
N VAL F 198 -17.99 6.74 59.08
CA VAL F 198 -17.40 5.62 58.37
C VAL F 198 -18.32 4.40 58.27
N TYR F 199 -18.26 3.72 57.13
CA TYR F 199 -18.96 2.46 56.93
C TYR F 199 -17.93 1.32 56.86
N MET F 200 -18.42 0.10 56.70
CA MET F 200 -17.56 -1.08 56.65
C MET F 200 -18.01 -2.02 55.55
N GLU F 201 -17.04 -2.64 54.86
CA GLU F 201 -17.34 -3.64 53.84
C GLU F 201 -16.40 -4.82 53.97
N LYS F 202 -16.74 -5.93 53.32
CA LYS F 202 -15.82 -7.04 53.22
C LYS F 202 -14.72 -6.64 52.26
N TYR F 203 -13.48 -6.98 52.59
CA TYR F 203 -12.37 -6.65 51.71
C TYR F 203 -12.07 -7.85 50.82
N LEU F 204 -12.40 -7.71 49.55
CA LEU F 204 -12.12 -8.74 48.57
C LEU F 204 -10.76 -8.44 47.97
N GLU F 205 -9.75 -9.15 48.45
CA GLU F 205 -8.36 -8.84 48.12
C GLU F 205 -7.98 -9.38 46.75
N ASN F 206 -8.24 -10.67 46.52
CA ASN F 206 -7.88 -11.31 45.26
C ASN F 206 -9.08 -11.93 44.56
N PRO F 207 -10.01 -11.08 44.08
CA PRO F 207 -11.19 -11.51 43.32
C PRO F 207 -10.95 -11.58 41.82
N ARG F 208 -11.88 -12.20 41.11
CA ARG F 208 -11.87 -12.26 39.66
C ARG F 208 -13.11 -11.57 39.13
N HIS F 209 -12.97 -10.83 38.03
CA HIS F 209 -14.13 -10.25 37.38
C HIS F 209 -14.86 -11.32 36.56
N VAL F 210 -16.00 -11.77 37.08
CA VAL F 210 -16.83 -12.74 36.39
C VAL F 210 -18.21 -12.13 36.14
N GLU F 211 -18.64 -12.14 34.89
CA GLU F 211 -19.89 -11.50 34.50
C GLU F 211 -20.81 -12.48 33.78
N ILE F 212 -22.10 -12.26 33.89
CA ILE F 212 -23.08 -13.18 33.31
C ILE F 212 -23.89 -12.49 32.21
N GLN F 213 -23.92 -13.12 31.05
CA GLN F 213 -24.70 -12.61 29.92
C GLN F 213 -26.16 -13.01 30.06
N VAL F 214 -27.06 -12.09 29.72
CA VAL F 214 -28.49 -12.39 29.79
C VAL F 214 -29.24 -11.79 28.61
N LEU F 215 -30.34 -12.43 28.26
CA LEU F 215 -31.27 -11.92 27.26
C LEU F 215 -32.69 -11.97 27.81
N ALA F 216 -33.43 -10.87 27.66
CA ALA F 216 -34.82 -10.81 28.09
C ALA F 216 -35.65 -10.12 27.02
N ASP F 217 -36.80 -10.72 26.69
CA ASP F 217 -37.64 -10.16 25.64
C ASP F 217 -38.58 -9.08 26.17
N GLY F 218 -38.52 -8.83 27.47
CA GLY F 218 -39.39 -7.85 28.09
C GLY F 218 -40.83 -8.33 28.12
N GLN F 219 -41.02 -9.64 28.00
CA GLN F 219 -42.35 -10.24 28.03
C GLN F 219 -42.42 -11.36 29.05
N GLY F 220 -41.54 -11.31 30.05
CA GLY F 220 -41.54 -12.29 31.12
C GLY F 220 -40.48 -13.36 30.99
N ASN F 221 -39.86 -13.47 29.82
CA ASN F 221 -38.82 -14.47 29.59
C ASN F 221 -37.42 -13.92 29.76
N ALA F 222 -36.53 -14.73 30.31
CA ALA F 222 -35.15 -14.32 30.53
C ALA F 222 -34.23 -15.53 30.68
N ILE F 223 -33.13 -15.53 29.92
CA ILE F 223 -32.17 -16.62 29.97
C ILE F 223 -30.77 -16.07 30.22
N TYR F 224 -29.90 -16.92 30.77
CA TYR F 224 -28.49 -16.56 30.95
C TYR F 224 -27.63 -17.42 30.03
N LEU F 225 -26.61 -16.81 29.45
CA LEU F 225 -25.72 -17.50 28.53
C LEU F 225 -24.32 -17.64 29.11
N ALA F 226 -24.21 -18.49 30.13
CA ALA F 226 -22.94 -18.76 30.77
C ALA F 226 -22.30 -17.45 31.24
N GLU F 227 -21.01 -17.49 31.57
CA GLU F 227 -20.32 -16.33 32.08
C GLU F 227 -19.04 -16.04 31.29
N ARG F 228 -18.37 -14.96 31.66
CA ARG F 228 -17.11 -14.57 31.05
C ARG F 228 -16.18 -14.11 32.17
N ASP F 229 -14.90 -14.43 32.04
CA ASP F 229 -13.90 -13.91 32.97
C ASP F 229 -13.14 -12.76 32.32
N CYS F 230 -13.15 -11.60 32.98
CA CYS F 230 -12.50 -10.42 32.46
C CYS F 230 -11.54 -9.84 33.50
N SER F 231 -10.76 -10.71 34.13
CA SER F 231 -9.88 -10.32 35.23
C SER F 231 -8.69 -9.51 34.75
N MET F 232 -8.14 -9.86 33.59
CA MET F 232 -6.99 -9.16 33.04
C MET F 232 -7.35 -7.70 32.73
N GLN F 233 -6.84 -6.77 33.53
CA GLN F 233 -7.21 -5.37 33.43
C GLN F 233 -6.04 -4.41 33.62
N ARG F 234 -6.14 -3.22 33.04
CA ARG F 234 -5.24 -2.13 33.36
C ARG F 234 -6.06 -0.93 33.80
N ARG F 235 -5.82 -0.47 35.01
CA ARG F 235 -6.56 0.63 35.62
C ARG F 235 -8.06 0.42 35.43
N HIS F 236 -8.51 -0.79 35.74
CA HIS F 236 -9.93 -1.13 35.71
C HIS F 236 -10.52 -1.20 34.30
N GLN F 237 -9.66 -1.26 33.29
CA GLN F 237 -10.11 -1.39 31.91
C GLN F 237 -9.75 -2.78 31.38
N LYS F 238 -10.73 -3.47 30.81
CA LYS F 238 -10.54 -4.85 30.37
C LYS F 238 -9.57 -4.96 29.19
N VAL F 239 -8.68 -5.95 29.28
CA VAL F 239 -7.70 -6.19 28.23
C VAL F 239 -7.93 -7.54 27.56
N VAL F 240 -8.27 -8.55 28.36
CA VAL F 240 -8.54 -9.88 27.86
C VAL F 240 -9.80 -10.45 28.49
N GLU F 241 -10.62 -11.12 27.68
CA GLU F 241 -11.81 -11.78 28.18
C GLU F 241 -11.87 -13.22 27.69
N GLU F 242 -12.54 -14.09 28.44
CA GLU F 242 -12.67 -15.49 28.03
C GLU F 242 -13.97 -16.10 28.53
N ALA F 243 -14.41 -17.16 27.85
CA ALA F 243 -15.64 -17.84 28.22
C ALA F 243 -15.58 -19.32 27.86
N PRO F 244 -16.02 -20.20 28.78
CA PRO F 244 -16.50 -19.81 30.12
C PRO F 244 -15.34 -19.44 31.04
N ALA F 245 -15.65 -19.11 32.29
CA ALA F 245 -14.62 -18.77 33.27
C ALA F 245 -14.09 -20.05 33.92
N PRO F 246 -12.76 -20.23 33.90
CA PRO F 246 -12.13 -21.40 34.52
C PRO F 246 -12.50 -21.55 36.00
N GLY F 247 -12.74 -22.78 36.43
CA GLY F 247 -13.02 -23.05 37.83
C GLY F 247 -14.49 -22.93 38.21
N ILE F 248 -15.30 -22.39 37.29
CA ILE F 248 -16.72 -22.23 37.55
C ILE F 248 -17.46 -23.53 37.17
N THR F 249 -18.03 -24.18 38.17
CA THR F 249 -18.77 -25.42 37.96
C THR F 249 -20.14 -25.12 37.37
N PRO F 250 -20.74 -26.10 36.69
CA PRO F 250 -22.08 -25.97 36.13
C PRO F 250 -23.16 -25.71 37.19
N GLU F 251 -22.93 -26.15 38.42
CA GLU F 251 -23.91 -25.95 39.49
C GLU F 251 -23.81 -24.52 39.99
N LEU F 252 -22.59 -24.02 40.06
CA LEU F 252 -22.33 -22.65 40.46
C LEU F 252 -22.80 -21.72 39.34
N ARG F 253 -22.54 -22.14 38.11
CA ARG F 253 -22.97 -21.41 36.92
C ARG F 253 -24.49 -21.28 36.93
N ARG F 254 -25.16 -22.37 37.29
CA ARG F 254 -26.61 -22.40 37.34
C ARG F 254 -27.15 -21.53 38.47
N TYR F 255 -26.45 -21.53 39.60
CA TYR F 255 -26.87 -20.73 40.74
C TYR F 255 -26.89 -19.25 40.38
N ILE F 256 -25.73 -18.71 40.04
CA ILE F 256 -25.61 -17.28 39.77
C ILE F 256 -26.42 -16.90 38.52
N GLY F 257 -26.44 -17.78 37.54
CA GLY F 257 -27.14 -17.51 36.30
C GLY F 257 -28.63 -17.37 36.52
N GLU F 258 -29.19 -18.27 37.32
CA GLU F 258 -30.60 -18.26 37.64
C GLU F 258 -30.95 -17.01 38.44
N ARG F 259 -30.05 -16.62 39.34
CA ARG F 259 -30.26 -15.41 40.11
C ARG F 259 -30.39 -14.20 39.18
N CYS F 260 -29.50 -14.13 38.20
CA CYS F 260 -29.49 -13.04 37.23
C CYS F 260 -30.75 -13.00 36.37
N ALA F 261 -31.19 -14.15 35.91
CA ALA F 261 -32.39 -14.24 35.08
C ALA F 261 -33.61 -13.77 35.87
N LYS F 262 -33.69 -14.18 37.12
CA LYS F 262 -34.83 -13.82 37.96
C LYS F 262 -34.81 -12.30 38.16
N ALA F 263 -33.61 -11.74 38.30
CA ALA F 263 -33.45 -10.29 38.40
C ALA F 263 -34.00 -9.60 37.15
N CYS F 264 -33.71 -10.17 35.99
CA CYS F 264 -34.24 -9.64 34.73
C CYS F 264 -35.75 -9.59 34.73
N VAL F 265 -36.37 -10.70 35.10
CA VAL F 265 -37.84 -10.78 35.14
C VAL F 265 -38.41 -9.75 36.12
N ASP F 266 -37.74 -9.56 37.25
CA ASP F 266 -38.23 -8.67 38.29
C ASP F 266 -38.24 -7.22 37.84
N ILE F 267 -37.12 -6.75 37.31
CA ILE F 267 -37.01 -5.36 36.88
C ILE F 267 -37.60 -5.16 35.47
N GLY F 268 -38.14 -6.23 34.90
CA GLY F 268 -38.74 -6.15 33.58
C GLY F 268 -37.74 -5.76 32.52
N TYR F 269 -36.55 -6.34 32.58
CA TYR F 269 -35.49 -6.01 31.63
C TYR F 269 -35.85 -6.41 30.21
N ARG F 270 -35.28 -5.69 29.25
CA ARG F 270 -35.50 -5.96 27.84
C ARG F 270 -34.20 -5.75 27.06
N GLY F 271 -33.97 -6.62 26.08
CA GLY F 271 -32.73 -6.60 25.31
C GLY F 271 -31.67 -7.48 25.92
N ALA F 272 -30.42 -7.23 25.54
CA ALA F 272 -29.28 -7.94 26.10
C ALA F 272 -28.69 -7.13 27.25
N GLY F 273 -28.16 -7.84 28.25
CA GLY F 273 -27.54 -7.17 29.38
C GLY F 273 -26.47 -8.03 30.03
N THR F 274 -25.68 -7.43 30.92
CA THR F 274 -24.66 -8.20 31.64
C THR F 274 -24.58 -7.82 33.12
N PHE F 275 -24.53 -8.85 33.97
CA PHE F 275 -24.35 -8.66 35.40
C PHE F 275 -22.90 -8.91 35.79
N GLU F 276 -22.17 -7.84 36.08
CA GLU F 276 -20.78 -7.97 36.50
C GLU F 276 -20.67 -8.29 38.00
N PHE F 277 -19.81 -9.26 38.32
CA PHE F 277 -19.59 -9.67 39.70
C PHE F 277 -18.09 -9.78 40.00
N LEU F 278 -17.73 -9.54 41.25
CA LEU F 278 -16.43 -9.98 41.76
C LEU F 278 -16.59 -11.38 42.33
N PHE F 279 -15.59 -12.23 42.10
CA PHE F 279 -15.69 -13.64 42.49
C PHE F 279 -14.48 -14.10 43.30
N GLU F 280 -14.72 -14.50 44.54
CA GLU F 280 -13.62 -14.98 45.39
C GLU F 280 -14.10 -16.14 46.26
N ASN F 281 -13.32 -17.22 46.26
CA ASN F 281 -13.63 -18.42 47.01
C ASN F 281 -15.11 -18.81 46.97
N GLY F 282 -15.63 -19.00 45.76
CA GLY F 282 -16.98 -19.49 45.55
C GLY F 282 -18.10 -18.52 45.82
N GLU F 283 -17.77 -17.24 45.96
CA GLU F 283 -18.79 -16.22 46.23
C GLU F 283 -18.84 -15.17 45.11
N PHE F 284 -20.05 -14.73 44.78
CA PHE F 284 -20.25 -13.66 43.81
C PHE F 284 -20.69 -12.38 44.53
N TYR F 285 -20.22 -11.23 44.05
CA TYR F 285 -20.61 -9.96 44.62
C TYR F 285 -20.92 -8.94 43.54
N PHE F 286 -22.20 -8.60 43.40
CA PHE F 286 -22.65 -7.67 42.37
C PHE F 286 -21.94 -6.32 42.45
N ILE F 287 -21.51 -5.80 41.30
CA ILE F 287 -20.93 -4.47 41.22
C ILE F 287 -21.77 -3.54 40.36
N GLU F 288 -22.22 -4.05 39.21
CA GLU F 288 -22.94 -3.22 38.25
C GLU F 288 -23.63 -4.09 37.21
N MET F 289 -24.69 -3.56 36.62
CA MET F 289 -25.33 -4.20 35.47
C MET F 289 -25.21 -3.30 34.26
N ASN F 290 -24.52 -3.80 33.24
CA ASN F 290 -24.42 -3.08 31.97
C ASN F 290 -25.70 -3.30 31.18
N THR F 291 -26.50 -2.24 31.07
CA THR F 291 -27.80 -2.35 30.41
C THR F 291 -27.64 -2.13 28.91
N ARG F 292 -26.90 -3.03 28.27
CA ARG F 292 -26.51 -2.87 26.88
C ARG F 292 -25.66 -4.06 26.45
N ILE F 293 -25.35 -4.14 25.16
CA ILE F 293 -24.40 -5.12 24.68
C ILE F 293 -23.03 -4.70 25.20
N GLN F 294 -22.14 -5.67 25.41
CA GLN F 294 -20.79 -5.36 25.86
C GLN F 294 -19.78 -5.60 24.75
N VAL F 295 -18.58 -5.05 24.93
CA VAL F 295 -17.51 -5.22 23.97
C VAL F 295 -17.19 -6.69 23.77
N GLU F 296 -17.07 -7.42 24.87
CA GLU F 296 -16.57 -8.80 24.83
C GLU F 296 -17.66 -9.84 24.59
N HIS F 297 -18.80 -9.42 24.06
CA HIS F 297 -19.90 -10.34 23.82
C HIS F 297 -19.54 -11.51 22.90
N PRO F 298 -18.60 -11.29 21.95
CA PRO F 298 -18.30 -12.34 20.97
C PRO F 298 -17.82 -13.67 21.57
N VAL F 299 -17.08 -13.65 22.68
CA VAL F 299 -16.61 -14.90 23.28
C VAL F 299 -17.80 -15.75 23.73
N THR F 300 -18.88 -15.10 24.14
CA THR F 300 -20.10 -15.81 24.52
C THR F 300 -20.76 -16.41 23.28
N GLU F 301 -20.75 -15.67 22.19
CA GLU F 301 -21.34 -16.14 20.94
C GLU F 301 -20.64 -17.40 20.43
N MET F 302 -19.32 -17.46 20.61
CA MET F 302 -18.53 -18.56 20.10
C MET F 302 -18.90 -19.87 20.78
N ILE F 303 -19.15 -19.81 22.09
CA ILE F 303 -19.34 -21.02 22.89
C ILE F 303 -20.80 -21.46 22.98
N THR F 304 -21.73 -20.61 22.56
CA THR F 304 -23.15 -20.93 22.62
C THR F 304 -23.78 -21.01 21.22
N GLY F 305 -23.14 -20.37 20.24
CA GLY F 305 -23.65 -20.34 18.89
C GLY F 305 -24.74 -19.29 18.70
N VAL F 306 -25.02 -18.54 19.75
CA VAL F 306 -26.07 -17.52 19.71
C VAL F 306 -25.54 -16.19 19.17
N ASP F 307 -26.25 -15.63 18.21
CA ASP F 307 -25.92 -14.31 17.67
C ASP F 307 -26.62 -13.24 18.51
N LEU F 308 -25.88 -12.66 19.46
CA LEU F 308 -26.47 -11.74 20.43
C LEU F 308 -27.01 -10.47 19.78
N ILE F 309 -26.37 -10.00 18.72
CA ILE F 309 -26.82 -8.79 18.04
C ILE F 309 -28.16 -9.05 17.35
N LYS F 310 -28.24 -10.15 16.62
CA LYS F 310 -29.48 -10.52 15.96
C LYS F 310 -30.60 -10.71 16.99
N GLU F 311 -30.24 -11.19 18.17
CA GLU F 311 -31.23 -11.39 19.24
C GLU F 311 -31.71 -10.05 19.77
N GLN F 312 -30.81 -9.08 19.85
CA GLN F 312 -31.19 -7.72 20.22
C GLN F 312 -32.23 -7.20 19.24
N LEU F 313 -31.97 -7.40 17.95
CA LEU F 313 -32.85 -6.91 16.91
C LEU F 313 -34.22 -7.60 16.92
N ARG F 314 -34.23 -8.90 17.18
CA ARG F 314 -35.49 -9.64 17.21
C ARG F 314 -36.35 -9.21 18.39
N ILE F 315 -35.71 -8.96 19.53
CA ILE F 315 -36.41 -8.53 20.72
C ILE F 315 -36.97 -7.11 20.53
N ALA F 316 -36.21 -6.25 19.87
CA ALA F 316 -36.66 -4.89 19.59
C ALA F 316 -37.84 -4.92 18.63
N ALA F 317 -37.86 -5.92 17.75
CA ALA F 317 -38.95 -6.08 16.79
C ALA F 317 -40.19 -6.65 17.47
N GLY F 318 -40.09 -6.97 18.76
CA GLY F 318 -41.22 -7.44 19.53
C GLY F 318 -41.32 -8.95 19.65
N GLN F 319 -40.32 -9.65 19.15
CA GLN F 319 -40.32 -11.11 19.21
C GLN F 319 -39.90 -11.61 20.58
N PRO F 320 -40.57 -12.67 21.08
CA PRO F 320 -40.18 -13.31 22.34
C PRO F 320 -38.97 -14.21 22.14
N LEU F 321 -38.27 -14.52 23.22
CA LEU F 321 -37.08 -15.37 23.14
C LEU F 321 -37.42 -16.68 22.45
N SER F 322 -36.69 -16.99 21.39
CA SER F 322 -36.85 -18.26 20.68
C SER F 322 -36.16 -19.36 21.47
N ILE F 323 -35.15 -18.98 22.24
CA ILE F 323 -34.38 -19.93 23.03
C ILE F 323 -34.88 -19.95 24.48
N LYS F 324 -35.17 -21.14 24.99
CA LYS F 324 -35.46 -21.31 26.40
C LYS F 324 -34.28 -21.98 27.10
N GLN F 325 -34.10 -21.66 28.38
CA GLN F 325 -32.87 -21.95 29.10
C GLN F 325 -32.31 -23.36 28.86
N GLU F 326 -33.19 -24.34 28.70
CA GLU F 326 -32.75 -25.72 28.50
C GLU F 326 -31.91 -25.87 27.24
N GLU F 327 -32.17 -25.02 26.26
CA GLU F 327 -31.52 -25.10 24.96
C GLU F 327 -30.16 -24.37 24.89
N VAL F 328 -29.78 -23.70 25.97
CA VAL F 328 -28.50 -22.99 26.01
C VAL F 328 -27.39 -23.93 26.44
N HIS F 329 -26.47 -24.24 25.53
CA HIS F 329 -25.39 -25.17 25.82
C HIS F 329 -24.02 -24.53 25.66
N VAL F 330 -23.14 -24.79 26.62
CA VAL F 330 -21.76 -24.31 26.57
C VAL F 330 -20.86 -25.33 25.89
N ARG F 331 -20.26 -24.93 24.77
CA ARG F 331 -19.32 -25.78 24.06
C ARG F 331 -18.00 -25.07 23.79
N GLY F 332 -16.90 -25.69 24.19
CA GLY F 332 -15.59 -25.17 23.90
C GLY F 332 -15.22 -23.98 24.75
N HIS F 333 -14.28 -23.19 24.26
CA HIS F 333 -13.74 -22.06 25.00
C HIS F 333 -13.34 -20.97 24.01
N ALA F 334 -13.41 -19.72 24.44
CA ALA F 334 -13.11 -18.60 23.56
C ALA F 334 -12.36 -17.53 24.33
N VAL F 335 -11.37 -16.94 23.67
CA VAL F 335 -10.58 -15.86 24.28
C VAL F 335 -10.65 -14.65 23.36
N GLU F 336 -10.49 -13.46 23.94
CA GLU F 336 -10.54 -12.23 23.18
C GLU F 336 -9.47 -11.28 23.70
N CYS F 337 -8.59 -10.85 22.81
CA CYS F 337 -7.63 -9.81 23.11
C CYS F 337 -8.10 -8.52 22.45
N ARG F 338 -8.26 -7.46 23.24
CA ARG F 338 -8.61 -6.16 22.70
C ARG F 338 -7.38 -5.55 22.05
N ILE F 339 -7.51 -5.14 20.79
CA ILE F 339 -6.44 -4.43 20.11
C ILE F 339 -6.65 -2.92 20.19
N ASN F 340 -5.74 -2.24 20.87
CA ASN F 340 -5.80 -0.79 21.06
C ASN F 340 -4.66 -0.07 20.35
N ALA F 341 -4.97 1.10 19.81
CA ALA F 341 -3.95 1.97 19.21
C ALA F 341 -3.27 2.77 20.32
N GLU F 342 -2.22 2.19 20.91
CA GLU F 342 -1.53 2.85 22.01
C GLU F 342 -0.11 2.29 22.16
N ASP F 343 0.76 3.09 22.76
CA ASP F 343 2.12 2.63 23.07
C ASP F 343 2.04 1.48 24.07
N PRO F 344 2.68 0.34 23.76
CA PRO F 344 2.50 -0.83 24.62
C PRO F 344 3.20 -0.73 25.98
N ASN F 345 3.99 0.32 26.19
CA ASN F 345 4.72 0.48 27.45
C ASN F 345 4.29 1.70 28.27
N THR F 346 3.79 2.73 27.60
CA THR F 346 3.34 3.93 28.29
C THR F 346 1.85 4.19 28.04
N PHE F 347 1.25 3.40 27.16
CA PHE F 347 -0.20 3.38 26.94
C PHE F 347 -0.78 4.74 26.57
N LEU F 348 0.01 5.57 25.92
CA LEU F 348 -0.48 6.83 25.37
C LEU F 348 -1.22 6.55 24.07
N PRO F 349 -2.40 7.15 23.88
CA PRO F 349 -3.11 6.94 22.61
C PRO F 349 -2.19 7.13 21.42
N SER F 350 -2.44 6.36 20.37
CA SER F 350 -1.54 6.35 19.21
C SER F 350 -2.32 6.46 17.92
N PRO F 351 -2.95 7.62 17.69
CA PRO F 351 -3.65 7.86 16.42
C PRO F 351 -2.65 7.98 15.27
N GLY F 352 -3.13 7.84 14.05
CA GLY F 352 -2.28 7.93 12.88
C GLY F 352 -2.76 7.02 11.78
N LYS F 353 -2.07 7.07 10.64
CA LYS F 353 -2.44 6.28 9.48
C LYS F 353 -1.87 4.87 9.58
N ILE F 354 -2.70 3.87 9.30
CA ILE F 354 -2.25 2.49 9.22
C ILE F 354 -1.62 2.28 7.85
N THR F 355 -0.31 2.09 7.82
CA THR F 355 0.43 2.02 6.55
C THR F 355 0.34 0.63 5.92
N ARG F 356 0.21 -0.39 6.75
CA ARG F 356 0.06 -1.76 6.26
C ARG F 356 -0.78 -2.58 7.23
N PHE F 357 -1.75 -3.31 6.71
CA PHE F 357 -2.60 -4.13 7.55
C PHE F 357 -2.83 -5.52 6.95
N HIS F 358 -2.77 -6.53 7.81
CA HIS F 358 -3.19 -7.88 7.42
C HIS F 358 -3.85 -8.58 8.60
N ALA F 359 -5.03 -9.13 8.37
CA ALA F 359 -5.79 -9.79 9.42
C ALA F 359 -5.46 -11.28 9.49
N PRO F 360 -5.41 -11.84 10.70
CA PRO F 360 -5.19 -13.28 10.88
C PRO F 360 -6.40 -14.09 10.43
N GLY F 361 -6.17 -15.35 10.09
CA GLY F 361 -7.24 -16.22 9.66
C GLY F 361 -7.08 -17.63 10.22
N GLY F 362 -7.88 -18.56 9.71
CA GLY F 362 -7.77 -19.95 10.10
C GLY F 362 -8.95 -20.44 10.92
N PHE F 363 -8.97 -21.75 11.16
CA PHE F 363 -10.05 -22.38 11.91
C PHE F 363 -10.17 -21.79 13.31
N GLY F 364 -11.38 -21.39 13.68
CA GLY F 364 -11.64 -20.87 15.01
C GLY F 364 -11.19 -19.44 15.24
N VAL F 365 -10.72 -18.78 14.18
CA VAL F 365 -10.26 -17.40 14.29
C VAL F 365 -11.30 -16.41 13.80
N ARG F 366 -11.58 -15.40 14.63
CA ARG F 366 -12.61 -14.42 14.32
C ARG F 366 -12.05 -13.02 14.53
N TRP F 367 -11.96 -12.25 13.45
CA TRP F 367 -11.40 -10.90 13.52
C TRP F 367 -12.53 -9.87 13.42
N GLU F 368 -12.60 -9.01 14.43
CA GLU F 368 -13.64 -7.99 14.53
C GLU F 368 -12.99 -6.60 14.54
N SER F 369 -12.90 -5.97 13.38
CA SER F 369 -12.29 -4.65 13.28
C SER F 369 -12.64 -3.96 11.96
N HIS F 370 -12.67 -2.64 12.02
CA HIS F 370 -13.05 -1.81 10.88
C HIS F 370 -11.81 -1.26 10.18
N ILE F 371 -10.64 -1.50 10.75
CA ILE F 371 -9.41 -0.93 10.23
C ILE F 371 -8.97 -1.62 8.94
N TYR F 372 -8.22 -0.88 8.13
CA TYR F 372 -7.66 -1.40 6.88
C TYR F 372 -6.47 -0.54 6.46
N ALA F 373 -5.70 -1.03 5.50
CA ALA F 373 -4.52 -0.30 5.04
C ALA F 373 -4.90 1.04 4.44
N GLY F 374 -4.33 2.10 4.97
CA GLY F 374 -4.61 3.44 4.48
C GLY F 374 -5.56 4.20 5.39
N TYR F 375 -6.26 3.48 6.26
CA TYR F 375 -7.20 4.10 7.18
C TYR F 375 -6.48 4.80 8.32
N THR F 376 -6.89 6.03 8.61
CA THR F 376 -6.32 6.79 9.71
C THR F 376 -7.15 6.61 10.98
N VAL F 377 -6.49 6.29 12.07
CA VAL F 377 -7.13 6.27 13.37
C VAL F 377 -7.13 7.70 13.90
N PRO F 378 -8.32 8.31 13.98
CA PRO F 378 -8.38 9.72 14.34
C PRO F 378 -8.03 9.96 15.80
N PRO F 379 -7.59 11.18 16.13
CA PRO F 379 -7.23 11.55 17.50
C PRO F 379 -8.45 11.88 18.36
N TYR F 380 -9.51 11.07 18.21
CA TYR F 380 -10.71 11.19 19.04
C TYR F 380 -11.20 9.79 19.38
N TYR F 381 -12.12 9.70 20.34
CA TYR F 381 -12.78 8.43 20.65
C TYR F 381 -11.86 7.47 21.40
N ASP F 382 -12.43 6.38 21.89
CA ASP F 382 -11.65 5.36 22.59
C ASP F 382 -10.57 4.79 21.68
N SER F 383 -9.52 4.24 22.27
CA SER F 383 -8.36 3.78 21.54
C SER F 383 -8.49 2.35 20.99
N MET F 384 -9.57 1.65 21.33
CA MET F 384 -9.75 0.30 20.84
C MET F 384 -10.09 0.31 19.35
N ILE F 385 -9.26 -0.37 18.56
CA ILE F 385 -9.45 -0.38 17.11
C ILE F 385 -9.84 -1.76 16.58
N GLY F 386 -9.66 -2.80 17.39
CA GLY F 386 -10.11 -4.11 17.00
C GLY F 386 -10.30 -5.09 18.14
N LYS F 387 -10.75 -6.29 17.80
CA LYS F 387 -10.87 -7.37 18.77
C LYS F 387 -10.54 -8.69 18.08
N LEU F 388 -9.60 -9.44 18.66
CA LEU F 388 -9.27 -10.76 18.14
C LEU F 388 -9.87 -11.81 19.06
N ILE F 389 -10.68 -12.69 18.49
CA ILE F 389 -11.36 -13.72 19.26
C ILE F 389 -11.06 -15.10 18.67
N CYS F 390 -10.51 -15.99 19.49
CA CYS F 390 -10.19 -17.33 19.04
C CYS F 390 -10.96 -18.39 19.82
N TYR F 391 -11.55 -19.34 19.09
CA TYR F 391 -12.31 -20.41 19.69
C TYR F 391 -11.54 -21.73 19.61
N GLY F 392 -11.81 -22.63 20.56
CA GLY F 392 -11.17 -23.92 20.59
C GLY F 392 -11.95 -24.94 21.38
N GLU F 393 -11.74 -26.21 21.04
CA GLU F 393 -12.39 -27.33 21.73
C GLU F 393 -12.15 -27.27 23.24
N ASN F 394 -11.02 -26.67 23.63
CA ASN F 394 -10.71 -26.45 25.05
C ASN F 394 -9.91 -25.16 25.22
N ARG F 395 -9.67 -24.79 26.47
CA ARG F 395 -9.00 -23.53 26.77
C ARG F 395 -7.60 -23.43 26.13
N ASP F 396 -6.85 -24.52 26.21
CA ASP F 396 -5.48 -24.55 25.68
C ASP F 396 -5.45 -24.34 24.17
N VAL F 397 -6.40 -24.92 23.45
CA VAL F 397 -6.45 -24.77 22.00
C VAL F 397 -6.81 -23.35 21.63
N ALA F 398 -7.68 -22.74 22.42
CA ALA F 398 -8.09 -21.36 22.20
C ALA F 398 -6.89 -20.43 22.37
N ILE F 399 -6.10 -20.66 23.41
CA ILE F 399 -4.94 -19.83 23.69
C ILE F 399 -3.87 -19.97 22.61
N ALA F 400 -3.62 -21.20 22.17
CA ALA F 400 -2.63 -21.46 21.13
C ALA F 400 -3.02 -20.77 19.83
N ARG F 401 -4.30 -20.84 19.49
CA ARG F 401 -4.80 -20.16 18.30
C ARG F 401 -4.58 -18.65 18.45
N MET F 402 -4.83 -18.13 19.64
CA MET F 402 -4.64 -16.71 19.90
C MET F 402 -3.19 -16.30 19.69
N LYS F 403 -2.26 -17.15 20.10
CA LYS F 403 -0.83 -16.90 19.90
C LYS F 403 -0.53 -16.74 18.42
N ASN F 404 -0.88 -17.77 17.64
CA ASN F 404 -0.62 -17.76 16.21
C ASN F 404 -1.23 -16.55 15.50
N ALA F 405 -2.47 -16.24 15.85
CA ALA F 405 -3.24 -15.19 15.18
C ALA F 405 -2.62 -13.83 15.47
N LEU F 406 -2.19 -13.62 16.71
CA LEU F 406 -1.57 -12.38 17.11
C LEU F 406 -0.25 -12.22 16.36
N GLN F 407 0.46 -13.33 16.19
CA GLN F 407 1.73 -13.33 15.47
C GLN F 407 1.49 -13.00 13.99
N GLU F 408 0.35 -13.44 13.47
CA GLU F 408 -0.03 -13.15 12.08
C GLU F 408 -0.50 -11.71 11.90
N LEU F 409 -1.13 -11.17 12.93
CA LEU F 409 -1.70 -9.82 12.86
C LEU F 409 -0.64 -8.76 12.56
N ILE F 410 -0.86 -8.00 11.49
CA ILE F 410 0.03 -6.90 11.14
C ILE F 410 -0.70 -5.57 11.18
N ILE F 411 -0.16 -4.63 11.96
CA ILE F 411 -0.66 -3.26 11.98
C ILE F 411 0.50 -2.28 12.09
N ASP F 412 0.88 -1.69 10.96
CA ASP F 412 1.98 -0.74 10.92
C ASP F 412 1.47 0.68 10.75
N GLY F 413 2.29 1.66 11.13
CA GLY F 413 1.94 3.05 11.02
C GLY F 413 1.60 3.63 12.39
N ILE F 414 1.02 2.80 13.23
CA ILE F 414 0.70 3.19 14.60
C ILE F 414 1.14 2.09 15.55
N LYS F 415 1.50 2.47 16.77
CA LYS F 415 1.79 1.50 17.82
C LYS F 415 0.52 0.83 18.31
N THR F 416 0.64 -0.45 18.66
CA THR F 416 -0.49 -1.21 19.20
C THR F 416 -0.04 -2.02 20.41
N ASN F 417 -1.00 -2.59 21.13
CA ASN F 417 -0.71 -3.41 22.29
C ASN F 417 -0.57 -4.89 21.93
N VAL F 418 -0.39 -5.18 20.65
CA VAL F 418 -0.28 -6.55 20.18
C VAL F 418 0.80 -7.33 20.93
N ASP F 419 1.99 -6.75 21.02
CA ASP F 419 3.10 -7.43 21.71
C ASP F 419 2.72 -7.72 23.16
N LEU F 420 2.01 -6.81 23.79
CA LEU F 420 1.55 -7.00 25.16
C LEU F 420 0.63 -8.22 25.23
N GLN F 421 -0.27 -8.34 24.27
CA GLN F 421 -1.20 -9.46 24.22
C GLN F 421 -0.43 -10.77 24.07
N ILE F 422 0.65 -10.73 23.30
CA ILE F 422 1.49 -11.91 23.11
C ILE F 422 2.11 -12.34 24.43
N ARG F 423 2.66 -11.40 25.19
CA ARG F 423 3.23 -11.70 26.49
C ARG F 423 2.19 -12.36 27.39
N ILE F 424 0.99 -11.80 27.39
CA ILE F 424 -0.08 -12.32 28.24
C ILE F 424 -0.42 -13.76 27.88
N MET F 425 -0.48 -14.07 26.59
CA MET F 425 -0.78 -15.43 26.16
C MET F 425 0.35 -16.38 26.55
N ASN F 426 1.58 -15.88 26.57
CA ASN F 426 2.74 -16.67 26.99
C ASN F 426 2.87 -16.74 28.51
N ASP F 427 2.10 -15.93 29.22
CA ASP F 427 2.16 -15.89 30.68
C ASP F 427 1.69 -17.21 31.28
N GLU F 428 2.55 -17.80 32.10
CA GLU F 428 2.28 -19.13 32.65
C GLU F 428 1.10 -19.13 33.61
N ASN F 429 0.96 -18.05 34.38
CA ASN F 429 -0.15 -17.93 35.32
C ASN F 429 -1.48 -17.79 34.59
N PHE F 430 -1.46 -17.10 33.46
CA PHE F 430 -2.66 -16.98 32.63
C PHE F 430 -2.99 -18.32 31.99
N GLN F 431 -1.94 -19.06 31.62
CA GLN F 431 -2.12 -20.37 31.02
C GLN F 431 -2.72 -21.34 32.03
N HIS F 432 -2.39 -21.14 33.30
CA HIS F 432 -3.01 -21.91 34.37
C HIS F 432 -4.47 -21.50 34.52
N GLY F 433 -4.72 -20.20 34.37
CA GLY F 433 -6.06 -19.66 34.47
C GLY F 433 -6.40 -19.22 35.89
N GLY F 434 -7.40 -18.36 36.01
CA GLY F 434 -7.90 -17.95 37.31
C GLY F 434 -7.15 -16.78 37.93
N THR F 435 -6.38 -16.06 37.12
CA THR F 435 -5.66 -14.89 37.63
C THR F 435 -6.65 -13.81 38.07
N ASN F 436 -6.27 -13.05 39.09
CA ASN F 436 -7.17 -12.05 39.67
C ASN F 436 -7.11 -10.70 38.94
N ILE F 437 -7.90 -9.75 39.41
CA ILE F 437 -8.04 -8.46 38.75
C ILE F 437 -6.84 -7.53 38.94
N HIS F 438 -5.85 -7.98 39.69
CA HIS F 438 -4.66 -7.17 39.94
C HIS F 438 -3.42 -7.71 39.23
N TYR F 439 -3.54 -8.87 38.59
CA TYR F 439 -2.37 -9.57 38.08
C TYR F 439 -1.62 -8.83 36.98
N LEU F 440 -2.35 -8.33 35.99
CA LEU F 440 -1.72 -7.70 34.83
C LEU F 440 -0.88 -6.51 35.26
N GLU F 441 -1.40 -5.72 36.19
CA GLU F 441 -0.69 -4.54 36.68
C GLU F 441 0.45 -4.94 37.62
N LYS F 442 0.29 -6.09 38.28
CA LYS F 442 1.36 -6.62 39.12
C LYS F 442 2.54 -7.08 38.29
N LYS F 443 2.27 -7.58 37.10
CA LYS F 443 3.31 -8.15 36.25
C LYS F 443 4.10 -7.05 35.58
N LEU F 444 3.42 -5.98 35.19
CA LEU F 444 4.06 -4.89 34.49
C LEU F 444 4.67 -3.87 35.46
N GLY F 445 4.48 -4.12 36.76
CA GLY F 445 5.11 -3.30 37.77
C GLY F 445 4.41 -1.96 37.94
N LEU F 446 3.08 -1.97 37.90
CA LEU F 446 2.31 -0.76 38.14
C LEU F 446 1.22 -1.01 39.18
N GLY G 100 -15.16 10.72 31.39
CA GLY G 100 -14.60 10.48 30.08
C GLY G 100 -14.89 11.59 29.10
N HIS G 101 -15.65 12.60 29.53
CA HIS G 101 -15.99 13.73 28.68
C HIS G 101 -14.82 14.69 28.52
N ILE G 102 -14.44 15.00 27.29
CA ILE G 102 -13.27 15.85 27.07
C ILE G 102 -13.65 17.25 26.60
N VAL G 103 -13.42 18.24 27.46
CA VAL G 103 -13.51 19.64 27.07
C VAL G 103 -12.27 20.06 26.29
N ARG G 104 -12.48 20.34 25.01
CA ARG G 104 -11.42 20.72 24.10
C ARG G 104 -11.39 22.23 23.89
N SER G 105 -10.27 22.75 23.39
CA SER G 105 -10.15 24.19 23.14
C SER G 105 -10.90 24.57 21.88
N PRO G 106 -11.68 25.66 21.96
CA PRO G 106 -12.37 26.14 20.76
C PRO G 106 -11.52 27.15 19.97
N MET G 107 -10.30 27.39 20.41
CA MET G 107 -9.44 28.37 19.74
C MET G 107 -7.96 28.12 20.00
N VAL G 108 -7.11 28.76 19.19
CA VAL G 108 -5.67 28.73 19.36
C VAL G 108 -5.22 29.85 20.30
N GLY G 109 -4.30 29.54 21.20
CA GLY G 109 -3.80 30.53 22.14
C GLY G 109 -2.92 29.95 23.23
N THR G 110 -2.78 30.70 24.31
CA THR G 110 -2.01 30.25 25.47
C THR G 110 -2.97 29.90 26.60
N PHE G 111 -2.75 28.76 27.25
CA PHE G 111 -3.66 28.26 28.28
C PHE G 111 -3.33 28.85 29.64
N TYR G 112 -4.38 29.16 30.40
CA TYR G 112 -4.21 29.70 31.75
C TYR G 112 -5.26 29.12 32.70
N ARG G 113 -4.84 28.88 33.93
CA ARG G 113 -5.71 28.28 34.94
C ARG G 113 -6.52 29.32 35.69
N THR G 114 -6.05 30.56 35.67
CA THR G 114 -6.64 31.61 36.49
C THR G 114 -7.16 32.77 35.63
N PRO G 115 -8.13 33.53 36.17
CA PRO G 115 -8.70 34.73 35.52
C PRO G 115 -7.68 35.86 35.45
N SER G 116 -6.75 35.85 36.40
CA SER G 116 -5.68 36.84 36.45
C SER G 116 -4.46 36.12 37.01
N PRO G 117 -3.26 36.66 36.74
CA PRO G 117 -2.04 35.93 37.08
C PRO G 117 -2.00 35.39 38.50
N ASP G 118 -2.42 36.19 39.47
CA ASP G 118 -2.30 35.83 40.88
C ASP G 118 -3.62 35.53 41.59
N ALA G 119 -4.64 35.13 40.84
CA ALA G 119 -5.91 34.72 41.43
C ALA G 119 -5.95 33.19 41.46
N LYS G 120 -6.96 32.62 42.12
CA LYS G 120 -7.05 31.17 42.21
C LYS G 120 -7.58 30.58 40.91
N ALA G 121 -7.21 29.32 40.67
CA ALA G 121 -7.67 28.62 39.48
C ALA G 121 -9.17 28.43 39.52
N PHE G 122 -9.80 28.53 38.34
CA PHE G 122 -11.23 28.36 38.22
C PHE G 122 -11.65 27.01 38.80
N ILE G 123 -10.84 25.99 38.54
CA ILE G 123 -11.16 24.63 38.96
C ILE G 123 -9.94 23.83 39.37
N GLU G 124 -10.18 22.76 40.11
CA GLU G 124 -9.15 21.80 40.48
C GLU G 124 -9.73 20.41 40.40
N VAL G 125 -8.88 19.39 40.30
CA VAL G 125 -9.35 18.02 40.20
C VAL G 125 -10.16 17.64 41.45
N GLY G 126 -11.31 17.01 41.22
CA GLY G 126 -12.19 16.60 42.29
C GLY G 126 -13.33 17.59 42.52
N GLN G 127 -13.18 18.79 41.96
CA GLN G 127 -14.19 19.82 42.09
C GLN G 127 -15.33 19.60 41.10
N LYS G 128 -16.56 19.81 41.55
CA LYS G 128 -17.72 19.67 40.68
C LYS G 128 -17.96 20.99 39.92
N VAL G 129 -18.45 20.87 38.70
CA VAL G 129 -18.73 22.04 37.87
C VAL G 129 -20.04 21.86 37.12
N ASN G 130 -20.68 22.99 36.79
CA ASN G 130 -21.91 22.96 36.01
C ASN G 130 -21.72 23.59 34.64
N VAL G 131 -22.67 23.34 33.75
CA VAL G 131 -22.63 23.91 32.41
C VAL G 131 -22.61 25.44 32.50
N GLY G 132 -21.68 26.06 31.79
CA GLY G 132 -21.56 27.50 31.79
C GLY G 132 -20.46 28.01 32.70
N ASP G 133 -20.04 27.18 33.65
CA ASP G 133 -18.97 27.57 34.56
C ASP G 133 -17.64 27.68 33.83
N THR G 134 -16.87 28.71 34.16
CA THR G 134 -15.57 28.92 33.53
C THR G 134 -14.54 27.96 34.12
N LEU G 135 -13.89 27.20 33.24
CA LEU G 135 -12.89 26.23 33.65
C LEU G 135 -11.48 26.77 33.45
N CYS G 136 -11.30 27.66 32.48
CA CYS G 136 -9.96 28.17 32.15
C CYS G 136 -10.03 29.36 31.18
N ILE G 137 -8.85 29.84 30.79
CA ILE G 137 -8.75 30.93 29.84
C ILE G 137 -7.78 30.58 28.72
N VAL G 138 -8.11 31.00 27.51
CA VAL G 138 -7.21 30.88 26.37
C VAL G 138 -6.93 32.25 25.80
N GLU G 139 -5.75 32.78 26.07
CA GLU G 139 -5.34 34.08 25.58
C GLU G 139 -4.98 34.03 24.10
N ALA G 140 -5.68 34.84 23.30
CA ALA G 140 -5.33 34.98 21.88
C ALA G 140 -5.35 36.46 21.51
N MET G 141 -4.19 36.98 21.12
CA MET G 141 -4.06 38.37 20.71
C MET G 141 -4.59 39.32 21.79
N LYS G 142 -4.12 39.13 23.02
CA LYS G 142 -4.44 40.03 24.13
C LYS G 142 -5.87 39.86 24.64
N MET G 143 -6.68 39.05 23.96
CA MET G 143 -8.04 38.77 24.40
C MET G 143 -8.04 37.61 25.39
N MET G 144 -8.69 37.80 26.54
CA MET G 144 -8.72 36.79 27.58
C MET G 144 -10.00 35.96 27.44
N ASN G 145 -9.98 34.98 26.55
CA ASN G 145 -11.17 34.19 26.27
C ASN G 145 -11.48 33.18 27.38
N GLN G 146 -12.70 33.25 27.90
CA GLN G 146 -13.13 32.35 28.97
C GLN G 146 -13.81 31.11 28.40
N ILE G 147 -13.19 29.95 28.64
CA ILE G 147 -13.73 28.68 28.17
C ILE G 147 -14.64 28.08 29.23
N GLU G 148 -15.90 27.81 28.89
CA GLU G 148 -16.85 27.30 29.87
C GLU G 148 -17.18 25.83 29.66
N ALA G 149 -17.67 25.20 30.72
CA ALA G 149 -18.03 23.79 30.68
C ALA G 149 -19.28 23.56 29.85
N ASP G 150 -19.26 22.52 29.04
CA ASP G 150 -20.41 22.16 28.22
C ASP G 150 -21.13 20.92 28.77
N LYS G 151 -20.70 20.47 29.94
CA LYS G 151 -21.36 19.36 30.63
C LYS G 151 -21.06 19.38 32.12
N SER G 152 -22.06 19.04 32.92
CA SER G 152 -21.91 19.05 34.38
C SER G 152 -21.30 17.74 34.87
N GLY G 153 -20.56 17.81 35.97
CA GLY G 153 -19.91 16.64 36.53
C GLY G 153 -18.73 17.03 37.41
N THR G 154 -17.81 16.09 37.62
CA THR G 154 -16.63 16.34 38.42
C THR G 154 -15.38 16.35 37.56
N VAL G 155 -14.48 17.29 37.84
CA VAL G 155 -13.23 17.38 37.08
C VAL G 155 -12.33 16.20 37.41
N LYS G 156 -12.11 15.34 36.42
CA LYS G 156 -11.20 14.20 36.59
C LYS G 156 -9.76 14.61 36.37
N ALA G 157 -9.50 15.42 35.36
CA ALA G 157 -8.13 15.81 35.05
C ALA G 157 -8.00 17.17 34.39
N ILE G 158 -6.82 17.77 34.53
CA ILE G 158 -6.49 19.01 33.83
C ILE G 158 -5.24 18.78 32.99
N LEU G 159 -5.43 18.76 31.68
CA LEU G 159 -4.43 18.22 30.77
C LEU G 159 -3.34 19.22 30.35
N VAL G 160 -3.50 20.49 30.69
CA VAL G 160 -2.56 21.50 30.24
C VAL G 160 -2.08 22.40 31.38
N GLU G 161 -0.80 22.75 31.33
CA GLU G 161 -0.21 23.65 32.32
C GLU G 161 -0.32 25.10 31.86
N SER G 162 -0.34 26.01 32.82
CA SER G 162 -0.43 27.44 32.51
C SER G 162 0.79 27.89 31.72
N GLY G 163 0.59 28.82 30.80
CA GLY G 163 1.66 29.35 29.99
C GLY G 163 2.00 28.49 28.79
N GLN G 164 1.34 27.35 28.67
CA GLN G 164 1.60 26.43 27.56
C GLN G 164 0.59 26.67 26.45
N PRO G 165 1.05 26.60 25.19
CA PRO G 165 0.19 26.85 24.03
C PRO G 165 -0.79 25.72 23.77
N VAL G 166 -1.95 26.05 23.19
CA VAL G 166 -2.95 25.05 22.85
C VAL G 166 -3.52 25.32 21.47
N GLU G 167 -3.95 24.26 20.79
CA GLU G 167 -4.49 24.37 19.45
C GLU G 167 -5.99 24.08 19.47
N PHE G 168 -6.65 24.30 18.33
CA PHE G 168 -8.07 24.01 18.22
C PHE G 168 -8.36 22.53 18.49
N ASP G 169 -9.44 22.28 19.22
CA ASP G 169 -9.88 20.92 19.54
C ASP G 169 -8.89 20.18 20.44
N GLU G 170 -7.94 20.90 21.02
CA GLU G 170 -6.99 20.28 21.93
C GLU G 170 -7.67 19.99 23.27
N PRO G 171 -7.49 18.77 23.80
CA PRO G 171 -8.04 18.43 25.13
C PRO G 171 -7.52 19.32 26.25
N LEU G 172 -8.42 19.94 27.00
CA LEU G 172 -8.04 20.77 28.15
C LEU G 172 -8.40 20.09 29.44
N VAL G 173 -9.66 19.67 29.54
CA VAL G 173 -10.14 19.10 30.79
C VAL G 173 -10.88 17.79 30.56
N VAL G 174 -10.74 16.87 31.52
CA VAL G 174 -11.49 15.63 31.52
C VAL G 174 -12.48 15.70 32.67
N ILE G 175 -13.73 15.37 32.35
CA ILE G 175 -14.86 15.52 33.25
C ILE G 175 -15.68 14.23 33.33
N GLU G 176 -16.41 14.05 34.41
CA GLU G 176 -17.31 12.91 34.56
C GLU G 176 -18.39 13.22 35.60
N GLY H 100 -3.31 -29.71 -17.27
CA GLY H 100 -2.45 -30.70 -16.64
C GLY H 100 -0.99 -30.30 -16.72
N HIS H 101 -0.15 -31.22 -17.18
CA HIS H 101 1.28 -30.97 -17.31
C HIS H 101 1.59 -30.05 -18.49
N ILE H 102 2.31 -28.97 -18.22
CA ILE H 102 2.64 -28.01 -19.26
C ILE H 102 4.11 -28.06 -19.64
N VAL H 103 4.36 -28.49 -20.88
CA VAL H 103 5.69 -28.37 -21.46
C VAL H 103 5.89 -26.93 -21.91
N ARG H 104 6.80 -26.24 -21.24
CA ARG H 104 7.06 -24.84 -21.54
C ARG H 104 8.29 -24.69 -22.43
N SER H 105 8.41 -23.54 -23.07
CA SER H 105 9.54 -23.28 -23.95
C SER H 105 10.79 -23.00 -23.12
N PRO H 106 11.91 -23.64 -23.48
CA PRO H 106 13.17 -23.37 -22.78
C PRO H 106 13.98 -22.24 -23.43
N MET H 107 13.43 -21.60 -24.46
CA MET H 107 14.14 -20.54 -25.15
C MET H 107 13.22 -19.59 -25.89
N VAL H 108 13.77 -18.44 -26.28
CA VAL H 108 13.05 -17.49 -27.11
C VAL H 108 13.24 -17.84 -28.58
N GLY H 109 12.17 -17.78 -29.36
CA GLY H 109 12.26 -18.09 -30.77
C GLY H 109 10.91 -18.16 -31.45
N THR H 110 10.87 -18.80 -32.62
CA THR H 110 9.64 -18.98 -33.37
C THR H 110 9.20 -20.44 -33.31
N PHE H 111 7.91 -20.65 -33.06
CA PHE H 111 7.35 -21.98 -32.87
C PHE H 111 6.97 -22.62 -34.20
N TYR H 112 7.25 -23.91 -34.33
CA TYR H 112 6.89 -24.66 -35.53
C TYR H 112 6.47 -26.07 -35.19
N ARG H 113 5.48 -26.59 -35.91
CA ARG H 113 4.94 -27.91 -35.63
C ARG H 113 5.70 -28.99 -36.38
N THR H 114 6.39 -28.62 -37.47
CA THR H 114 7.04 -29.59 -38.33
C THR H 114 8.55 -29.37 -38.40
N PRO H 115 9.30 -30.44 -38.69
CA PRO H 115 10.75 -30.38 -38.89
C PRO H 115 11.12 -29.67 -40.19
N SER H 116 10.21 -29.72 -41.16
CA SER H 116 10.42 -29.09 -42.45
C SER H 116 9.09 -28.57 -42.98
N PRO H 117 9.14 -27.53 -43.84
CA PRO H 117 7.91 -26.87 -44.31
C PRO H 117 6.85 -27.81 -44.88
N ASP H 118 7.27 -28.79 -45.69
CA ASP H 118 6.33 -29.67 -46.36
C ASP H 118 6.31 -31.06 -45.74
N ALA H 119 6.75 -31.17 -44.48
CA ALA H 119 6.69 -32.42 -43.76
C ALA H 119 5.51 -32.42 -42.79
N LYS H 120 5.22 -33.58 -42.22
CA LYS H 120 4.12 -33.73 -41.29
C LYS H 120 4.52 -33.27 -39.88
N ALA H 121 3.53 -32.85 -39.10
CA ALA H 121 3.77 -32.41 -37.73
C ALA H 121 4.27 -33.55 -36.85
N PHE H 122 5.17 -33.22 -35.92
CA PHE H 122 5.72 -34.20 -35.00
C PHE H 122 4.60 -34.88 -34.23
N ILE H 123 3.60 -34.08 -33.84
CA ILE H 123 2.52 -34.59 -33.01
C ILE H 123 1.17 -33.95 -33.37
N GLU H 124 0.10 -34.58 -32.93
CA GLU H 124 -1.24 -34.05 -33.09
C GLU H 124 -2.02 -34.32 -31.80
N VAL H 125 -3.10 -33.57 -31.58
CA VAL H 125 -3.90 -33.74 -30.39
C VAL H 125 -4.49 -35.15 -30.33
N GLY H 126 -4.38 -35.78 -29.16
CA GLY H 126 -4.88 -37.13 -28.98
C GLY H 126 -3.79 -38.18 -29.10
N GLN H 127 -2.64 -37.78 -29.62
CA GLN H 127 -1.54 -38.71 -29.84
C GLN H 127 -0.78 -39.02 -28.55
N LYS H 128 -0.32 -40.27 -28.44
CA LYS H 128 0.47 -40.72 -27.30
C LYS H 128 1.93 -40.37 -27.51
N VAL H 129 2.59 -39.92 -26.44
CA VAL H 129 4.01 -39.57 -26.52
C VAL H 129 4.76 -40.08 -25.30
N ASN H 130 6.06 -40.33 -25.49
CA ASN H 130 6.93 -40.75 -24.39
C ASN H 130 7.99 -39.68 -24.13
N VAL H 131 8.64 -39.77 -22.98
CA VAL H 131 9.70 -38.82 -22.64
C VAL H 131 10.81 -38.87 -23.69
N GLY H 132 11.22 -37.70 -24.15
CA GLY H 132 12.28 -37.60 -25.15
C GLY H 132 11.75 -37.36 -26.54
N ASP H 133 10.46 -37.64 -26.75
CA ASP H 133 9.83 -37.47 -28.04
C ASP H 133 9.75 -35.99 -28.42
N THR H 134 10.03 -35.68 -29.68
CA THR H 134 9.94 -34.32 -30.17
C THR H 134 8.49 -33.91 -30.38
N LEU H 135 8.10 -32.81 -29.75
CA LEU H 135 6.74 -32.29 -29.86
C LEU H 135 6.68 -31.12 -30.84
N CYS H 136 7.77 -30.38 -30.92
CA CYS H 136 7.79 -29.17 -31.75
C CYS H 136 9.21 -28.62 -31.89
N ILE H 137 9.32 -27.49 -32.56
CA ILE H 137 10.61 -26.82 -32.76
C ILE H 137 10.50 -25.35 -32.40
N VAL H 138 11.58 -24.82 -31.81
CA VAL H 138 11.70 -23.39 -31.57
C VAL H 138 12.97 -22.87 -32.25
N GLU H 139 12.79 -22.19 -33.38
CA GLU H 139 13.91 -21.63 -34.13
C GLU H 139 14.44 -20.33 -33.52
N ALA H 140 15.73 -20.31 -33.22
CA ALA H 140 16.38 -19.08 -32.77
C ALA H 140 17.66 -18.88 -33.58
N MET H 141 17.69 -17.78 -34.33
CA MET H 141 18.85 -17.45 -35.18
C MET H 141 19.18 -18.61 -36.11
N LYS H 142 18.16 -19.08 -36.82
CA LYS H 142 18.30 -20.11 -37.86
C LYS H 142 18.55 -21.53 -37.34
N MET H 143 18.78 -21.69 -36.04
CA MET H 143 18.91 -23.01 -35.45
C MET H 143 17.53 -23.55 -35.07
N MET H 144 17.23 -24.75 -35.52
CA MET H 144 15.93 -25.36 -35.28
C MET H 144 15.97 -26.29 -34.08
N ASN H 145 15.79 -25.73 -32.90
CA ASN H 145 15.89 -26.48 -31.65
C ASN H 145 14.65 -27.36 -31.43
N GLN H 146 14.88 -28.64 -31.16
CA GLN H 146 13.79 -29.58 -30.94
C GLN H 146 13.39 -29.63 -29.47
N ILE H 147 12.14 -29.28 -29.20
CA ILE H 147 11.60 -29.32 -27.85
C ILE H 147 11.02 -30.70 -27.59
N GLU H 148 11.50 -31.38 -26.55
CA GLU H 148 11.04 -32.74 -26.26
C GLU H 148 10.13 -32.80 -25.04
N ALA H 149 9.34 -33.88 -24.99
CA ALA H 149 8.43 -34.10 -23.88
C ALA H 149 9.21 -34.48 -22.63
N ASP H 150 8.84 -33.90 -21.50
CA ASP H 150 9.48 -34.19 -20.23
C ASP H 150 8.59 -35.07 -19.35
N LYS H 151 7.46 -35.51 -19.91
CA LYS H 151 6.54 -36.42 -19.22
C LYS H 151 5.72 -37.18 -20.24
N SER H 152 5.45 -38.46 -19.95
CA SER H 152 4.69 -39.31 -20.87
C SER H 152 3.19 -39.16 -20.67
N GLY H 153 2.44 -39.31 -21.76
CA GLY H 153 0.99 -39.18 -21.71
C GLY H 153 0.42 -38.87 -23.07
N THR H 154 -0.80 -38.33 -23.08
CA THR H 154 -1.46 -37.95 -24.33
C THR H 154 -1.67 -36.43 -24.40
N VAL H 155 -1.52 -35.86 -25.60
CA VAL H 155 -1.67 -34.43 -25.79
C VAL H 155 -3.10 -33.93 -25.60
N LYS H 156 -3.28 -33.06 -24.61
CA LYS H 156 -4.57 -32.42 -24.38
C LYS H 156 -4.74 -31.28 -25.38
N ALA H 157 -3.69 -30.47 -25.51
CA ALA H 157 -3.76 -29.29 -26.37
C ALA H 157 -2.39 -28.86 -26.88
N ILE H 158 -2.39 -28.12 -27.98
CA ILE H 158 -1.19 -27.48 -28.50
C ILE H 158 -1.48 -25.98 -28.51
N LEU H 159 -0.82 -25.27 -27.61
CA LEU H 159 -1.22 -23.92 -27.23
C LEU H 159 -0.70 -22.82 -28.14
N VAL H 160 0.18 -23.16 -29.07
CA VAL H 160 0.78 -22.17 -29.94
C VAL H 160 0.69 -22.58 -31.41
N GLU H 161 0.46 -21.60 -32.28
CA GLU H 161 0.37 -21.85 -33.72
C GLU H 161 1.74 -21.74 -34.36
N SER H 162 1.93 -22.44 -35.48
CA SER H 162 3.19 -22.41 -36.20
C SER H 162 3.49 -21.00 -36.72
N GLY H 163 4.77 -20.64 -36.71
CA GLY H 163 5.19 -19.34 -37.18
C GLY H 163 5.04 -18.23 -36.15
N GLN H 164 4.48 -18.58 -34.98
CA GLN H 164 4.27 -17.60 -33.92
C GLN H 164 5.42 -17.61 -32.93
N PRO H 165 5.81 -16.43 -32.44
CA PRO H 165 6.94 -16.31 -31.51
C PRO H 165 6.63 -16.81 -30.11
N VAL H 166 7.65 -17.29 -29.41
CA VAL H 166 7.49 -17.75 -28.03
C VAL H 166 8.64 -17.25 -27.16
N GLU H 167 8.36 -17.07 -25.88
CA GLU H 167 9.35 -16.61 -24.93
C GLU H 167 9.73 -17.72 -23.96
N PHE H 168 10.73 -17.47 -23.13
CA PHE H 168 11.16 -18.45 -22.15
C PHE H 168 10.00 -18.81 -21.24
N ASP H 169 9.87 -20.10 -20.93
CA ASP H 169 8.83 -20.61 -20.03
C ASP H 169 7.41 -20.46 -20.57
N GLU H 170 7.25 -20.17 -21.85
CA GLU H 170 5.91 -20.06 -22.42
C GLU H 170 5.28 -21.43 -22.62
N PRO H 171 4.03 -21.61 -22.17
CA PRO H 171 3.33 -22.88 -22.38
C PRO H 171 3.19 -23.23 -23.86
N LEU H 172 3.66 -24.42 -24.23
CA LEU H 172 3.59 -24.86 -25.62
C LEU H 172 2.58 -25.99 -25.81
N VAL H 173 2.74 -27.05 -25.03
CA VAL H 173 1.90 -28.23 -25.16
C VAL H 173 1.46 -28.72 -23.78
N VAL H 174 0.24 -29.27 -23.72
CA VAL H 174 -0.24 -29.88 -22.49
C VAL H 174 -0.42 -31.38 -22.66
N ILE H 175 -0.01 -32.15 -21.66
CA ILE H 175 -0.12 -33.61 -21.72
C ILE H 175 -0.96 -34.09 -20.55
N GLU H 176 -1.76 -35.12 -20.80
CA GLU H 176 -2.77 -35.55 -19.85
C GLU H 176 -2.38 -36.87 -19.18
S SO4 I . 22.97 -12.71 -10.32
O1 SO4 I . 24.34 -12.26 -10.56
O2 SO4 I . 22.07 -12.14 -11.32
O3 SO4 I . 22.55 -12.29 -8.98
O4 SO4 I . 22.90 -14.18 -10.40
S SO4 J . 29.69 3.16 -13.76
O1 SO4 J . 28.58 3.42 -14.67
O2 SO4 J . 30.96 3.30 -14.47
O3 SO4 J . 29.66 4.12 -12.66
O4 SO4 J . 29.58 1.81 -13.23
S SO4 K . 31.92 26.48 -19.41
O1 SO4 K . 31.40 25.31 -20.13
O2 SO4 K . 32.35 27.49 -20.37
O3 SO4 K . 30.87 27.02 -18.56
O4 SO4 K . 33.05 26.06 -18.58
S SO4 L . 11.29 -16.49 -10.68
O1 SO4 L . 10.20 -15.59 -11.08
O2 SO4 L . 12.42 -16.28 -11.57
O3 SO4 L . 11.69 -16.19 -9.31
O4 SO4 L . 10.83 -17.87 -10.78
S SO4 M . 15.68 -4.16 -8.38
O1 SO4 M . 14.51 -4.53 -9.17
O2 SO4 M . 16.51 -3.25 -9.14
O3 SO4 M . 15.24 -3.52 -7.15
O4 SO4 M . 16.46 -5.35 -8.06
S SO4 N . -14.86 24.80 1.90
O1 SO4 N . -15.06 23.75 0.91
O2 SO4 N . -14.80 26.10 1.22
O3 SO4 N . -15.98 24.80 2.84
O4 SO4 N . -13.62 24.56 2.63
S SO4 O . -3.94 31.57 -9.83
O1 SO4 O . -4.05 30.77 -11.06
O2 SO4 O . -4.14 32.97 -10.16
O3 SO4 O . -2.62 31.38 -9.23
O4 SO4 O . -4.96 31.12 -8.88
C1 EDO P . -2.13 26.72 -22.13
O1 EDO P . -3.21 27.52 -21.63
C2 EDO P . -1.91 27.01 -23.61
O2 EDO P . -3.16 26.84 -24.31
S SO4 Q . 2.89 -24.77 -13.86
O1 SO4 Q . 2.19 -23.50 -13.80
O2 SO4 Q . 3.80 -24.77 -15.00
O3 SO4 Q . 1.92 -25.86 -14.01
O4 SO4 Q . 3.67 -24.96 -12.63
S SO4 R . -10.40 -31.74 -4.65
O1 SO4 R . -11.69 -31.06 -4.69
O2 SO4 R . -9.51 -31.15 -5.65
O3 SO4 R . -10.60 -33.16 -4.94
O4 SO4 R . -9.80 -31.58 -3.33
S SO4 S . -0.93 -17.63 -5.77
O1 SO4 S . -1.28 -18.51 -6.88
O2 SO4 S . -0.16 -16.50 -6.27
O3 SO4 S . -2.15 -17.13 -5.14
O4 SO4 S . -0.14 -18.36 -4.79
S SO4 T . -14.21 12.79 21.90
O1 SO4 T . -14.79 12.23 20.69
O2 SO4 T . -14.45 14.23 21.93
O3 SO4 T . -14.82 12.16 23.07
O4 SO4 T . -12.77 12.53 21.92
S SO4 U . -17.51 -2.88 28.51
O1 SO4 U . -18.45 -3.29 27.48
O2 SO4 U . -16.83 -1.66 28.09
O3 SO4 U . -18.22 -2.63 29.77
O4 SO4 U . -16.52 -3.93 28.73
#